data_2LJM
#
_entry.id   2LJM
#
_entity_poly.entity_id   1
_entity_poly.type   'polypeptide(L)'
_entity_poly.pdbx_seq_one_letter_code
;MRGSHHHHHHGSIEGRKEGYLVSKSTGCKYECLKLGDNDYCLRECKQQYGKSSGGYCYAFACWCTHLYEQAVVWPLPNKT
CN
;
_entity_poly.pdbx_strand_id   A
#
# COMPACT_ATOMS: atom_id res chain seq x y z
N MET A 1 11.42 23.60 -26.37
CA MET A 1 10.66 22.42 -26.77
C MET A 1 11.48 21.16 -26.59
N ARG A 2 12.24 21.11 -25.49
CA ARG A 2 13.08 19.95 -25.20
C ARG A 2 13.15 19.69 -23.69
N GLY A 3 13.54 18.48 -23.32
CA GLY A 3 13.65 18.13 -21.92
C GLY A 3 12.92 16.85 -21.58
N SER A 4 12.04 16.91 -20.59
CA SER A 4 11.28 15.73 -20.17
C SER A 4 12.22 14.57 -19.86
N HIS A 5 13.43 14.88 -19.44
CA HIS A 5 14.42 13.86 -19.11
C HIS A 5 14.60 13.74 -17.59
N HIS A 6 13.78 12.89 -16.98
CA HIS A 6 13.85 12.68 -15.54
C HIS A 6 13.62 11.21 -15.20
N HIS A 7 13.57 10.92 -13.90
CA HIS A 7 13.36 9.55 -13.43
C HIS A 7 12.78 9.53 -12.02
N HIS A 8 11.95 8.54 -11.74
CA HIS A 8 11.33 8.42 -10.42
C HIS A 8 11.53 7.01 -9.86
N HIS A 9 12.79 6.60 -9.76
CA HIS A 9 13.13 5.28 -9.23
C HIS A 9 14.31 5.36 -8.27
N HIS A 10 14.11 4.87 -7.06
CA HIS A 10 15.15 4.89 -6.04
C HIS A 10 15.37 3.48 -5.46
N GLY A 11 16.42 2.82 -5.93
CA GLY A 11 16.71 1.48 -5.44
C GLY A 11 16.45 0.41 -6.49
N SER A 12 17.22 -0.67 -6.44
CA SER A 12 17.07 -1.76 -7.40
C SER A 12 16.30 -2.92 -6.77
N ILE A 13 15.41 -2.61 -5.84
CA ILE A 13 14.61 -3.62 -5.17
C ILE A 13 13.32 -3.91 -5.94
N GLU A 14 13.47 -4.54 -7.10
CA GLU A 14 12.32 -4.88 -7.93
C GLU A 14 11.36 -5.80 -7.17
N GLY A 15 10.06 -5.53 -7.32
CA GLY A 15 9.06 -6.35 -6.64
C GLY A 15 7.67 -6.15 -7.21
N ARG A 16 7.30 -4.89 -7.42
CA ARG A 16 5.99 -4.56 -7.96
C ARG A 16 4.92 -5.50 -7.40
N LYS A 17 5.00 -5.78 -6.10
CA LYS A 17 4.06 -6.66 -5.45
C LYS A 17 3.03 -5.86 -4.64
N GLU A 18 1.88 -6.46 -4.39
CA GLU A 18 0.82 -5.81 -3.64
C GLU A 18 1.32 -5.38 -2.27
N GLY A 19 0.45 -4.75 -1.49
CA GLY A 19 0.81 -4.29 -0.16
C GLY A 19 -0.22 -3.37 0.45
N TYR A 20 -0.22 -3.28 1.78
CA TYR A 20 -1.17 -2.44 2.48
C TYR A 20 -1.04 -0.98 2.05
N LEU A 21 -2.05 -0.18 2.36
CA LEU A 21 -2.05 1.24 2.01
C LEU A 21 -1.58 2.09 3.18
N VAL A 22 -0.95 1.45 4.16
CA VAL A 22 -0.45 2.14 5.34
C VAL A 22 0.55 3.23 4.96
N SER A 23 0.41 4.40 5.55
CA SER A 23 1.30 5.52 5.27
C SER A 23 2.28 5.74 6.42
N LYS A 24 3.10 6.77 6.29
CA LYS A 24 4.09 7.09 7.32
C LYS A 24 3.54 8.16 8.27
N SER A 25 2.58 8.94 7.79
CA SER A 25 1.98 10.00 8.59
C SER A 25 1.51 9.46 9.94
N THR A 26 0.41 8.72 9.91
CA THR A 26 -0.15 8.14 11.13
C THR A 26 0.61 6.88 11.54
N GLY A 27 0.38 5.79 10.80
CA GLY A 27 1.04 4.54 11.11
C GLY A 27 0.09 3.50 11.65
N CYS A 28 -0.88 3.10 10.83
CA CYS A 28 -1.86 2.10 11.23
C CYS A 28 -2.84 1.79 10.10
N LYS A 29 -3.67 0.79 10.29
CA LYS A 29 -4.65 0.39 9.29
C LYS A 29 -5.72 -0.52 9.89
N TYR A 30 -6.96 -0.05 9.89
CA TYR A 30 -8.07 -0.82 10.43
C TYR A 30 -8.86 -1.49 9.32
N GLU A 31 -9.09 -2.79 9.46
CA GLU A 31 -9.85 -3.54 8.46
C GLU A 31 -11.26 -2.97 8.29
N CYS A 32 -11.66 -2.79 7.03
CA CYS A 32 -12.98 -2.24 6.73
C CYS A 32 -14.07 -3.04 7.43
N LEU A 33 -15.30 -2.53 7.37
CA LEU A 33 -16.44 -3.18 8.00
C LEU A 33 -16.78 -4.49 7.28
N LYS A 34 -17.39 -4.36 6.11
CA LYS A 34 -17.77 -5.52 5.32
C LYS A 34 -16.63 -5.95 4.39
N LEU A 35 -16.73 -7.15 3.84
CA LEU A 35 -15.72 -7.68 2.94
C LEU A 35 -16.12 -7.44 1.48
N GLY A 36 -15.92 -6.22 1.00
CA GLY A 36 -16.26 -5.90 -0.37
C GLY A 36 -17.55 -5.11 -0.47
N ASP A 37 -17.76 -4.19 0.46
CA ASP A 37 -18.96 -3.36 0.47
C ASP A 37 -18.61 -1.88 0.59
N ASN A 38 -17.41 -1.54 0.13
CA ASN A 38 -16.95 -0.15 0.18
C ASN A 38 -15.77 0.07 -0.76
N ASP A 39 -15.43 1.34 -1.00
CA ASP A 39 -14.33 1.69 -1.88
C ASP A 39 -13.27 2.49 -1.13
N TYR A 40 -13.20 2.30 0.19
CA TYR A 40 -12.24 3.00 1.01
C TYR A 40 -10.82 2.52 0.72
N CYS A 41 -10.70 1.29 0.24
CA CYS A 41 -9.40 0.71 -0.08
C CYS A 41 -8.87 1.25 -1.40
N LEU A 42 -9.78 1.61 -2.29
CA LEU A 42 -9.41 2.15 -3.59
C LEU A 42 -9.14 3.65 -3.51
N ARG A 43 -10.11 4.38 -2.95
CA ARG A 43 -9.98 5.84 -2.81
C ARG A 43 -8.69 6.19 -2.09
N GLU A 44 -8.24 5.31 -1.20
CA GLU A 44 -7.02 5.54 -0.44
C GLU A 44 -5.79 5.23 -1.28
N CYS A 45 -5.94 4.32 -2.24
CA CYS A 45 -4.85 3.94 -3.11
C CYS A 45 -4.99 4.59 -4.49
N LYS A 46 -5.67 5.72 -4.53
CA LYS A 46 -5.88 6.45 -5.78
C LYS A 46 -4.94 7.64 -5.87
N GLN A 47 -5.07 8.57 -4.93
CA GLN A 47 -4.23 9.77 -4.92
C GLN A 47 -2.89 9.47 -4.28
N GLN A 48 -2.89 8.62 -3.27
CA GLN A 48 -1.66 8.25 -2.57
C GLN A 48 -0.61 7.75 -3.54
N TYR A 49 -0.85 6.55 -4.09
CA TYR A 49 0.08 5.95 -5.04
C TYR A 49 -0.25 6.37 -6.47
N GLY A 50 -1.37 5.88 -6.98
CA GLY A 50 -1.78 6.21 -8.33
C GLY A 50 -3.17 5.69 -8.66
N LYS A 51 -3.63 5.97 -9.88
CA LYS A 51 -4.94 5.52 -10.31
C LYS A 51 -4.93 4.04 -10.66
N SER A 52 -3.92 3.62 -11.43
CA SER A 52 -3.80 2.23 -11.84
C SER A 52 -3.81 1.30 -10.62
N SER A 53 -3.34 1.82 -9.50
CA SER A 53 -3.29 1.05 -8.27
C SER A 53 -4.69 0.90 -7.66
N GLY A 54 -5.13 -0.34 -7.53
CA GLY A 54 -6.45 -0.61 -6.97
C GLY A 54 -6.38 -1.26 -5.60
N GLY A 55 -7.46 -1.92 -5.20
CA GLY A 55 -7.49 -2.59 -3.92
C GLY A 55 -8.90 -2.94 -3.49
N TYR A 56 -9.03 -4.05 -2.76
CA TYR A 56 -10.34 -4.51 -2.30
C TYR A 56 -10.30 -4.78 -0.79
N CYS A 57 -11.45 -5.18 -0.25
CA CYS A 57 -11.56 -5.48 1.17
C CYS A 57 -11.20 -6.93 1.46
N TYR A 58 -9.90 -7.24 1.40
CA TYR A 58 -9.43 -8.60 1.65
C TYR A 58 -9.87 -9.09 3.02
N ALA A 59 -9.66 -10.37 3.27
CA ALA A 59 -10.02 -10.97 4.56
C ALA A 59 -9.45 -10.17 5.72
N PHE A 60 -8.12 -10.04 5.74
CA PHE A 60 -7.44 -9.30 6.80
C PHE A 60 -7.89 -7.84 6.82
N ALA A 61 -7.41 -7.07 5.86
CA ALA A 61 -7.77 -5.65 5.76
C ALA A 61 -7.68 -5.16 4.32
N CYS A 62 -7.77 -3.84 4.15
CA CYS A 62 -7.70 -3.25 2.82
C CYS A 62 -6.42 -3.65 2.11
N TRP A 63 -6.53 -4.61 1.20
CA TRP A 63 -5.38 -5.10 0.45
C TRP A 63 -5.31 -4.43 -0.91
N CYS A 64 -4.35 -3.53 -1.08
CA CYS A 64 -4.17 -2.82 -2.35
C CYS A 64 -3.22 -3.58 -3.27
N THR A 65 -3.47 -3.48 -4.57
CA THR A 65 -2.64 -4.17 -5.56
C THR A 65 -2.02 -3.16 -6.53
N HIS A 66 -1.04 -3.63 -7.31
CA HIS A 66 -0.37 -2.78 -8.28
C HIS A 66 0.27 -1.57 -7.60
N LEU A 67 1.09 -1.84 -6.58
CA LEU A 67 1.76 -0.78 -5.85
C LEU A 67 3.22 -0.64 -6.29
N TYR A 68 3.75 0.56 -6.19
CA TYR A 68 5.14 0.82 -6.58
C TYR A 68 6.10 0.37 -5.50
N GLU A 69 7.39 0.66 -5.69
CA GLU A 69 8.41 0.27 -4.72
C GLU A 69 8.40 1.21 -3.52
N GLN A 70 7.92 2.43 -3.73
CA GLN A 70 7.84 3.42 -2.66
C GLN A 70 6.74 3.07 -1.66
N ALA A 71 5.73 2.34 -2.14
CA ALA A 71 4.62 1.95 -1.29
C ALA A 71 5.11 1.27 -0.02
N VAL A 72 4.55 1.67 1.12
CA VAL A 72 4.94 1.09 2.41
C VAL A 72 3.78 0.32 3.03
N VAL A 73 4.09 -0.83 3.61
CA VAL A 73 3.08 -1.67 4.25
C VAL A 73 3.33 -1.81 5.74
N TRP A 74 2.44 -2.50 6.43
CA TRP A 74 2.58 -2.70 7.86
C TRP A 74 2.90 -4.15 8.19
N PRO A 75 4.20 -4.46 8.26
CA PRO A 75 4.69 -5.81 8.56
C PRO A 75 4.40 -6.22 10.00
N LEU A 76 3.18 -6.66 10.26
CA LEU A 76 2.78 -7.09 11.59
C LEU A 76 1.68 -8.15 11.52
N PRO A 77 1.52 -8.91 12.61
CA PRO A 77 0.52 -9.97 12.71
C PRO A 77 -0.91 -9.41 12.76
N ASN A 78 -1.86 -10.26 13.14
CA ASN A 78 -3.25 -9.85 13.24
C ASN A 78 -3.52 -9.12 14.56
N LYS A 79 -2.72 -8.09 14.82
CA LYS A 79 -2.87 -7.31 16.04
C LYS A 79 -2.89 -5.81 15.74
N THR A 80 -2.93 -5.00 16.78
CA THR A 80 -2.95 -3.54 16.62
C THR A 80 -1.56 -3.01 16.32
N CYS A 81 -1.48 -2.06 15.39
CA CYS A 81 -0.20 -1.46 15.02
C CYS A 81 0.53 -0.92 16.25
N ASN A 82 1.85 -1.04 16.25
CA ASN A 82 2.66 -0.57 17.36
C ASN A 82 2.51 0.93 17.54
N MET A 1 21.64 2.99 -21.08
CA MET A 1 22.26 4.00 -21.91
C MET A 1 23.64 4.37 -21.38
N ARG A 2 24.35 5.23 -22.12
CA ARG A 2 25.67 5.67 -21.72
C ARG A 2 25.78 7.19 -21.74
N GLY A 3 26.48 7.75 -20.76
CA GLY A 3 26.64 9.18 -20.68
C GLY A 3 25.42 9.87 -20.11
N SER A 4 25.05 9.51 -18.88
CA SER A 4 23.88 10.10 -18.24
C SER A 4 24.21 10.54 -16.81
N HIS A 5 23.55 11.59 -16.35
CA HIS A 5 23.77 12.11 -15.00
C HIS A 5 22.79 11.50 -14.02
N HIS A 6 21.49 11.62 -14.33
CA HIS A 6 20.44 11.08 -13.46
C HIS A 6 20.55 9.57 -13.37
N HIS A 7 19.95 9.00 -12.32
CA HIS A 7 19.98 7.57 -12.11
C HIS A 7 18.57 7.02 -11.92
N HIS A 8 18.28 5.90 -12.57
CA HIS A 8 16.97 5.28 -12.47
C HIS A 8 17.04 3.97 -11.69
N HIS A 9 18.03 3.87 -10.79
CA HIS A 9 18.21 2.67 -9.98
C HIS A 9 19.24 2.91 -8.88
N HIS A 10 18.98 2.33 -7.71
CA HIS A 10 19.89 2.48 -6.57
C HIS A 10 20.26 1.13 -5.98
N GLY A 11 21.03 0.35 -6.74
CA GLY A 11 21.44 -0.96 -6.27
C GLY A 11 20.30 -1.97 -6.30
N SER A 12 20.10 -2.67 -5.19
CA SER A 12 19.05 -3.67 -5.10
C SER A 12 18.05 -3.32 -4.00
N ILE A 13 16.80 -3.11 -4.37
CA ILE A 13 15.76 -2.77 -3.41
C ILE A 13 14.74 -3.90 -3.28
N GLU A 14 14.42 -4.27 -2.04
CA GLU A 14 13.46 -5.34 -1.78
C GLU A 14 12.06 -4.77 -1.63
N GLY A 15 11.06 -5.52 -2.08
CA GLY A 15 9.68 -5.08 -1.98
C GLY A 15 9.09 -4.73 -3.33
N ARG A 16 8.99 -5.73 -4.21
CA ARG A 16 8.44 -5.52 -5.54
C ARG A 16 7.08 -6.22 -5.68
N LYS A 17 6.31 -6.22 -4.60
CA LYS A 17 5.00 -6.85 -4.60
C LYS A 17 3.95 -5.94 -3.96
N GLU A 18 2.71 -6.41 -3.91
CA GLU A 18 1.62 -5.63 -3.32
C GLU A 18 1.93 -5.29 -1.87
N GLY A 19 0.98 -4.61 -1.23
CA GLY A 19 1.17 -4.23 0.16
C GLY A 19 -0.06 -3.54 0.74
N TYR A 20 0.16 -2.72 1.76
CA TYR A 20 -0.93 -2.00 2.41
C TYR A 20 -0.94 -0.53 2.01
N LEU A 21 -1.95 0.20 2.46
CA LEU A 21 -2.07 1.62 2.14
C LEU A 21 -1.58 2.48 3.31
N VAL A 22 -0.88 1.85 4.24
CA VAL A 22 -0.34 2.56 5.39
C VAL A 22 0.49 3.76 4.97
N SER A 23 0.13 4.94 5.48
CA SER A 23 0.86 6.15 5.15
C SER A 23 1.94 6.44 6.19
N LYS A 24 2.58 7.60 6.04
CA LYS A 24 3.64 8.00 6.96
C LYS A 24 3.10 8.93 8.05
N SER A 25 2.00 9.61 7.75
CA SER A 25 1.39 10.53 8.70
C SER A 25 1.14 9.83 10.03
N THR A 26 0.12 8.97 10.07
CA THR A 26 -0.22 8.25 11.28
C THR A 26 0.47 6.90 11.33
N GLY A 27 0.00 5.95 10.52
CA GLY A 27 0.59 4.62 10.49
C GLY A 27 -0.22 3.61 11.27
N CYS A 28 -1.39 3.25 10.74
CA CYS A 28 -2.25 2.28 11.39
C CYS A 28 -3.39 1.85 10.46
N LYS A 29 -3.74 0.57 10.53
CA LYS A 29 -4.81 0.04 9.69
C LYS A 29 -5.67 -0.94 10.48
N TYR A 30 -6.70 -1.47 9.83
CA TYR A 30 -7.61 -2.41 10.47
C TYR A 30 -8.63 -2.96 9.47
N GLU A 31 -9.09 -4.19 9.71
CA GLU A 31 -10.07 -4.82 8.82
C GLU A 31 -11.27 -3.91 8.60
N CYS A 32 -11.62 -3.69 7.33
CA CYS A 32 -12.74 -2.85 6.98
C CYS A 32 -14.05 -3.45 7.48
N LEU A 33 -15.16 -2.78 7.17
CA LEU A 33 -16.48 -3.24 7.58
C LEU A 33 -16.92 -4.43 6.74
N LYS A 34 -17.32 -4.15 5.49
CA LYS A 34 -17.77 -5.20 4.58
C LYS A 34 -16.64 -5.63 3.66
N LEU A 35 -16.74 -6.85 3.14
CA LEU A 35 -15.73 -7.38 2.23
C LEU A 35 -16.14 -7.20 0.78
N GLY A 36 -16.02 -5.98 0.29
CA GLY A 36 -16.38 -5.68 -1.10
C GLY A 36 -17.34 -4.52 -1.21
N ASP A 37 -18.01 -4.20 -0.10
CA ASP A 37 -18.97 -3.09 -0.08
C ASP A 37 -18.37 -1.87 0.61
N ASN A 38 -17.13 -1.53 0.26
CA ASN A 38 -16.45 -0.40 0.85
C ASN A 38 -15.40 0.17 -0.10
N ASP A 39 -15.31 1.49 -0.16
CA ASP A 39 -14.34 2.15 -1.02
C ASP A 39 -13.34 2.96 -0.21
N TYR A 40 -13.13 2.54 1.03
CA TYR A 40 -12.19 3.22 1.92
C TYR A 40 -10.75 2.78 1.65
N CYS A 41 -10.61 1.58 1.10
CA CYS A 41 -9.28 1.05 0.79
C CYS A 41 -8.77 1.60 -0.54
N LEU A 42 -9.69 1.98 -1.42
CA LEU A 42 -9.33 2.53 -2.71
C LEU A 42 -9.13 4.04 -2.63
N ARG A 43 -10.04 4.72 -1.94
CA ARG A 43 -9.96 6.16 -1.78
C ARG A 43 -8.58 6.58 -1.27
N GLU A 44 -7.95 5.70 -0.49
CA GLU A 44 -6.64 5.97 0.07
C GLU A 44 -5.55 5.64 -0.93
N CYS A 45 -5.79 4.63 -1.76
CA CYS A 45 -4.82 4.22 -2.77
C CYS A 45 -5.14 4.86 -4.12
N LYS A 46 -5.82 6.00 -4.08
CA LYS A 46 -6.18 6.72 -5.30
C LYS A 46 -5.58 8.12 -5.29
N GLN A 47 -4.51 8.31 -4.52
CA GLN A 47 -3.85 9.61 -4.43
C GLN A 47 -2.66 9.68 -5.37
N GLN A 48 -1.59 8.97 -5.02
CA GLN A 48 -0.38 8.94 -5.83
C GLN A 48 -0.11 7.55 -6.37
N TYR A 49 -0.59 6.54 -5.66
CA TYR A 49 -0.40 5.15 -6.06
C TYR A 49 -1.67 4.59 -6.71
N GLY A 50 -2.46 5.48 -7.31
CA GLY A 50 -3.68 5.06 -7.96
C GLY A 50 -3.61 5.18 -9.47
N LYS A 51 -2.40 5.09 -10.01
CA LYS A 51 -2.20 5.20 -11.46
C LYS A 51 -2.88 4.04 -12.18
N SER A 52 -2.29 2.85 -12.10
CA SER A 52 -2.83 1.67 -12.75
C SER A 52 -3.07 0.56 -11.74
N SER A 53 -3.38 0.94 -10.49
CA SER A 53 -3.62 -0.03 -9.44
C SER A 53 -5.08 0.01 -8.99
N GLY A 54 -5.40 -0.77 -7.97
CA GLY A 54 -6.77 -0.82 -7.47
C GLY A 54 -6.92 -1.78 -6.30
N GLY A 55 -6.93 -1.24 -5.09
CA GLY A 55 -7.07 -2.07 -3.91
C GLY A 55 -8.53 -2.33 -3.56
N TYR A 56 -8.76 -3.28 -2.66
CA TYR A 56 -10.11 -3.63 -2.24
C TYR A 56 -10.12 -4.17 -0.82
N CYS A 57 -11.29 -4.56 -0.34
CA CYS A 57 -11.44 -5.10 1.01
C CYS A 57 -11.10 -6.58 1.04
N TYR A 58 -9.83 -6.87 1.31
CA TYR A 58 -9.37 -8.26 1.37
C TYR A 58 -9.86 -8.95 2.64
N ALA A 59 -9.72 -10.27 2.69
CA ALA A 59 -10.14 -11.04 3.85
C ALA A 59 -9.56 -10.46 5.14
N PHE A 60 -8.24 -10.26 5.14
CA PHE A 60 -7.56 -9.73 6.31
C PHE A 60 -7.98 -8.27 6.56
N ALA A 61 -7.48 -7.37 5.73
CA ALA A 61 -7.80 -5.96 5.87
C ALA A 61 -7.65 -5.23 4.53
N CYS A 62 -7.71 -3.90 4.57
CA CYS A 62 -7.57 -3.09 3.37
C CYS A 62 -6.30 -3.44 2.62
N TRP A 63 -6.43 -4.20 1.54
CA TRP A 63 -5.29 -4.60 0.73
C TRP A 63 -5.25 -3.83 -0.58
N CYS A 64 -4.06 -3.36 -0.94
CA CYS A 64 -3.88 -2.59 -2.17
C CYS A 64 -2.98 -3.35 -3.15
N THR A 65 -3.60 -3.91 -4.19
CA THR A 65 -2.86 -4.66 -5.20
C THR A 65 -2.31 -3.73 -6.28
N HIS A 66 -1.43 -4.27 -7.13
CA HIS A 66 -0.84 -3.48 -8.20
C HIS A 66 -0.12 -2.26 -7.65
N LEU A 67 0.32 -2.35 -6.40
CA LEU A 67 1.01 -1.24 -5.75
C LEU A 67 2.47 -1.18 -6.20
N TYR A 68 2.97 0.03 -6.43
CA TYR A 68 4.34 0.22 -6.86
C TYR A 68 5.32 -0.40 -5.87
N GLU A 69 6.60 -0.30 -6.18
CA GLU A 69 7.64 -0.85 -5.31
C GLU A 69 8.25 0.23 -4.43
N GLN A 70 7.54 1.35 -4.29
CA GLN A 70 8.02 2.46 -3.48
C GLN A 70 7.14 2.64 -2.25
N ALA A 71 5.85 2.36 -2.40
CA ALA A 71 4.89 2.51 -1.30
C ALA A 71 5.37 1.74 -0.07
N VAL A 72 4.85 2.10 1.09
CA VAL A 72 5.21 1.45 2.34
C VAL A 72 4.11 0.52 2.83
N VAL A 73 4.50 -0.58 3.45
CA VAL A 73 3.55 -1.56 3.96
C VAL A 73 3.55 -1.57 5.49
N TRP A 74 2.74 -2.46 6.07
CA TRP A 74 2.64 -2.58 7.52
C TRP A 74 3.08 -3.96 7.98
N PRO A 75 4.39 -4.10 8.27
CA PRO A 75 4.96 -5.37 8.72
C PRO A 75 4.52 -5.74 10.14
N LEU A 76 3.37 -6.40 10.22
CA LEU A 76 2.83 -6.81 11.52
C LEU A 76 2.84 -8.33 11.66
N PRO A 77 4.03 -8.89 11.90
CA PRO A 77 4.21 -10.34 12.06
C PRO A 77 3.59 -10.86 13.35
N ASN A 78 2.43 -11.49 13.23
CA ASN A 78 1.73 -12.03 14.40
C ASN A 78 1.30 -10.93 15.35
N LYS A 79 0.86 -9.81 14.78
CA LYS A 79 0.43 -8.67 15.57
C LYS A 79 -0.35 -7.67 14.72
N THR A 80 -0.76 -6.56 15.33
CA THR A 80 -1.50 -5.52 14.62
C THR A 80 -1.32 -4.17 15.29
N CYS A 81 -1.27 -3.12 14.47
CA CYS A 81 -1.09 -1.76 14.97
C CYS A 81 -2.12 -1.45 16.05
N ASN A 82 -3.40 -1.55 15.69
CA ASN A 82 -4.48 -1.28 16.63
C ASN A 82 -4.36 -2.16 17.86
N MET A 1 4.50 -9.25 -43.30
CA MET A 1 5.06 -10.55 -43.64
C MET A 1 6.57 -10.56 -43.43
N ARG A 2 7.21 -9.42 -43.66
CA ARG A 2 8.65 -9.31 -43.49
C ARG A 2 9.01 -9.06 -42.01
N GLY A 3 8.53 -7.94 -41.48
CA GLY A 3 8.81 -7.61 -40.09
C GLY A 3 10.25 -7.23 -39.87
N SER A 4 10.51 -5.92 -39.78
CA SER A 4 11.86 -5.41 -39.57
C SER A 4 11.82 -3.94 -39.17
N HIS A 5 12.31 -3.65 -37.96
CA HIS A 5 12.34 -2.28 -37.46
C HIS A 5 13.46 -2.10 -36.44
N HIS A 6 13.99 -0.88 -36.36
CA HIS A 6 15.07 -0.58 -35.42
C HIS A 6 14.55 0.28 -34.27
N HIS A 7 14.35 -0.34 -33.12
CA HIS A 7 13.86 0.36 -31.93
C HIS A 7 14.25 -0.37 -30.65
N HIS A 8 14.85 0.36 -29.72
CA HIS A 8 15.27 -0.22 -28.45
C HIS A 8 14.83 0.64 -27.28
N HIS A 9 14.32 -0.01 -26.23
CA HIS A 9 13.85 0.69 -25.04
C HIS A 9 14.22 -0.06 -23.77
N HIS A 10 15.19 0.47 -23.04
CA HIS A 10 15.64 -0.15 -21.80
C HIS A 10 14.78 0.28 -20.62
N GLY A 11 13.58 -0.28 -20.53
CA GLY A 11 12.68 0.07 -19.45
C GLY A 11 11.35 -0.68 -19.54
N SER A 12 11.38 -1.97 -19.22
CA SER A 12 10.17 -2.79 -19.28
C SER A 12 9.80 -3.30 -17.89
N ILE A 13 9.67 -2.38 -16.94
CA ILE A 13 9.32 -2.75 -15.57
C ILE A 13 7.81 -2.89 -15.40
N GLU A 14 7.40 -3.93 -14.71
CA GLU A 14 5.98 -4.18 -14.47
C GLU A 14 5.65 -4.14 -12.98
N GLY A 15 4.44 -3.70 -12.65
CA GLY A 15 4.03 -3.61 -11.27
C GLY A 15 3.30 -4.85 -10.81
N ARG A 16 3.98 -5.68 -10.01
CA ARG A 16 3.39 -6.91 -9.51
C ARG A 16 3.56 -7.01 -7.99
N LYS A 17 3.48 -5.88 -7.32
CA LYS A 17 3.62 -5.84 -5.86
C LYS A 17 2.33 -5.39 -5.19
N GLU A 18 2.10 -5.86 -3.98
CA GLU A 18 0.90 -5.51 -3.23
C GLU A 18 1.24 -5.18 -1.78
N GLY A 19 0.26 -4.63 -1.06
CA GLY A 19 0.47 -4.27 0.33
C GLY A 19 -0.69 -3.49 0.91
N TYR A 20 -0.46 -2.86 2.06
CA TYR A 20 -1.50 -2.08 2.71
C TYR A 20 -1.48 -0.63 2.24
N LEU A 21 -2.40 0.17 2.76
CA LEU A 21 -2.48 1.58 2.40
C LEU A 21 -2.03 2.48 3.55
N VAL A 22 -1.39 1.87 4.55
CA VAL A 22 -0.89 2.61 5.70
C VAL A 22 0.14 3.66 5.28
N SER A 23 0.24 4.73 6.07
CA SER A 23 1.19 5.80 5.78
C SER A 23 2.21 5.93 6.90
N LYS A 24 3.28 6.68 6.64
CA LYS A 24 4.33 6.89 7.63
C LYS A 24 3.92 7.98 8.61
N SER A 25 3.05 8.88 8.19
CA SER A 25 2.59 9.97 9.03
C SER A 25 1.99 9.44 10.33
N THR A 26 0.91 8.67 10.21
CA THR A 26 0.24 8.10 11.37
C THR A 26 0.73 6.68 11.64
N GLY A 27 0.31 5.74 10.80
CA GLY A 27 0.72 4.36 10.97
C GLY A 27 -0.30 3.54 11.76
N CYS A 28 -1.45 3.29 11.16
CA CYS A 28 -2.50 2.53 11.82
C CYS A 28 -3.61 2.17 10.83
N LYS A 29 -4.00 0.90 10.81
CA LYS A 29 -5.06 0.44 9.92
C LYS A 29 -5.76 -0.79 10.49
N TYR A 30 -6.90 -1.13 9.92
CA TYR A 30 -7.67 -2.29 10.37
C TYR A 30 -8.65 -2.74 9.30
N GLU A 31 -9.34 -3.86 9.57
CA GLU A 31 -10.32 -4.39 8.64
C GLU A 31 -11.52 -3.47 8.53
N CYS A 32 -12.04 -3.33 7.31
CA CYS A 32 -13.20 -2.47 7.06
C CYS A 32 -14.46 -3.10 7.66
N LEU A 33 -15.61 -2.51 7.31
CA LEU A 33 -16.89 -3.01 7.82
C LEU A 33 -17.62 -3.82 6.75
N LYS A 34 -17.31 -3.54 5.48
CA LYS A 34 -17.93 -4.24 4.37
C LYS A 34 -16.90 -5.05 3.59
N LEU A 35 -16.75 -6.32 3.95
CA LEU A 35 -15.79 -7.20 3.28
C LEU A 35 -16.17 -7.40 1.82
N GLY A 36 -15.36 -6.85 0.91
CA GLY A 36 -15.63 -6.99 -0.50
C GLY A 36 -16.43 -5.83 -1.06
N ASP A 37 -17.16 -5.15 -0.18
CA ASP A 37 -17.98 -4.01 -0.59
C ASP A 37 -17.53 -2.74 0.11
N ASN A 38 -16.26 -2.38 -0.09
CA ASN A 38 -15.69 -1.19 0.53
C ASN A 38 -14.94 -0.36 -0.51
N ASP A 39 -14.91 0.95 -0.30
CA ASP A 39 -14.22 1.86 -1.22
C ASP A 39 -13.06 2.55 -0.52
N TYR A 40 -13.09 2.57 0.81
CA TYR A 40 -12.04 3.20 1.60
C TYR A 40 -10.67 2.65 1.23
N CYS A 41 -10.65 1.40 0.76
CA CYS A 41 -9.41 0.75 0.36
C CYS A 41 -8.93 1.27 -0.99
N LEU A 42 -9.88 1.64 -1.85
CA LEU A 42 -9.55 2.15 -3.17
C LEU A 42 -9.22 3.63 -3.11
N ARG A 43 -10.12 4.42 -2.54
CA ARG A 43 -9.91 5.86 -2.42
C ARG A 43 -8.58 6.17 -1.72
N GLU A 44 -8.19 5.29 -0.80
CA GLU A 44 -6.94 5.46 -0.07
C GLU A 44 -5.74 5.09 -0.93
N CYS A 45 -5.98 4.22 -1.90
CA CYS A 45 -4.91 3.77 -2.80
C CYS A 45 -5.12 4.32 -4.21
N LYS A 46 -5.79 5.47 -4.29
CA LYS A 46 -6.06 6.11 -5.58
C LYS A 46 -5.73 7.60 -5.51
N GLN A 47 -4.66 7.94 -4.81
CA GLN A 47 -4.24 9.34 -4.67
C GLN A 47 -2.72 9.45 -4.76
N GLN A 48 -2.03 8.93 -3.75
CA GLN A 48 -0.57 9.00 -3.72
C GLN A 48 0.02 8.42 -5.00
N TYR A 49 -0.59 7.35 -5.51
CA TYR A 49 -0.12 6.70 -6.72
C TYR A 49 -1.29 6.24 -7.58
N GLY A 50 -2.47 6.78 -7.30
CA GLY A 50 -3.65 6.41 -8.05
C GLY A 50 -3.49 6.63 -9.55
N LYS A 51 -3.31 5.53 -10.28
CA LYS A 51 -3.12 5.61 -11.73
C LYS A 51 -3.84 4.45 -12.43
N SER A 52 -3.26 3.26 -12.33
CA SER A 52 -3.84 2.07 -12.94
C SER A 52 -4.05 0.97 -11.91
N SER A 53 -4.15 1.36 -10.65
CA SER A 53 -4.35 0.40 -9.56
C SER A 53 -5.66 0.67 -8.83
N GLY A 54 -5.91 -0.09 -7.77
CA GLY A 54 -7.13 0.08 -7.00
C GLY A 54 -6.99 -0.42 -5.59
N GLY A 55 -7.59 -1.57 -5.29
CA GLY A 55 -7.52 -2.13 -3.95
C GLY A 55 -8.89 -2.50 -3.41
N TYR A 56 -8.96 -3.64 -2.74
CA TYR A 56 -10.21 -4.12 -2.17
C TYR A 56 -10.04 -4.47 -0.69
N CYS A 57 -11.16 -4.64 0.00
CA CYS A 57 -11.15 -4.97 1.42
C CYS A 57 -11.01 -6.48 1.61
N TYR A 58 -9.80 -6.98 1.45
CA TYR A 58 -9.54 -8.40 1.60
C TYR A 58 -10.07 -8.92 2.94
N ALA A 59 -10.08 -10.23 3.10
CA ALA A 59 -10.55 -10.85 4.33
C ALA A 59 -9.88 -10.23 5.56
N PHE A 60 -8.56 -10.18 5.53
CA PHE A 60 -7.79 -9.62 6.64
C PHE A 60 -8.11 -8.14 6.81
N ALA A 61 -7.90 -7.36 5.75
CA ALA A 61 -8.16 -5.92 5.80
C ALA A 61 -7.98 -5.30 4.42
N CYS A 62 -7.99 -3.97 4.37
CA CYS A 62 -7.82 -3.24 3.12
C CYS A 62 -6.54 -3.66 2.42
N TRP A 63 -6.67 -4.52 1.41
CA TRP A 63 -5.52 -5.00 0.66
C TRP A 63 -5.42 -4.31 -0.69
N CYS A 64 -4.31 -3.61 -0.92
CA CYS A 64 -4.10 -2.90 -2.18
C CYS A 64 -3.15 -3.67 -3.08
N THR A 65 -3.35 -3.53 -4.40
CA THR A 65 -2.52 -4.22 -5.37
C THR A 65 -1.92 -3.24 -6.38
N HIS A 66 -1.06 -3.74 -7.25
CA HIS A 66 -0.41 -2.90 -8.25
C HIS A 66 0.32 -1.73 -7.61
N LEU A 67 1.11 -2.02 -6.58
CA LEU A 67 1.85 -0.99 -5.88
C LEU A 67 3.33 -1.01 -6.28
N TYR A 68 4.10 -0.07 -5.74
CA TYR A 68 5.53 0.00 -6.04
C TYR A 68 6.35 -0.48 -4.85
N GLU A 69 7.65 -0.69 -5.09
CA GLU A 69 8.56 -1.14 -4.05
C GLU A 69 8.68 -0.10 -2.94
N GLN A 70 8.56 1.17 -3.30
CA GLN A 70 8.65 2.26 -2.34
C GLN A 70 7.36 2.39 -1.54
N ALA A 71 6.25 1.95 -2.13
CA ALA A 71 4.96 2.02 -1.47
C ALA A 71 4.99 1.33 -0.12
N VAL A 72 5.10 2.12 0.95
CA VAL A 72 5.14 1.58 2.31
C VAL A 72 3.97 0.64 2.56
N VAL A 73 4.20 -0.36 3.41
CA VAL A 73 3.15 -1.32 3.74
C VAL A 73 2.86 -1.32 5.23
N TRP A 74 1.96 -2.19 5.65
CA TRP A 74 1.57 -2.28 7.06
C TRP A 74 1.97 -3.65 7.64
N PRO A 75 3.28 -3.87 7.80
CA PRO A 75 3.81 -5.12 8.35
C PRO A 75 3.50 -5.28 9.83
N LEU A 76 2.26 -5.67 10.14
CA LEU A 76 1.83 -5.87 11.51
C LEU A 76 0.87 -7.05 11.63
N PRO A 77 1.41 -8.27 11.45
CA PRO A 77 0.63 -9.50 11.53
C PRO A 77 0.16 -9.80 12.95
N ASN A 78 -1.14 -9.96 13.12
CA ASN A 78 -1.71 -10.26 14.43
C ASN A 78 -1.32 -9.18 15.44
N LYS A 79 -1.07 -7.98 14.95
CA LYS A 79 -0.69 -6.86 15.81
C LYS A 79 -1.68 -5.72 15.69
N THR A 80 -2.85 -5.90 16.31
CA THR A 80 -3.90 -4.88 16.28
C THR A 80 -3.35 -3.52 16.71
N CYS A 81 -3.26 -2.59 15.76
CA CYS A 81 -2.76 -1.26 16.05
C CYS A 81 -3.71 -0.51 16.98
N ASN A 82 -3.22 -0.21 18.19
CA ASN A 82 -4.03 0.51 19.17
C ASN A 82 -3.98 2.01 18.93
N MET A 1 19.90 16.68 -18.11
CA MET A 1 19.92 16.42 -16.68
C MET A 1 20.26 14.97 -16.40
N ARG A 2 20.56 14.67 -15.14
CA ARG A 2 20.90 13.30 -14.74
C ARG A 2 20.10 12.88 -13.51
N GLY A 3 20.08 11.58 -13.23
CA GLY A 3 19.35 11.07 -12.09
C GLY A 3 18.57 9.82 -12.41
N SER A 4 19.28 8.75 -12.79
CA SER A 4 18.64 7.49 -13.13
C SER A 4 18.07 6.82 -11.88
N HIS A 5 18.94 6.51 -10.92
CA HIS A 5 18.51 5.87 -9.69
C HIS A 5 17.47 6.72 -8.96
N HIS A 6 16.42 6.08 -8.47
CA HIS A 6 15.36 6.77 -7.75
C HIS A 6 15.50 6.58 -6.25
N HIS A 7 16.09 5.45 -5.85
CA HIS A 7 16.29 5.15 -4.44
C HIS A 7 17.75 4.83 -4.15
N HIS A 8 18.28 3.82 -4.84
CA HIS A 8 19.67 3.41 -4.66
C HIS A 8 20.25 2.84 -5.95
N HIS A 9 21.44 3.27 -6.31
CA HIS A 9 22.10 2.80 -7.52
C HIS A 9 22.94 1.56 -7.23
N HIS A 10 22.31 0.53 -6.70
CA HIS A 10 22.99 -0.71 -6.38
C HIS A 10 22.22 -1.92 -6.91
N GLY A 11 22.30 -2.13 -8.23
CA GLY A 11 21.60 -3.24 -8.84
C GLY A 11 20.16 -2.89 -9.21
N SER A 12 19.59 -3.67 -10.12
CA SER A 12 18.22 -3.44 -10.57
C SER A 12 17.22 -4.09 -9.63
N ILE A 13 17.00 -3.48 -8.47
CA ILE A 13 16.07 -4.00 -7.48
C ILE A 13 14.64 -3.63 -7.82
N GLU A 14 13.95 -4.53 -8.52
CA GLU A 14 12.56 -4.30 -8.91
C GLU A 14 11.60 -4.99 -7.95
N GLY A 15 10.31 -4.70 -8.09
CA GLY A 15 9.32 -5.29 -7.23
C GLY A 15 7.90 -5.00 -7.69
N ARG A 16 7.12 -6.04 -7.93
CA ARG A 16 5.74 -5.88 -8.37
C ARG A 16 4.78 -6.63 -7.45
N LYS A 17 4.96 -6.46 -6.14
CA LYS A 17 4.11 -7.11 -5.16
C LYS A 17 3.15 -6.12 -4.52
N GLU A 18 1.97 -6.60 -4.14
CA GLU A 18 0.95 -5.75 -3.53
C GLU A 18 1.36 -5.37 -2.10
N GLY A 19 0.53 -4.57 -1.46
CA GLY A 19 0.82 -4.15 -0.09
C GLY A 19 -0.33 -3.37 0.53
N TYR A 20 -0.09 -2.79 1.69
CA TYR A 20 -1.11 -2.02 2.40
C TYR A 20 -1.07 -0.56 1.98
N LEU A 21 -1.98 0.24 2.55
CA LEU A 21 -2.04 1.66 2.25
C LEU A 21 -1.44 2.49 3.38
N VAL A 22 -0.69 1.84 4.25
CA VAL A 22 -0.06 2.51 5.38
C VAL A 22 0.78 3.70 4.90
N SER A 23 0.44 4.89 5.38
CA SER A 23 1.16 6.10 5.01
C SER A 23 2.02 6.61 6.17
N LYS A 24 3.06 7.36 5.84
CA LYS A 24 3.96 7.91 6.86
C LYS A 24 3.22 8.91 7.75
N SER A 25 2.20 9.56 7.18
CA SER A 25 1.43 10.55 7.92
C SER A 25 0.94 9.97 9.24
N THR A 26 -0.06 9.08 9.16
CA THR A 26 -0.63 8.45 10.34
C THR A 26 0.09 7.15 10.67
N GLY A 27 -0.16 6.13 9.85
CA GLY A 27 0.47 4.83 10.08
C GLY A 27 -0.40 3.90 10.89
N CYS A 28 -1.51 3.46 10.32
CA CYS A 28 -2.42 2.56 11.02
C CYS A 28 -3.39 1.91 10.03
N LYS A 29 -3.70 0.63 10.26
CA LYS A 29 -4.61 -0.10 9.41
C LYS A 29 -5.34 -1.19 10.19
N TYR A 30 -6.67 -1.12 10.20
CA TYR A 30 -7.48 -2.11 10.91
C TYR A 30 -8.26 -2.98 9.93
N GLU A 31 -9.29 -2.41 9.33
CA GLU A 31 -10.12 -3.14 8.38
C GLU A 31 -11.16 -2.23 7.73
N CYS A 32 -11.99 -2.80 6.87
CA CYS A 32 -13.02 -2.03 6.19
C CYS A 32 -14.38 -2.25 6.85
N LEU A 33 -15.44 -1.77 6.19
CA LEU A 33 -16.79 -1.92 6.70
C LEU A 33 -17.28 -3.36 6.57
N LYS A 34 -16.98 -3.98 5.44
CA LYS A 34 -17.37 -5.36 5.19
C LYS A 34 -16.67 -5.91 3.96
N LEU A 35 -16.16 -7.14 4.06
CA LEU A 35 -15.47 -7.79 2.96
C LEU A 35 -16.32 -7.75 1.70
N GLY A 36 -15.74 -7.23 0.62
CA GLY A 36 -16.45 -7.15 -0.65
C GLY A 36 -16.75 -5.72 -1.06
N ASP A 37 -18.03 -5.37 -1.09
CA ASP A 37 -18.45 -4.03 -1.47
C ASP A 37 -17.82 -2.99 -0.55
N ASN A 38 -16.80 -2.29 -1.06
CA ASN A 38 -16.11 -1.27 -0.29
C ASN A 38 -15.19 -0.45 -1.18
N ASP A 39 -15.25 0.87 -1.02
CA ASP A 39 -14.42 1.77 -1.81
C ASP A 39 -13.44 2.52 -0.92
N TYR A 40 -13.10 1.92 0.22
CA TYR A 40 -12.17 2.52 1.16
C TYR A 40 -10.72 2.27 0.74
N CYS A 41 -10.51 1.22 -0.06
CA CYS A 41 -9.18 0.87 -0.54
C CYS A 41 -8.86 1.60 -1.83
N LEU A 42 -9.90 1.96 -2.58
CA LEU A 42 -9.73 2.67 -3.84
C LEU A 42 -9.79 4.18 -3.64
N ARG A 43 -9.83 4.60 -2.38
CA ARG A 43 -9.89 6.02 -2.05
C ARG A 43 -8.64 6.44 -1.28
N GLU A 44 -8.00 5.49 -0.61
CA GLU A 44 -6.80 5.76 0.17
C GLU A 44 -5.54 5.49 -0.66
N CYS A 45 -5.68 4.63 -1.66
CA CYS A 45 -4.56 4.28 -2.52
C CYS A 45 -4.60 5.08 -3.82
N LYS A 46 -5.29 6.22 -3.79
CA LYS A 46 -5.41 7.08 -4.96
C LYS A 46 -4.73 8.42 -4.73
N GLN A 47 -4.54 8.77 -3.46
CA GLN A 47 -3.91 10.03 -3.11
C GLN A 47 -2.38 9.88 -3.06
N GLN A 48 -1.93 8.80 -2.43
CA GLN A 48 -0.50 8.53 -2.32
C GLN A 48 0.07 8.00 -3.63
N TYR A 49 -0.44 6.86 -4.07
CA TYR A 49 0.01 6.25 -5.31
C TYR A 49 -0.76 6.79 -6.50
N GLY A 50 -2.06 6.50 -6.54
CA GLY A 50 -2.90 6.99 -7.63
C GLY A 50 -2.32 6.62 -8.99
N LYS A 51 -1.67 5.47 -9.07
CA LYS A 51 -1.07 5.02 -10.32
C LYS A 51 -1.85 3.85 -10.90
N SER A 52 -3.09 4.12 -11.31
CA SER A 52 -3.95 3.08 -11.89
C SER A 52 -4.08 1.90 -10.95
N SER A 53 -3.93 2.17 -9.64
CA SER A 53 -4.03 1.12 -8.63
C SER A 53 -5.47 0.97 -8.14
N GLY A 54 -5.72 -0.08 -7.38
CA GLY A 54 -7.06 -0.32 -6.86
C GLY A 54 -7.22 -1.72 -6.30
N GLY A 55 -7.12 -1.84 -4.98
CA GLY A 55 -7.26 -3.14 -4.34
C GLY A 55 -8.66 -3.38 -3.80
N TYR A 56 -8.78 -4.31 -2.86
CA TYR A 56 -10.07 -4.63 -2.26
C TYR A 56 -9.91 -4.96 -0.78
N CYS A 57 -11.04 -5.27 -0.14
CA CYS A 57 -11.02 -5.61 1.28
C CYS A 57 -10.76 -7.09 1.48
N TYR A 58 -9.49 -7.48 1.45
CA TYR A 58 -9.11 -8.88 1.63
C TYR A 58 -9.63 -9.43 2.95
N ALA A 59 -9.44 -10.72 3.16
CA ALA A 59 -9.89 -11.37 4.39
C ALA A 59 -9.40 -10.61 5.62
N PHE A 60 -8.08 -10.48 5.74
CA PHE A 60 -7.49 -9.79 6.88
C PHE A 60 -8.02 -8.36 6.98
N ALA A 61 -7.57 -7.50 6.07
CA ALA A 61 -8.00 -6.11 6.07
C ALA A 61 -7.83 -5.49 4.68
N CYS A 62 -8.02 -4.18 4.61
CA CYS A 62 -7.89 -3.46 3.34
C CYS A 62 -6.55 -3.78 2.67
N TRP A 63 -6.59 -4.62 1.64
CA TRP A 63 -5.39 -4.99 0.92
C TRP A 63 -5.32 -4.31 -0.44
N CYS A 64 -4.45 -3.32 -0.56
CA CYS A 64 -4.30 -2.58 -1.81
C CYS A 64 -3.48 -3.39 -2.82
N THR A 65 -3.74 -3.15 -4.10
CA THR A 65 -3.05 -3.86 -5.16
C THR A 65 -2.36 -2.87 -6.11
N HIS A 66 -1.48 -3.40 -6.96
CA HIS A 66 -0.76 -2.58 -7.92
C HIS A 66 0.10 -1.53 -7.20
N LEU A 67 0.90 -1.99 -6.25
CA LEU A 67 1.77 -1.10 -5.49
C LEU A 67 3.23 -1.30 -5.86
N TYR A 68 4.01 -0.24 -5.80
CA TYR A 68 5.43 -0.31 -6.13
C TYR A 68 6.26 -0.71 -4.91
N GLU A 69 7.53 -1.03 -5.14
CA GLU A 69 8.42 -1.43 -4.06
C GLU A 69 8.51 -0.34 -3.00
N GLN A 70 8.26 0.90 -3.40
CA GLN A 70 8.31 2.04 -2.49
C GLN A 70 7.12 2.03 -1.55
N ALA A 71 6.01 1.45 -2.01
CA ALA A 71 4.80 1.37 -1.20
C ALA A 71 5.02 0.56 0.07
N VAL A 72 5.17 1.25 1.19
CA VAL A 72 5.39 0.59 2.47
C VAL A 72 4.16 -0.16 2.92
N VAL A 73 4.36 -1.26 3.64
CA VAL A 73 3.25 -2.07 4.14
C VAL A 73 3.27 -2.15 5.67
N TRP A 74 2.21 -2.70 6.24
CA TRP A 74 2.10 -2.83 7.68
C TRP A 74 2.18 -4.29 8.10
N PRO A 75 3.40 -4.78 8.37
CA PRO A 75 3.63 -6.16 8.79
C PRO A 75 3.10 -6.45 10.19
N LEU A 76 1.79 -6.62 10.30
CA LEU A 76 1.16 -6.91 11.58
C LEU A 76 -0.02 -7.87 11.41
N PRO A 77 0.29 -9.12 11.05
CA PRO A 77 -0.73 -10.15 10.86
C PRO A 77 -1.39 -10.58 12.16
N ASN A 78 -0.71 -10.33 13.28
CA ASN A 78 -1.21 -10.69 14.59
C ASN A 78 -1.06 -9.53 15.57
N LYS A 79 -1.10 -8.31 15.05
CA LYS A 79 -0.96 -7.12 15.88
C LYS A 79 -1.63 -5.92 15.22
N THR A 80 -1.66 -4.80 15.93
CA THR A 80 -2.26 -3.58 15.42
C THR A 80 -1.33 -2.38 15.57
N CYS A 81 -1.64 -1.30 14.87
CA CYS A 81 -0.83 -0.09 14.93
C CYS A 81 -0.69 0.40 16.36
N ASN A 82 0.29 1.28 16.59
CA ASN A 82 0.52 1.83 17.92
C ASN A 82 -0.31 3.09 18.15
N MET A 1 -4.20 0.28 -33.56
CA MET A 1 -3.38 -0.05 -32.39
C MET A 1 -1.91 -0.11 -32.76
N ARG A 2 -1.09 0.65 -32.04
CA ARG A 2 0.34 0.70 -32.30
C ARG A 2 1.14 0.44 -31.01
N GLY A 3 0.77 1.15 -29.95
CA GLY A 3 1.45 0.98 -28.68
C GLY A 3 2.37 2.14 -28.35
N SER A 4 3.43 1.87 -27.62
CA SER A 4 4.39 2.91 -27.23
C SER A 4 3.68 4.04 -26.48
N HIS A 5 2.58 3.72 -25.81
CA HIS A 5 1.82 4.69 -25.06
C HIS A 5 2.66 5.28 -23.92
N HIS A 6 3.03 4.42 -22.98
CA HIS A 6 3.84 4.85 -21.83
C HIS A 6 5.19 4.13 -21.82
N HIS A 7 6.20 4.81 -21.28
CA HIS A 7 7.54 4.24 -21.20
C HIS A 7 8.22 4.62 -19.89
N HIS A 8 9.11 3.76 -19.42
CA HIS A 8 9.83 4.01 -18.17
C HIS A 8 11.33 4.02 -18.41
N HIS A 9 11.97 5.14 -18.08
CA HIS A 9 13.41 5.27 -18.26
C HIS A 9 14.17 4.61 -17.11
N HIS A 10 15.25 3.91 -17.45
CA HIS A 10 16.06 3.23 -16.45
C HIS A 10 15.22 2.21 -15.67
N GLY A 11 14.57 1.32 -16.41
CA GLY A 11 13.74 0.30 -15.78
C GLY A 11 13.03 -0.57 -16.79
N SER A 12 13.34 -1.86 -16.77
CA SER A 12 12.72 -2.81 -17.70
C SER A 12 11.83 -3.79 -16.95
N ILE A 13 12.16 -4.05 -15.69
CA ILE A 13 11.39 -4.97 -14.87
C ILE A 13 10.00 -4.42 -14.57
N GLU A 14 9.01 -5.31 -14.57
CA GLU A 14 7.63 -4.90 -14.29
C GLU A 14 7.34 -4.96 -12.79
N GLY A 15 6.24 -4.31 -12.39
CA GLY A 15 5.86 -4.29 -10.98
C GLY A 15 4.97 -5.46 -10.62
N ARG A 16 3.66 -5.26 -10.75
CA ARG A 16 2.68 -6.29 -10.41
C ARG A 16 2.80 -6.70 -8.95
N LYS A 17 3.11 -5.72 -8.10
CA LYS A 17 3.24 -5.99 -6.66
C LYS A 17 2.07 -5.38 -5.89
N GLU A 18 1.81 -5.92 -4.70
CA GLU A 18 0.73 -5.44 -3.87
C GLU A 18 1.19 -5.22 -2.43
N GLY A 19 0.39 -4.51 -1.65
CA GLY A 19 0.74 -4.24 -0.28
C GLY A 19 -0.35 -3.49 0.46
N TYR A 20 0.03 -2.74 1.50
CA TYR A 20 -0.92 -1.98 2.29
C TYR A 20 -0.91 -0.51 1.88
N LEU A 21 -1.76 0.28 2.53
CA LEU A 21 -1.85 1.71 2.25
C LEU A 21 -1.30 2.53 3.41
N VAL A 22 -0.53 1.88 4.28
CA VAL A 22 0.08 2.55 5.42
C VAL A 22 0.78 3.83 5.00
N SER A 23 0.21 4.97 5.37
CA SER A 23 0.78 6.27 5.03
C SER A 23 1.91 6.63 5.99
N LYS A 24 2.37 7.87 5.91
CA LYS A 24 3.44 8.35 6.77
C LYS A 24 2.88 8.98 8.04
N SER A 25 1.81 9.77 7.88
CA SER A 25 1.18 10.43 9.02
C SER A 25 -0.08 9.68 9.46
N THR A 26 -0.65 8.91 8.54
CA THR A 26 -1.85 8.14 8.83
C THR A 26 -1.68 6.68 8.46
N GLY A 27 -0.71 6.02 9.10
CA GLY A 27 -0.47 4.62 8.82
C GLY A 27 -1.36 3.69 9.61
N CYS A 28 -1.93 4.21 10.71
CA CYS A 28 -2.80 3.41 11.55
C CYS A 28 -3.92 2.76 10.73
N LYS A 29 -3.77 1.47 10.47
CA LYS A 29 -4.76 0.72 9.70
C LYS A 29 -5.63 -0.13 10.61
N TYR A 30 -6.76 -0.58 10.08
CA TYR A 30 -7.69 -1.41 10.85
C TYR A 30 -8.33 -2.48 9.96
N GLU A 31 -8.48 -3.68 10.51
CA GLU A 31 -9.09 -4.78 9.77
C GLU A 31 -10.42 -4.37 9.16
N CYS A 32 -10.78 -4.98 8.04
CA CYS A 32 -12.04 -4.69 7.36
C CYS A 32 -13.11 -5.71 7.73
N LEU A 33 -14.23 -5.22 8.24
CA LEU A 33 -15.33 -6.09 8.63
C LEU A 33 -15.74 -7.01 7.47
N LYS A 34 -16.39 -6.43 6.47
CA LYS A 34 -16.83 -7.19 5.31
C LYS A 34 -16.02 -6.82 4.07
N LEU A 35 -16.33 -7.45 2.95
CA LEU A 35 -15.63 -7.18 1.70
C LEU A 35 -16.17 -5.93 1.02
N GLY A 36 -15.54 -4.79 1.28
CA GLY A 36 -15.98 -3.55 0.68
C GLY A 36 -16.29 -2.49 1.72
N ASP A 37 -15.44 -1.47 1.79
CA ASP A 37 -15.62 -0.39 2.75
C ASP A 37 -15.74 0.97 2.04
N ASN A 38 -16.61 1.02 1.04
CA ASN A 38 -16.81 2.25 0.29
C ASN A 38 -15.54 2.64 -0.47
N ASP A 39 -14.96 1.68 -1.17
CA ASP A 39 -13.74 1.92 -1.93
C ASP A 39 -12.67 2.54 -1.05
N TYR A 40 -12.75 2.28 0.25
CA TYR A 40 -11.78 2.82 1.20
C TYR A 40 -10.36 2.46 0.78
N CYS A 41 -10.17 1.21 0.37
CA CYS A 41 -8.85 0.74 -0.06
C CYS A 41 -8.42 1.41 -1.36
N LEU A 42 -9.37 2.04 -2.04
CA LEU A 42 -9.09 2.72 -3.30
C LEU A 42 -8.79 4.20 -3.06
N ARG A 43 -9.71 4.88 -2.36
CA ARG A 43 -9.55 6.29 -2.07
C ARG A 43 -8.25 6.54 -1.31
N GLU A 44 -7.75 5.52 -0.64
CA GLU A 44 -6.51 5.63 0.13
C GLU A 44 -5.30 5.29 -0.74
N CYS A 45 -5.55 4.53 -1.81
CA CYS A 45 -4.48 4.13 -2.71
C CYS A 45 -4.66 4.79 -4.08
N LYS A 46 -5.12 6.03 -4.08
CA LYS A 46 -5.33 6.78 -5.31
C LYS A 46 -4.62 8.12 -5.26
N GLN A 47 -3.75 8.29 -4.27
CA GLN A 47 -3.00 9.54 -4.12
C GLN A 47 -1.55 9.35 -4.52
N GLN A 48 -0.79 8.66 -3.67
CA GLN A 48 0.62 8.41 -3.94
C GLN A 48 0.90 6.91 -4.02
N TYR A 49 -0.13 6.14 -4.30
CA TYR A 49 0.00 4.68 -4.41
C TYR A 49 -0.65 4.18 -5.69
N GLY A 50 -0.76 5.06 -6.69
CA GLY A 50 -1.36 4.68 -7.95
C GLY A 50 -2.51 5.59 -8.34
N LYS A 51 -2.86 5.58 -9.62
CA LYS A 51 -3.94 6.41 -10.13
C LYS A 51 -5.13 5.55 -10.55
N SER A 52 -4.85 4.34 -11.02
CA SER A 52 -5.89 3.42 -11.45
C SER A 52 -5.70 2.04 -10.83
N SER A 53 -5.22 2.01 -9.59
CA SER A 53 -4.99 0.76 -8.89
C SER A 53 -6.28 -0.05 -8.78
N GLY A 54 -6.21 -1.18 -8.10
CA GLY A 54 -7.37 -2.04 -7.93
C GLY A 54 -7.42 -2.69 -6.57
N GLY A 55 -7.09 -1.93 -5.54
CA GLY A 55 -7.11 -2.47 -4.18
C GLY A 55 -8.52 -2.57 -3.63
N TYR A 56 -8.72 -3.53 -2.73
CA TYR A 56 -10.02 -3.75 -2.11
C TYR A 56 -9.87 -4.33 -0.71
N CYS A 57 -10.98 -4.37 0.02
CA CYS A 57 -10.98 -4.90 1.38
C CYS A 57 -10.90 -6.43 1.37
N TYR A 58 -9.69 -6.95 1.22
CA TYR A 58 -9.46 -8.38 1.20
C TYR A 58 -10.07 -9.06 2.42
N ALA A 59 -10.13 -10.38 2.40
CA ALA A 59 -10.69 -11.15 3.50
C ALA A 59 -10.05 -10.73 4.84
N PHE A 60 -8.73 -10.85 4.92
CA PHE A 60 -8.00 -10.49 6.12
C PHE A 60 -8.23 -9.02 6.48
N ALA A 61 -7.59 -8.13 5.72
CA ALA A 61 -7.73 -6.70 5.96
C ALA A 61 -7.63 -5.92 4.65
N CYS A 62 -7.75 -4.59 4.75
CA CYS A 62 -7.67 -3.74 3.58
C CYS A 62 -6.41 -4.02 2.78
N TRP A 63 -6.57 -4.67 1.63
CA TRP A 63 -5.43 -5.01 0.77
C TRP A 63 -5.39 -4.11 -0.45
N CYS A 64 -4.23 -3.55 -0.74
CA CYS A 64 -4.05 -2.67 -1.88
C CYS A 64 -3.23 -3.35 -2.97
N THR A 65 -3.64 -3.14 -4.22
CA THR A 65 -2.95 -3.74 -5.36
C THR A 65 -2.32 -2.66 -6.25
N HIS A 66 -1.58 -3.10 -7.26
CA HIS A 66 -0.94 -2.17 -8.19
C HIS A 66 0.00 -1.23 -7.44
N LEU A 67 0.77 -1.78 -6.52
CA LEU A 67 1.71 -0.99 -5.73
C LEU A 67 3.15 -1.23 -6.19
N TYR A 68 4.05 -0.33 -5.80
CA TYR A 68 5.45 -0.45 -6.17
C TYR A 68 6.32 -0.77 -4.96
N GLU A 69 7.63 -0.68 -5.13
CA GLU A 69 8.57 -0.96 -4.05
C GLU A 69 8.46 0.11 -2.96
N GLN A 70 8.21 1.35 -3.37
CA GLN A 70 8.09 2.46 -2.43
C GLN A 70 6.86 2.29 -1.56
N ALA A 71 5.87 1.59 -2.07
CA ALA A 71 4.64 1.35 -1.33
C ALA A 71 4.90 0.56 -0.06
N VAL A 72 4.98 1.28 1.07
CA VAL A 72 5.24 0.65 2.36
C VAL A 72 4.04 -0.17 2.81
N VAL A 73 4.29 -1.26 3.53
CA VAL A 73 3.24 -2.12 4.02
C VAL A 73 3.19 -2.13 5.54
N TRP A 74 2.12 -2.68 6.10
CA TRP A 74 1.95 -2.74 7.55
C TRP A 74 2.04 -4.18 8.05
N PRO A 75 3.24 -4.61 8.43
CA PRO A 75 3.49 -5.96 8.93
C PRO A 75 2.87 -6.18 10.31
N LEU A 76 3.07 -5.23 11.20
CA LEU A 76 2.53 -5.32 12.55
C LEU A 76 3.05 -6.57 13.26
N PRO A 77 4.33 -6.53 13.67
CA PRO A 77 4.97 -7.65 14.37
C PRO A 77 4.42 -7.85 15.77
N ASN A 78 3.61 -6.91 16.23
CA ASN A 78 3.01 -6.98 17.56
C ASN A 78 1.50 -7.15 17.48
N LYS A 79 0.83 -6.20 16.83
CA LYS A 79 -0.61 -6.24 16.68
C LYS A 79 -1.11 -5.11 15.79
N THR A 80 -2.34 -5.23 15.32
CA THR A 80 -2.93 -4.21 14.45
C THR A 80 -3.17 -2.91 15.21
N CYS A 81 -2.94 -1.79 14.53
CA CYS A 81 -3.13 -0.47 15.15
C CYS A 81 -4.51 -0.37 15.78
N ASN A 82 -4.53 -0.06 17.08
CA ASN A 82 -5.79 0.08 17.80
C ASN A 82 -6.19 1.55 17.93
N MET A 1 1.80 11.26 -37.19
CA MET A 1 1.55 12.58 -36.60
C MET A 1 1.13 12.44 -35.14
N ARG A 2 1.60 11.39 -34.48
CA ARG A 2 1.28 11.15 -33.08
C ARG A 2 2.34 10.28 -32.42
N GLY A 3 2.68 10.61 -31.17
CA GLY A 3 3.67 9.85 -30.45
C GLY A 3 3.36 9.76 -28.97
N SER A 4 4.41 9.74 -28.14
CA SER A 4 4.24 9.65 -26.70
C SER A 4 5.52 10.07 -25.98
N HIS A 5 5.42 11.17 -25.22
CA HIS A 5 6.56 11.69 -24.48
C HIS A 5 6.63 11.07 -23.08
N HIS A 6 7.60 10.19 -22.87
CA HIS A 6 7.77 9.53 -21.58
C HIS A 6 9.20 9.03 -21.41
N HIS A 7 9.64 8.95 -20.16
CA HIS A 7 11.00 8.48 -19.86
C HIS A 7 11.06 7.84 -18.48
N HIS A 8 11.91 6.83 -18.34
CA HIS A 8 12.07 6.14 -17.06
C HIS A 8 13.47 5.55 -16.93
N HIS A 9 14.11 5.79 -15.79
CA HIS A 9 15.45 5.29 -15.54
C HIS A 9 15.46 3.76 -15.54
N HIS A 10 16.64 3.19 -15.28
CA HIS A 10 16.77 1.73 -15.25
C HIS A 10 16.40 1.18 -13.88
N GLY A 11 17.25 1.43 -12.89
CA GLY A 11 16.99 0.96 -11.54
C GLY A 11 16.73 -0.53 -11.51
N SER A 12 15.86 -0.96 -10.59
CA SER A 12 15.53 -2.37 -10.44
C SER A 12 14.09 -2.53 -9.95
N ILE A 13 13.44 -3.59 -10.41
CA ILE A 13 12.06 -3.87 -10.02
C ILE A 13 12.01 -4.75 -8.77
N GLU A 14 12.40 -4.18 -7.64
CA GLU A 14 12.40 -4.90 -6.37
C GLU A 14 11.19 -4.51 -5.53
N GLY A 15 10.60 -5.50 -4.86
CA GLY A 15 9.44 -5.25 -4.02
C GLY A 15 8.34 -4.52 -4.77
N ARG A 16 8.10 -4.93 -6.01
CA ARG A 16 7.07 -4.30 -6.84
C ARG A 16 5.77 -5.09 -6.76
N LYS A 17 5.51 -5.69 -5.60
CA LYS A 17 4.29 -6.47 -5.40
C LYS A 17 3.26 -5.68 -4.61
N GLU A 18 2.07 -6.25 -4.47
CA GLU A 18 1.00 -5.60 -3.72
C GLU A 18 1.43 -5.28 -2.30
N GLY A 19 0.57 -4.58 -1.56
CA GLY A 19 0.89 -4.22 -0.19
C GLY A 19 -0.20 -3.41 0.47
N TYR A 20 0.14 -2.72 1.55
CA TYR A 20 -0.83 -1.90 2.28
C TYR A 20 -0.70 -0.43 1.87
N LEU A 21 -1.72 0.35 2.19
CA LEU A 21 -1.73 1.77 1.86
C LEU A 21 -1.14 2.59 2.99
N VAL A 22 -0.54 1.91 3.97
CA VAL A 22 0.06 2.58 5.11
C VAL A 22 1.03 3.68 4.66
N SER A 23 0.78 4.90 5.13
CA SER A 23 1.62 6.04 4.77
C SER A 23 2.64 6.32 5.86
N LYS A 24 3.38 7.41 5.70
CA LYS A 24 4.40 7.81 6.68
C LYS A 24 3.84 8.84 7.65
N SER A 25 2.83 9.56 7.21
CA SER A 25 2.20 10.59 8.05
C SER A 25 1.81 10.01 9.41
N THR A 26 0.75 9.21 9.43
CA THR A 26 0.26 8.60 10.65
C THR A 26 0.80 7.19 10.81
N GLY A 27 0.25 6.27 10.03
CA GLY A 27 0.69 4.88 10.10
C GLY A 27 -0.29 4.00 10.84
N CYS A 28 -1.54 4.01 10.41
CA CYS A 28 -2.58 3.20 11.04
C CYS A 28 -3.34 2.37 10.00
N LYS A 29 -4.14 1.43 10.48
CA LYS A 29 -4.92 0.57 9.60
C LYS A 29 -5.97 -0.22 10.38
N TYR A 30 -7.23 -0.07 9.99
CA TYR A 30 -8.32 -0.76 10.66
C TYR A 30 -8.95 -1.81 9.74
N GLU A 31 -9.11 -3.02 10.27
CA GLU A 31 -9.69 -4.11 9.50
C GLU A 31 -11.03 -3.71 8.90
N CYS A 32 -11.32 -4.21 7.71
CA CYS A 32 -12.56 -3.91 7.02
C CYS A 32 -13.72 -4.74 7.58
N LEU A 33 -14.93 -4.39 7.18
CA LEU A 33 -16.12 -5.11 7.64
C LEU A 33 -15.97 -6.61 7.43
N LYS A 34 -15.97 -7.03 6.16
CA LYS A 34 -15.83 -8.44 5.82
C LYS A 34 -15.07 -8.60 4.51
N LEU A 35 -15.75 -8.33 3.40
CA LEU A 35 -15.14 -8.44 2.08
C LEU A 35 -15.68 -7.37 1.14
N GLY A 36 -14.77 -6.57 0.57
CA GLY A 36 -15.16 -5.53 -0.35
C GLY A 36 -16.24 -4.63 0.24
N ASP A 37 -17.13 -4.13 -0.62
CA ASP A 37 -18.21 -3.26 -0.19
C ASP A 37 -17.67 -2.11 0.66
N ASN A 38 -16.65 -1.43 0.15
CA ASN A 38 -16.05 -0.31 0.86
C ASN A 38 -15.28 0.59 -0.11
N ASP A 39 -15.32 1.89 0.15
CA ASP A 39 -14.63 2.87 -0.70
C ASP A 39 -13.41 3.44 0.02
N TYR A 40 -12.88 2.69 0.98
CA TYR A 40 -11.73 3.12 1.75
C TYR A 40 -10.43 2.72 1.06
N CYS A 41 -10.49 1.60 0.33
CA CYS A 41 -9.32 1.10 -0.39
C CYS A 41 -9.22 1.72 -1.78
N LEU A 42 -10.35 2.19 -2.29
CA LEU A 42 -10.40 2.81 -3.61
C LEU A 42 -10.32 4.33 -3.50
N ARG A 43 -9.96 4.82 -2.33
CA ARG A 43 -9.85 6.26 -2.10
C ARG A 43 -8.45 6.61 -1.60
N GLU A 44 -7.86 5.73 -0.81
CA GLU A 44 -6.53 5.95 -0.27
C GLU A 44 -5.45 5.53 -1.26
N CYS A 45 -5.76 4.49 -2.04
CA CYS A 45 -4.82 3.97 -3.04
C CYS A 45 -5.10 4.57 -4.41
N LYS A 46 -5.71 5.76 -4.42
CA LYS A 46 -6.03 6.44 -5.67
C LYS A 46 -5.57 7.90 -5.63
N GLN A 47 -4.55 8.17 -4.82
CA GLN A 47 -4.01 9.52 -4.69
C GLN A 47 -2.54 9.56 -5.07
N GLN A 48 -1.71 8.89 -4.27
CA GLN A 48 -0.27 8.84 -4.52
C GLN A 48 0.25 7.41 -4.45
N TYR A 49 -0.63 6.46 -4.73
CA TYR A 49 -0.26 5.05 -4.70
C TYR A 49 -0.82 4.31 -5.91
N GLY A 50 -1.04 5.05 -6.99
CA GLY A 50 -1.55 4.45 -8.20
C GLY A 50 -2.78 5.17 -8.73
N LYS A 51 -2.75 5.53 -10.01
CA LYS A 51 -3.87 6.24 -10.63
C LYS A 51 -4.93 5.27 -11.10
N SER A 52 -4.51 4.17 -11.72
CA SER A 52 -5.43 3.16 -12.21
C SER A 52 -5.35 1.89 -11.37
N SER A 53 -5.00 2.06 -10.10
CA SER A 53 -4.89 0.93 -9.18
C SER A 53 -6.22 0.19 -9.05
N GLY A 54 -6.25 -0.80 -8.18
CA GLY A 54 -7.48 -1.57 -7.98
C GLY A 54 -7.44 -2.40 -6.71
N GLY A 55 -7.59 -1.74 -5.57
CA GLY A 55 -7.56 -2.45 -4.29
C GLY A 55 -8.96 -2.83 -3.82
N TYR A 56 -9.01 -3.71 -2.84
CA TYR A 56 -10.28 -4.17 -2.29
C TYR A 56 -10.13 -4.64 -0.85
N CYS A 57 -11.23 -4.64 -0.11
CA CYS A 57 -11.22 -5.06 1.28
C CYS A 57 -11.04 -6.57 1.40
N TYR A 58 -9.80 -7.03 1.27
CA TYR A 58 -9.50 -8.46 1.35
C TYR A 58 -10.07 -9.07 2.63
N ALA A 59 -10.03 -10.39 2.71
CA ALA A 59 -10.55 -11.09 3.88
C ALA A 59 -9.96 -10.51 5.17
N PHE A 60 -8.65 -10.36 5.20
CA PHE A 60 -7.97 -9.82 6.38
C PHE A 60 -8.38 -8.38 6.63
N ALA A 61 -7.90 -7.47 5.78
CA ALA A 61 -8.23 -6.06 5.91
C ALA A 61 -8.05 -5.33 4.58
N CYS A 62 -8.17 -4.01 4.62
CA CYS A 62 -8.02 -3.19 3.42
C CYS A 62 -6.73 -3.53 2.69
N TRP A 63 -6.84 -4.28 1.59
CA TRP A 63 -5.69 -4.67 0.81
C TRP A 63 -5.72 -4.02 -0.58
N CYS A 64 -4.60 -3.42 -0.97
CA CYS A 64 -4.51 -2.76 -2.27
C CYS A 64 -3.71 -3.62 -3.25
N THR A 65 -3.59 -3.12 -4.48
CA THR A 65 -2.86 -3.84 -5.52
C THR A 65 -2.14 -2.87 -6.46
N HIS A 66 -1.20 -3.40 -7.24
CA HIS A 66 -0.46 -2.58 -8.18
C HIS A 66 0.22 -1.40 -7.48
N LEU A 67 0.85 -1.68 -6.34
CA LEU A 67 1.52 -0.65 -5.58
C LEU A 67 2.96 -0.45 -6.07
N TYR A 68 3.53 0.70 -5.74
CA TYR A 68 4.89 1.02 -6.15
C TYR A 68 5.91 0.28 -5.27
N GLU A 69 7.17 0.31 -5.70
CA GLU A 69 8.24 -0.36 -4.96
C GLU A 69 8.47 0.33 -3.62
N GLN A 70 8.11 1.61 -3.55
CA GLN A 70 8.28 2.38 -2.32
C GLN A 70 7.12 2.17 -1.37
N ALA A 71 5.97 1.79 -1.92
CA ALA A 71 4.77 1.55 -1.12
C ALA A 71 5.07 0.59 0.03
N VAL A 72 5.13 1.13 1.24
CA VAL A 72 5.40 0.31 2.42
C VAL A 72 4.16 -0.44 2.87
N VAL A 73 4.36 -1.59 3.50
CA VAL A 73 3.26 -2.41 3.97
C VAL A 73 3.12 -2.31 5.48
N TRP A 74 2.05 -2.90 6.02
CA TRP A 74 1.79 -2.87 7.45
C TRP A 74 2.01 -4.25 8.06
N PRO A 75 3.25 -4.50 8.52
CA PRO A 75 3.62 -5.78 9.13
C PRO A 75 2.97 -5.98 10.50
N LEU A 76 1.75 -6.52 10.49
CA LEU A 76 1.03 -6.76 11.74
C LEU A 76 0.87 -8.25 12.00
N PRO A 77 1.96 -8.89 12.45
CA PRO A 77 1.97 -10.33 12.75
C PRO A 77 1.14 -10.67 13.99
N ASN A 78 0.79 -9.64 14.76
CA ASN A 78 0.00 -9.84 15.97
C ASN A 78 -0.47 -8.50 16.52
N LYS A 79 0.44 -7.53 16.58
CA LYS A 79 0.11 -6.21 17.09
C LYS A 79 -0.78 -5.44 16.11
N THR A 80 -1.47 -4.43 16.61
CA THR A 80 -2.36 -3.62 15.78
C THR A 80 -2.35 -2.16 16.21
N CYS A 81 -2.38 -1.26 15.24
CA CYS A 81 -2.37 0.17 15.52
C CYS A 81 -3.52 0.55 16.45
N ASN A 82 -3.24 1.44 17.39
CA ASN A 82 -4.25 1.88 18.35
C ASN A 82 -4.60 3.35 18.13
N MET A 1 39.38 4.35 6.57
CA MET A 1 38.08 4.96 6.86
C MET A 1 37.07 4.61 5.76
N ARG A 2 37.56 4.48 4.54
CA ARG A 2 36.70 4.15 3.41
C ARG A 2 37.29 3.01 2.58
N GLY A 3 36.44 2.07 2.20
CA GLY A 3 36.90 0.94 1.41
C GLY A 3 35.94 0.57 0.31
N SER A 4 35.07 1.52 -0.06
CA SER A 4 34.09 1.28 -1.12
C SER A 4 33.39 2.58 -1.50
N HIS A 5 33.48 2.94 -2.78
CA HIS A 5 32.86 4.17 -3.27
C HIS A 5 31.73 3.84 -4.25
N HIS A 6 31.00 2.78 -3.95
CA HIS A 6 29.88 2.35 -4.80
C HIS A 6 28.99 1.35 -4.06
N HIS A 7 27.72 1.71 -3.90
CA HIS A 7 26.76 0.83 -3.22
C HIS A 7 25.37 0.98 -3.83
N HIS A 8 24.68 -0.15 -3.99
CA HIS A 8 23.34 -0.15 -4.56
C HIS A 8 22.28 -0.27 -3.47
N HIS A 9 22.18 -1.45 -2.87
CA HIS A 9 21.20 -1.69 -1.82
C HIS A 9 21.59 -2.93 -1.00
N HIS A 10 20.78 -3.24 0.00
CA HIS A 10 21.04 -4.39 0.87
C HIS A 10 20.72 -5.69 0.14
N GLY A 11 19.53 -5.76 -0.46
CA GLY A 11 19.13 -6.95 -1.18
C GLY A 11 18.33 -6.63 -2.43
N SER A 12 17.60 -7.62 -2.94
CA SER A 12 16.81 -7.44 -4.15
C SER A 12 15.32 -7.42 -3.82
N ILE A 13 14.73 -6.22 -3.82
CA ILE A 13 13.31 -6.08 -3.51
C ILE A 13 12.46 -6.33 -4.75
N GLU A 14 11.62 -7.36 -4.68
CA GLU A 14 10.75 -7.71 -5.80
C GLU A 14 9.66 -6.66 -5.99
N GLY A 15 9.54 -6.15 -7.21
CA GLY A 15 8.53 -5.16 -7.51
C GLY A 15 7.22 -5.76 -7.95
N ARG A 16 6.33 -4.92 -8.47
CA ARG A 16 5.02 -5.38 -8.93
C ARG A 16 4.35 -6.25 -7.87
N LYS A 17 4.52 -5.87 -6.61
CA LYS A 17 3.94 -6.63 -5.50
C LYS A 17 2.87 -5.79 -4.79
N GLU A 18 1.88 -6.47 -4.23
CA GLU A 18 0.80 -5.79 -3.51
C GLU A 18 1.24 -5.39 -2.11
N GLY A 19 0.35 -4.73 -1.38
CA GLY A 19 0.67 -4.30 -0.03
C GLY A 19 -0.49 -3.59 0.64
N TYR A 20 -0.20 -2.85 1.71
CA TYR A 20 -1.23 -2.12 2.44
C TYR A 20 -1.28 -0.67 1.99
N LEU A 21 -2.19 0.10 2.59
CA LEU A 21 -2.34 1.51 2.25
C LEU A 21 -1.71 2.39 3.32
N VAL A 22 -0.88 1.78 4.17
CA VAL A 22 -0.20 2.52 5.22
C VAL A 22 0.53 3.75 4.67
N SER A 23 0.14 4.92 5.15
CA SER A 23 0.76 6.16 4.71
C SER A 23 1.71 6.72 5.77
N LYS A 24 2.65 7.54 5.33
CA LYS A 24 3.64 8.13 6.24
C LYS A 24 2.96 9.12 7.18
N SER A 25 1.83 9.67 6.76
CA SER A 25 1.09 10.63 7.56
C SER A 25 0.83 10.08 8.96
N THR A 26 -0.07 9.11 9.05
CA THR A 26 -0.42 8.50 10.33
C THR A 26 0.30 7.18 10.51
N GLY A 27 -0.16 6.16 9.81
CA GLY A 27 0.45 4.84 9.90
C GLY A 27 -0.33 3.89 10.79
N CYS A 28 -1.46 3.42 10.28
CA CYS A 28 -2.32 2.50 11.03
C CYS A 28 -3.45 1.98 10.16
N LYS A 29 -3.63 0.66 10.16
CA LYS A 29 -4.68 0.03 9.38
C LYS A 29 -5.33 -1.11 10.15
N TYR A 30 -6.58 -0.89 10.59
CA TYR A 30 -7.31 -1.90 11.34
C TYR A 30 -8.06 -2.85 10.40
N GLU A 31 -9.15 -2.36 9.82
CA GLU A 31 -9.95 -3.16 8.91
C GLU A 31 -11.06 -2.31 8.28
N CYS A 32 -11.73 -2.88 7.29
CA CYS A 32 -12.82 -2.19 6.60
C CYS A 32 -14.17 -2.75 7.02
N LEU A 33 -15.24 -2.09 6.59
CA LEU A 33 -16.59 -2.51 6.92
C LEU A 33 -16.93 -3.83 6.21
N LYS A 34 -17.18 -3.74 4.90
CA LYS A 34 -17.53 -4.91 4.11
C LYS A 34 -16.27 -5.56 3.55
N LEU A 35 -16.27 -6.89 3.49
CA LEU A 35 -15.13 -7.64 2.96
C LEU A 35 -15.23 -7.80 1.45
N GLY A 36 -15.29 -6.68 0.74
CA GLY A 36 -15.39 -6.72 -0.71
C GLY A 36 -16.20 -5.57 -1.27
N ASP A 37 -15.91 -5.18 -2.50
CA ASP A 37 -16.63 -4.09 -3.15
C ASP A 37 -16.66 -2.85 -2.25
N ASN A 38 -15.47 -2.40 -1.84
CA ASN A 38 -15.37 -1.23 -0.99
C ASN A 38 -14.69 -0.08 -1.72
N ASP A 39 -14.93 1.14 -1.26
CA ASP A 39 -14.34 2.33 -1.86
C ASP A 39 -13.24 2.91 -0.97
N TYR A 40 -13.34 2.65 0.32
CA TYR A 40 -12.36 3.15 1.28
C TYR A 40 -10.96 2.70 0.91
N CYS A 41 -10.87 1.60 0.17
CA CYS A 41 -9.58 1.05 -0.26
C CYS A 41 -9.16 1.65 -1.60
N LEU A 42 -10.14 2.11 -2.37
CA LEU A 42 -9.88 2.70 -3.67
C LEU A 42 -9.82 4.23 -3.58
N ARG A 43 -9.72 4.74 -2.36
CA ARG A 43 -9.67 6.17 -2.12
C ARG A 43 -8.39 6.55 -1.39
N GLU A 44 -7.93 5.67 -0.51
CA GLU A 44 -6.72 5.92 0.27
C GLU A 44 -5.48 5.52 -0.53
N CYS A 45 -5.65 4.62 -1.48
CA CYS A 45 -4.55 4.16 -2.31
C CYS A 45 -4.47 4.95 -3.61
N LYS A 46 -5.04 6.15 -3.60
CA LYS A 46 -5.03 7.02 -4.78
C LYS A 46 -4.29 8.33 -4.49
N GLN A 47 -4.36 8.76 -3.23
CA GLN A 47 -3.70 10.00 -2.83
C GLN A 47 -2.21 9.77 -2.58
N GLN A 48 -1.87 8.55 -2.20
CA GLN A 48 -0.48 8.20 -1.93
C GLN A 48 0.15 7.52 -3.14
N TYR A 49 -0.61 6.65 -3.79
CA TYR A 49 -0.11 5.94 -4.97
C TYR A 49 -0.69 6.54 -6.25
N GLY A 50 -1.99 6.39 -6.42
CA GLY A 50 -2.64 6.92 -7.61
C GLY A 50 -3.62 5.94 -8.22
N LYS A 51 -4.11 6.27 -9.41
CA LYS A 51 -5.06 5.41 -10.11
C LYS A 51 -4.43 4.05 -10.44
N SER A 52 -3.09 4.04 -10.54
CA SER A 52 -2.37 2.81 -10.87
C SER A 52 -2.78 1.69 -9.92
N SER A 53 -3.15 2.05 -8.70
CA SER A 53 -3.56 1.07 -7.70
C SER A 53 -4.96 0.54 -8.00
N GLY A 54 -5.42 -0.38 -7.16
CA GLY A 54 -6.75 -0.95 -7.35
C GLY A 54 -6.94 -2.25 -6.59
N GLY A 55 -6.90 -2.17 -5.26
CA GLY A 55 -7.07 -3.36 -4.44
C GLY A 55 -8.49 -3.53 -3.95
N TYR A 56 -8.68 -4.36 -2.94
CA TYR A 56 -9.99 -4.62 -2.37
C TYR A 56 -9.90 -5.00 -0.91
N CYS A 57 -11.04 -5.31 -0.30
CA CYS A 57 -11.09 -5.69 1.10
C CYS A 57 -10.83 -7.19 1.27
N TYR A 58 -9.60 -7.54 1.62
CA TYR A 58 -9.22 -8.93 1.80
C TYR A 58 -9.74 -9.46 3.13
N ALA A 59 -9.48 -10.74 3.39
CA ALA A 59 -9.92 -11.36 4.64
C ALA A 59 -9.39 -10.62 5.85
N PHE A 60 -8.06 -10.62 6.01
CA PHE A 60 -7.43 -9.93 7.13
C PHE A 60 -7.88 -8.47 7.21
N ALA A 61 -7.46 -7.68 6.23
CA ALA A 61 -7.82 -6.27 6.18
C ALA A 61 -7.69 -5.72 4.77
N CYS A 62 -7.87 -4.41 4.64
CA CYS A 62 -7.77 -3.75 3.34
C CYS A 62 -6.45 -4.10 2.65
N TRP A 63 -6.52 -4.96 1.65
CA TRP A 63 -5.33 -5.37 0.92
C TRP A 63 -5.23 -4.63 -0.41
N CYS A 64 -4.34 -3.65 -0.47
CA CYS A 64 -4.14 -2.87 -1.69
C CYS A 64 -3.26 -3.61 -2.69
N THR A 65 -3.69 -3.63 -3.94
CA THR A 65 -2.95 -4.31 -4.99
C THR A 65 -2.46 -3.33 -6.05
N HIS A 66 -1.62 -3.81 -6.96
CA HIS A 66 -1.08 -2.97 -8.02
C HIS A 66 -0.34 -1.77 -7.44
N LEU A 67 0.60 -2.04 -6.55
CA LEU A 67 1.38 -0.97 -5.93
C LEU A 67 2.79 -0.89 -6.52
N TYR A 68 3.57 0.07 -6.06
CA TYR A 68 4.93 0.25 -6.55
C TYR A 68 5.95 -0.25 -5.52
N GLU A 69 7.23 -0.15 -5.88
CA GLU A 69 8.31 -0.57 -4.99
C GLU A 69 8.36 0.31 -3.74
N GLN A 70 8.16 1.60 -3.93
CA GLN A 70 8.19 2.55 -2.82
C GLN A 70 7.04 2.30 -1.86
N ALA A 71 5.95 1.74 -2.38
CA ALA A 71 4.79 1.45 -1.56
C ALA A 71 5.16 0.65 -0.32
N VAL A 72 4.84 1.20 0.85
CA VAL A 72 5.15 0.54 2.11
C VAL A 72 3.95 -0.24 2.64
N VAL A 73 4.22 -1.32 3.36
CA VAL A 73 3.16 -2.15 3.91
C VAL A 73 3.20 -2.15 5.44
N TRP A 74 2.18 -2.73 6.05
CA TRP A 74 2.09 -2.79 7.51
C TRP A 74 2.31 -4.21 8.02
N PRO A 75 3.58 -4.55 8.27
CA PRO A 75 3.95 -5.89 8.76
C PRO A 75 3.48 -6.13 10.19
N LEU A 76 2.26 -6.62 10.33
CA LEU A 76 1.69 -6.90 11.64
C LEU A 76 1.48 -8.40 11.84
N PRO A 77 2.58 -9.13 12.05
CA PRO A 77 2.53 -10.58 12.26
C PRO A 77 1.90 -10.95 13.60
N ASN A 78 2.13 -10.12 14.61
CA ASN A 78 1.59 -10.36 15.94
C ASN A 78 1.42 -9.07 16.71
N LYS A 79 1.17 -7.98 15.99
CA LYS A 79 1.00 -6.67 16.60
C LYS A 79 -0.15 -5.91 15.96
N THR A 80 -0.47 -4.73 16.49
CA THR A 80 -1.55 -3.92 15.97
C THR A 80 -1.26 -2.43 16.15
N CYS A 81 -1.43 -1.67 15.08
CA CYS A 81 -1.17 -0.24 15.11
C CYS A 81 -1.95 0.42 16.26
N ASN A 82 -1.47 1.58 16.69
CA ASN A 82 -2.11 2.30 17.79
C ASN A 82 -2.61 3.67 17.32
N MET A 1 23.73 -3.31 -36.90
CA MET A 1 25.14 -3.38 -37.27
C MET A 1 25.75 -1.98 -37.34
N ARG A 2 25.19 -1.05 -36.56
CA ARG A 2 25.68 0.32 -36.54
C ARG A 2 26.31 0.65 -35.18
N GLY A 3 25.47 0.80 -34.17
CA GLY A 3 25.95 1.11 -32.84
C GLY A 3 25.07 2.12 -32.13
N SER A 4 25.13 2.10 -30.79
CA SER A 4 24.32 3.01 -29.99
C SER A 4 25.11 3.49 -28.77
N HIS A 5 24.50 4.38 -27.99
CA HIS A 5 25.13 4.92 -26.80
C HIS A 5 24.59 4.24 -25.54
N HIS A 6 23.27 4.27 -25.38
CA HIS A 6 22.62 3.67 -24.23
C HIS A 6 23.24 4.17 -22.93
N HIS A 7 23.41 5.48 -22.84
CA HIS A 7 24.00 6.09 -21.65
C HIS A 7 23.10 5.87 -20.43
N HIS A 8 21.80 5.80 -20.67
CA HIS A 8 20.84 5.60 -19.59
C HIS A 8 20.53 4.11 -19.41
N HIS A 9 20.04 3.75 -18.23
CA HIS A 9 19.71 2.37 -17.93
C HIS A 9 18.32 2.27 -17.29
N HIS A 10 17.41 3.13 -17.73
CA HIS A 10 16.05 3.14 -17.21
C HIS A 10 15.21 2.04 -17.87
N GLY A 11 15.58 0.79 -17.63
CA GLY A 11 14.85 -0.32 -18.21
C GLY A 11 14.48 -1.37 -17.18
N SER A 12 14.07 -0.92 -16.00
CA SER A 12 13.70 -1.83 -14.92
C SER A 12 12.34 -1.45 -14.34
N ILE A 13 11.28 -1.73 -15.09
CA ILE A 13 9.93 -1.42 -14.64
C ILE A 13 9.32 -2.59 -13.88
N GLU A 14 9.15 -2.42 -12.57
CA GLU A 14 8.58 -3.46 -11.73
C GLU A 14 7.13 -3.14 -11.38
N GLY A 15 6.32 -4.18 -11.19
CA GLY A 15 4.93 -3.99 -10.85
C GLY A 15 4.24 -5.28 -10.46
N ARG A 16 2.93 -5.31 -10.60
CA ARG A 16 2.15 -6.50 -10.25
C ARG A 16 2.37 -6.90 -8.79
N LYS A 17 2.69 -5.91 -7.97
CA LYS A 17 2.93 -6.15 -6.54
C LYS A 17 1.79 -5.60 -5.70
N GLU A 18 1.69 -6.08 -4.46
CA GLU A 18 0.64 -5.65 -3.56
C GLU A 18 1.22 -5.24 -2.20
N GLY A 19 0.42 -4.54 -1.41
CA GLY A 19 0.88 -4.10 -0.10
C GLY A 19 -0.18 -3.32 0.65
N TYR A 20 0.26 -2.46 1.56
CA TYR A 20 -0.67 -1.65 2.36
C TYR A 20 -0.50 -0.17 2.04
N LEU A 21 -1.29 0.67 2.71
CA LEU A 21 -1.23 2.11 2.49
C LEU A 21 -0.70 2.82 3.74
N VAL A 22 -0.04 2.07 4.61
CA VAL A 22 0.52 2.62 5.84
C VAL A 22 1.30 3.89 5.55
N SER A 23 0.86 5.00 6.15
CA SER A 23 1.51 6.29 5.95
C SER A 23 2.49 6.57 7.09
N LYS A 24 2.99 7.80 7.13
CA LYS A 24 3.94 8.20 8.16
C LYS A 24 3.24 8.96 9.29
N SER A 25 2.18 9.67 8.93
CA SER A 25 1.41 10.44 9.91
C SER A 25 0.22 9.65 10.42
N THR A 26 -0.24 8.70 9.60
CA THR A 26 -1.39 7.87 9.97
C THR A 26 -1.23 6.46 9.42
N GLY A 27 -0.34 5.68 10.01
CA GLY A 27 -0.10 4.32 9.57
C GLY A 27 -1.04 3.33 10.26
N CYS A 28 -1.92 3.84 11.10
CA CYS A 28 -2.87 3.00 11.82
C CYS A 28 -3.98 2.52 10.89
N LYS A 29 -3.68 1.53 10.07
CA LYS A 29 -4.66 0.99 9.13
C LYS A 29 -5.53 -0.08 9.81
N TYR A 30 -6.82 0.19 9.91
CA TYR A 30 -7.76 -0.73 10.53
C TYR A 30 -8.52 -1.53 9.48
N GLU A 31 -9.15 -2.62 9.91
CA GLU A 31 -9.91 -3.46 9.00
C GLU A 31 -11.05 -2.68 8.36
N CYS A 32 -11.93 -3.39 7.65
CA CYS A 32 -13.06 -2.76 6.98
C CYS A 32 -14.37 -3.45 7.37
N LEU A 33 -15.45 -3.09 6.68
CA LEU A 33 -16.75 -3.66 6.96
C LEU A 33 -17.22 -4.54 5.79
N LYS A 34 -17.36 -5.82 6.06
CA LYS A 34 -17.82 -6.77 5.03
C LYS A 34 -16.78 -6.89 3.92
N LEU A 35 -16.68 -8.08 3.34
CA LEU A 35 -15.72 -8.32 2.27
C LEU A 35 -16.34 -8.01 0.91
N GLY A 36 -15.70 -7.10 0.18
CA GLY A 36 -16.21 -6.72 -1.14
C GLY A 36 -17.05 -5.46 -1.09
N ASP A 37 -17.71 -5.23 0.04
CA ASP A 37 -18.56 -4.06 0.21
C ASP A 37 -17.77 -2.92 0.85
N ASN A 38 -16.82 -2.36 0.12
CA ASN A 38 -16.00 -1.27 0.62
C ASN A 38 -15.36 -0.49 -0.53
N ASP A 39 -15.01 0.76 -0.27
CA ASP A 39 -14.40 1.61 -1.28
C ASP A 39 -13.40 2.57 -0.65
N TYR A 40 -12.88 2.19 0.52
CA TYR A 40 -11.91 3.02 1.24
C TYR A 40 -10.52 2.82 0.66
N CYS A 41 -10.33 1.74 -0.09
CA CYS A 41 -9.04 1.44 -0.69
C CYS A 41 -8.91 2.10 -2.05
N LEU A 42 -10.05 2.36 -2.69
CA LEU A 42 -10.07 2.99 -4.01
C LEU A 42 -10.14 4.51 -3.88
N ARG A 43 -9.94 5.01 -2.66
CA ARG A 43 -9.97 6.45 -2.41
C ARG A 43 -8.71 6.90 -1.69
N GLU A 44 -8.22 6.07 -0.78
CA GLU A 44 -7.00 6.38 -0.03
C GLU A 44 -5.77 5.77 -0.68
N CYS A 45 -5.95 4.61 -1.29
CA CYS A 45 -4.86 3.91 -1.95
C CYS A 45 -4.83 4.23 -3.45
N LYS A 46 -5.51 5.31 -3.82
CA LYS A 46 -5.56 5.73 -5.22
C LYS A 46 -5.19 7.20 -5.37
N GLN A 47 -4.42 7.71 -4.40
CA GLN A 47 -3.98 9.10 -4.42
C GLN A 47 -2.57 9.22 -5.00
N GLN A 48 -1.61 8.64 -4.30
CA GLN A 48 -0.22 8.69 -4.74
C GLN A 48 0.31 7.28 -5.00
N TYR A 49 -0.20 6.31 -4.25
CA TYR A 49 0.22 4.93 -4.38
C TYR A 49 0.02 4.44 -5.82
N GLY A 50 -1.07 4.87 -6.43
CA GLY A 50 -1.36 4.47 -7.81
C GLY A 50 -2.44 5.31 -8.44
N LYS A 51 -2.43 5.38 -9.76
CA LYS A 51 -3.42 6.16 -10.50
C LYS A 51 -4.56 5.28 -10.98
N SER A 52 -4.26 4.37 -11.90
CA SER A 52 -5.26 3.47 -12.46
C SER A 52 -5.25 2.14 -11.72
N SER A 53 -4.77 2.16 -10.48
CA SER A 53 -4.71 0.95 -9.66
C SER A 53 -6.09 0.53 -9.20
N GLY A 54 -6.16 -0.59 -8.49
CA GLY A 54 -7.43 -1.09 -8.00
C GLY A 54 -7.27 -2.11 -6.88
N GLY A 55 -7.70 -1.73 -5.68
CA GLY A 55 -7.59 -2.62 -4.54
C GLY A 55 -8.93 -2.95 -3.92
N TYR A 56 -8.92 -3.73 -2.85
CA TYR A 56 -10.15 -4.12 -2.16
C TYR A 56 -9.88 -4.41 -0.69
N CYS A 57 -10.91 -4.24 0.14
CA CYS A 57 -10.78 -4.49 1.56
C CYS A 57 -10.73 -5.99 1.85
N TYR A 58 -9.51 -6.54 1.82
CA TYR A 58 -9.33 -7.96 2.07
C TYR A 58 -9.81 -8.34 3.47
N ALA A 59 -9.69 -9.62 3.80
CA ALA A 59 -10.12 -10.12 5.11
C ALA A 59 -9.45 -9.33 6.23
N PHE A 60 -8.12 -9.38 6.27
CA PHE A 60 -7.37 -8.67 7.31
C PHE A 60 -7.75 -7.19 7.34
N ALA A 61 -7.28 -6.44 6.36
CA ALA A 61 -7.56 -5.01 6.27
C ALA A 61 -7.49 -4.51 4.84
N CYS A 62 -7.52 -3.20 4.66
CA CYS A 62 -7.46 -2.60 3.34
C CYS A 62 -6.24 -3.08 2.58
N TRP A 63 -6.45 -4.00 1.64
CA TRP A 63 -5.37 -4.55 0.84
C TRP A 63 -5.36 -3.94 -0.56
N CYS A 64 -4.22 -3.35 -0.93
CA CYS A 64 -4.08 -2.72 -2.24
C CYS A 64 -3.28 -3.61 -3.19
N THR A 65 -3.41 -3.35 -4.48
CA THR A 65 -2.70 -4.13 -5.49
C THR A 65 -2.10 -3.23 -6.56
N HIS A 66 -1.24 -3.81 -7.40
CA HIS A 66 -0.60 -3.06 -8.47
C HIS A 66 0.25 -1.93 -7.91
N LEU A 67 0.67 -2.07 -6.66
CA LEU A 67 1.50 -1.06 -6.00
C LEU A 67 2.93 -1.09 -6.55
N TYR A 68 3.73 -0.13 -6.12
CA TYR A 68 5.11 -0.04 -6.56
C TYR A 68 6.07 -0.59 -5.50
N GLU A 69 7.36 -0.46 -5.75
CA GLU A 69 8.38 -0.95 -4.81
C GLU A 69 8.55 0.02 -3.65
N GLN A 70 8.22 1.29 -3.88
CA GLN A 70 8.34 2.31 -2.86
C GLN A 70 7.20 2.20 -1.85
N ALA A 71 6.08 1.65 -2.28
CA ALA A 71 4.92 1.48 -1.42
C ALA A 71 5.25 0.58 -0.23
N VAL A 72 5.35 1.19 0.95
CA VAL A 72 5.66 0.46 2.17
C VAL A 72 4.42 -0.22 2.74
N VAL A 73 4.60 -1.42 3.28
CA VAL A 73 3.49 -2.17 3.86
C VAL A 73 3.57 -2.18 5.38
N TRP A 74 2.65 -2.90 6.01
CA TRP A 74 2.61 -2.99 7.47
C TRP A 74 2.90 -4.41 7.93
N PRO A 75 4.19 -4.74 8.08
CA PRO A 75 4.63 -6.07 8.53
C PRO A 75 4.29 -6.34 9.99
N LEU A 76 3.01 -6.56 10.26
CA LEU A 76 2.55 -6.82 11.63
C LEU A 76 2.80 -8.28 12.01
N PRO A 77 2.96 -8.52 13.31
CA PRO A 77 3.21 -9.88 13.83
C PRO A 77 1.97 -10.77 13.71
N ASN A 78 0.84 -10.27 14.17
CA ASN A 78 -0.42 -11.01 14.11
C ASN A 78 -1.62 -10.09 14.20
N LYS A 79 -1.53 -9.09 15.06
CA LYS A 79 -2.61 -8.12 15.23
C LYS A 79 -2.28 -6.81 14.52
N THR A 80 -3.29 -5.96 14.40
CA THR A 80 -3.11 -4.66 13.74
C THR A 80 -3.44 -3.51 14.68
N CYS A 81 -3.05 -2.30 14.30
CA CYS A 81 -3.30 -1.12 15.11
C CYS A 81 -4.77 -1.03 15.51
N ASN A 82 -5.01 -0.76 16.79
CA ASN A 82 -6.38 -0.65 17.31
C ASN A 82 -6.55 0.62 18.11
N MET A 1 40.79 21.18 3.13
CA MET A 1 40.85 21.68 4.50
C MET A 1 39.64 21.21 5.30
N ARG A 2 38.51 21.03 4.62
CA ARG A 2 37.28 20.59 5.27
C ARG A 2 37.15 19.07 5.19
N GLY A 3 36.93 18.44 6.34
CA GLY A 3 36.79 17.00 6.38
C GLY A 3 35.39 16.55 6.03
N SER A 4 35.24 15.28 5.66
CA SER A 4 33.95 14.72 5.31
C SER A 4 33.91 13.21 5.53
N HIS A 5 32.78 12.72 6.01
CA HIS A 5 32.61 11.29 6.28
C HIS A 5 31.14 10.89 6.22
N HIS A 6 30.84 9.88 5.42
CA HIS A 6 29.47 9.39 5.27
C HIS A 6 29.41 7.88 5.39
N HIS A 7 28.34 7.38 5.97
CA HIS A 7 28.15 5.94 6.15
C HIS A 7 27.35 5.35 5.00
N HIS A 8 27.73 4.15 4.58
CA HIS A 8 27.04 3.48 3.48
C HIS A 8 25.92 2.59 4.00
N HIS A 9 24.90 2.37 3.16
CA HIS A 9 23.77 1.54 3.55
C HIS A 9 22.94 1.15 2.33
N HIS A 10 22.65 -0.14 2.19
CA HIS A 10 21.88 -0.64 1.07
C HIS A 10 20.49 -1.11 1.53
N GLY A 11 19.60 -1.32 0.57
CA GLY A 11 18.26 -1.76 0.90
C GLY A 11 18.15 -3.27 1.00
N SER A 12 18.28 -3.78 2.22
CA SER A 12 18.20 -5.22 2.45
C SER A 12 16.81 -5.76 2.12
N ILE A 13 15.80 -4.94 2.38
CA ILE A 13 14.42 -5.33 2.11
C ILE A 13 14.08 -5.18 0.63
N GLU A 14 13.35 -6.15 0.10
CA GLU A 14 12.97 -6.13 -1.31
C GLU A 14 11.60 -6.78 -1.51
N GLY A 15 10.79 -6.20 -2.38
CA GLY A 15 9.47 -6.74 -2.64
C GLY A 15 8.67 -5.87 -3.59
N ARG A 16 8.34 -6.42 -4.76
CA ARG A 16 7.56 -5.68 -5.75
C ARG A 16 6.17 -6.27 -5.90
N LYS A 17 5.57 -6.66 -4.78
CA LYS A 17 4.23 -7.23 -4.78
C LYS A 17 3.25 -6.34 -4.03
N GLU A 18 1.98 -6.74 -4.01
CA GLU A 18 0.95 -5.98 -3.32
C GLU A 18 1.36 -5.69 -1.87
N GLY A 19 0.59 -4.82 -1.22
CA GLY A 19 0.89 -4.47 0.16
C GLY A 19 -0.28 -3.81 0.86
N TYR A 20 0.01 -2.84 1.71
CA TYR A 20 -1.04 -2.15 2.45
C TYR A 20 -1.10 -0.67 2.06
N LEU A 21 -2.11 0.03 2.57
CA LEU A 21 -2.27 1.45 2.28
C LEU A 21 -1.64 2.30 3.36
N VAL A 22 -0.80 1.68 4.19
CA VAL A 22 -0.13 2.39 5.27
C VAL A 22 0.54 3.66 4.77
N SER A 23 0.08 4.81 5.26
CA SER A 23 0.63 6.10 4.86
C SER A 23 1.58 6.64 5.93
N LYS A 24 1.98 7.89 5.76
CA LYS A 24 2.89 8.54 6.71
C LYS A 24 2.11 9.42 7.68
N SER A 25 0.94 9.87 7.26
CA SER A 25 0.11 10.73 8.10
C SER A 25 -0.13 10.10 9.46
N THR A 26 -0.52 8.83 9.45
CA THR A 26 -0.78 8.11 10.69
C THR A 26 0.03 6.81 10.76
N GLY A 27 -0.27 5.88 9.87
CA GLY A 27 0.44 4.61 9.85
C GLY A 27 -0.24 3.55 10.70
N CYS A 28 -1.53 3.35 10.47
CA CYS A 28 -2.29 2.37 11.23
C CYS A 28 -3.39 1.75 10.37
N LYS A 29 -3.66 0.46 10.58
CA LYS A 29 -4.68 -0.24 9.82
C LYS A 29 -5.34 -1.32 10.67
N TYR A 30 -6.67 -1.25 10.78
CA TYR A 30 -7.42 -2.23 11.57
C TYR A 30 -7.91 -3.37 10.70
N GLU A 31 -8.85 -3.07 9.81
CA GLU A 31 -9.41 -4.09 8.91
C GLU A 31 -10.40 -3.46 7.93
N CYS A 32 -11.09 -4.31 7.18
CA CYS A 32 -12.06 -3.84 6.21
C CYS A 32 -13.45 -4.44 6.49
N LEU A 33 -14.31 -3.64 7.10
CA LEU A 33 -15.66 -4.08 7.43
C LEU A 33 -16.35 -4.67 6.20
N LYS A 34 -16.58 -3.83 5.20
CA LYS A 34 -17.23 -4.28 3.96
C LYS A 34 -16.27 -5.10 3.11
N LEU A 35 -16.82 -6.08 2.39
CA LEU A 35 -16.03 -6.94 1.54
C LEU A 35 -16.45 -6.81 0.08
N GLY A 36 -15.73 -5.97 -0.67
CA GLY A 36 -16.05 -5.77 -2.07
C GLY A 36 -16.97 -4.59 -2.29
N ASP A 37 -17.68 -4.19 -1.24
CA ASP A 37 -18.61 -3.07 -1.32
C ASP A 37 -18.10 -1.87 -0.51
N ASN A 38 -16.78 -1.78 -0.39
CA ASN A 38 -16.16 -0.69 0.37
C ASN A 38 -15.49 0.31 -0.56
N ASP A 39 -15.39 1.56 -0.13
CA ASP A 39 -14.77 2.61 -0.92
C ASP A 39 -13.74 3.37 -0.10
N TYR A 40 -13.35 2.80 1.03
CA TYR A 40 -12.37 3.43 1.91
C TYR A 40 -10.96 2.99 1.55
N CYS A 41 -10.83 1.74 1.13
CA CYS A 41 -9.53 1.19 0.75
C CYS A 41 -9.09 1.72 -0.61
N LEU A 42 -10.03 2.27 -1.36
CA LEU A 42 -9.75 2.81 -2.68
C LEU A 42 -9.44 4.30 -2.60
N ARG A 43 -10.18 5.01 -1.75
CA ARG A 43 -9.99 6.44 -1.59
C ARG A 43 -8.68 6.73 -0.85
N GLU A 44 -8.15 5.73 -0.17
CA GLU A 44 -6.91 5.87 0.58
C GLU A 44 -5.71 5.49 -0.28
N CYS A 45 -5.97 4.71 -1.33
CA CYS A 45 -4.91 4.26 -2.23
C CYS A 45 -4.99 5.01 -3.57
N LYS A 46 -5.61 6.18 -3.55
CA LYS A 46 -5.74 6.99 -4.75
C LYS A 46 -5.10 8.37 -4.55
N GLN A 47 -4.28 8.49 -3.52
CA GLN A 47 -3.60 9.75 -3.22
C GLN A 47 -2.24 9.80 -3.90
N GLN A 48 -1.28 9.05 -3.36
CA GLN A 48 0.06 9.01 -3.91
C GLN A 48 0.55 7.57 -4.07
N TYR A 49 -0.30 6.73 -4.65
CA TYR A 49 0.04 5.33 -4.86
C TYR A 49 0.13 5.01 -6.36
N GLY A 50 -0.97 5.21 -7.07
CA GLY A 50 -0.99 4.94 -8.49
C GLY A 50 -2.18 5.58 -9.18
N LYS A 51 -2.22 5.48 -10.51
CA LYS A 51 -3.31 6.04 -11.30
C LYS A 51 -4.52 5.11 -11.30
N SER A 52 -4.32 3.90 -11.79
CA SER A 52 -5.39 2.92 -11.84
C SER A 52 -5.27 1.91 -10.71
N SER A 53 -4.63 2.32 -9.62
CA SER A 53 -4.45 1.45 -8.46
C SER A 53 -5.73 1.37 -7.63
N GLY A 54 -5.93 0.23 -6.98
CA GLY A 54 -7.11 0.04 -6.15
C GLY A 54 -6.91 -1.02 -5.09
N GLY A 55 -7.77 -1.00 -4.08
CA GLY A 55 -7.67 -1.97 -3.00
C GLY A 55 -9.01 -2.61 -2.67
N TYR A 56 -8.96 -3.81 -2.11
CA TYR A 56 -10.18 -4.54 -1.75
C TYR A 56 -10.02 -5.22 -0.39
N CYS A 57 -11.04 -5.97 0.00
CA CYS A 57 -11.03 -6.68 1.27
C CYS A 57 -10.57 -8.13 1.09
N TYR A 58 -9.41 -8.44 1.65
CA TYR A 58 -8.86 -9.79 1.55
C TYR A 58 -9.14 -10.60 2.81
N ALA A 59 -10.37 -10.50 3.31
CA ALA A 59 -10.78 -11.21 4.50
C ALA A 59 -9.79 -10.97 5.65
N PHE A 60 -9.20 -9.79 5.67
CA PHE A 60 -8.24 -9.43 6.71
C PHE A 60 -8.21 -7.92 6.93
N ALA A 61 -7.84 -7.18 5.89
CA ALA A 61 -7.77 -5.73 5.96
C ALA A 61 -7.82 -5.10 4.57
N CYS A 62 -7.58 -3.80 4.50
CA CYS A 62 -7.60 -3.08 3.23
C CYS A 62 -6.37 -3.42 2.40
N TRP A 63 -6.39 -4.59 1.78
CA TRP A 63 -5.28 -5.03 0.95
C TRP A 63 -5.31 -4.34 -0.41
N CYS A 64 -4.35 -3.44 -0.62
CA CYS A 64 -4.26 -2.70 -1.88
C CYS A 64 -3.42 -3.47 -2.90
N THR A 65 -3.89 -3.50 -4.15
CA THR A 65 -3.19 -4.19 -5.21
C THR A 65 -2.68 -3.22 -6.26
N HIS A 66 -1.95 -3.74 -7.24
CA HIS A 66 -1.40 -2.90 -8.31
C HIS A 66 -0.42 -1.88 -7.75
N LEU A 67 0.32 -2.28 -6.71
CA LEU A 67 1.29 -1.39 -6.09
C LEU A 67 2.70 -1.70 -6.58
N TYR A 68 3.61 -0.74 -6.41
CA TYR A 68 4.99 -0.91 -6.84
C TYR A 68 5.94 -0.91 -5.63
N GLU A 69 7.23 -0.89 -5.91
CA GLU A 69 8.24 -0.89 -4.85
C GLU A 69 8.23 0.43 -4.10
N GLN A 70 7.79 1.49 -4.76
CA GLN A 70 7.72 2.81 -4.15
C GLN A 70 6.62 2.86 -3.09
N ALA A 71 5.60 2.04 -3.26
CA ALA A 71 4.49 1.99 -2.32
C ALA A 71 4.97 1.54 -0.94
N VAL A 72 4.39 2.15 0.10
CA VAL A 72 4.75 1.81 1.47
C VAL A 72 3.84 0.72 2.04
N VAL A 73 4.44 -0.30 2.63
CA VAL A 73 3.69 -1.41 3.20
C VAL A 73 3.91 -1.50 4.71
N TRP A 74 3.07 -2.28 5.38
CA TRP A 74 3.17 -2.44 6.82
C TRP A 74 3.67 -3.84 7.17
N PRO A 75 5.00 -3.97 7.33
CA PRO A 75 5.64 -5.25 7.66
C PRO A 75 5.34 -5.69 9.08
N LEU A 76 5.46 -4.77 10.03
CA LEU A 76 5.20 -5.05 11.44
C LEU A 76 6.12 -6.16 11.94
N PRO A 77 7.42 -5.84 12.03
CA PRO A 77 8.44 -6.79 12.50
C PRO A 77 8.30 -7.09 14.00
N ASN A 78 8.18 -6.04 14.80
CA ASN A 78 8.04 -6.18 16.24
C ASN A 78 7.08 -5.14 16.80
N LYS A 79 6.16 -4.67 15.97
CA LYS A 79 5.19 -3.67 16.38
C LYS A 79 3.86 -3.87 15.66
N THR A 80 2.78 -3.92 16.42
CA THR A 80 1.45 -4.11 15.86
C THR A 80 0.50 -3.02 16.32
N CYS A 81 0.08 -2.16 15.39
CA CYS A 81 -0.84 -1.07 15.70
C CYS A 81 -2.18 -1.62 16.20
N ASN A 82 -2.58 -2.77 15.66
CA ASN A 82 -3.84 -3.39 16.05
C ASN A 82 -3.72 -4.06 17.42
N MET A 1 -3.30 22.92 -12.72
CA MET A 1 -3.96 21.64 -12.89
C MET A 1 -3.02 20.49 -12.56
N ARG A 2 -1.74 20.71 -12.74
CA ARG A 2 -0.73 19.69 -12.46
C ARG A 2 0.62 20.32 -12.12
N GLY A 3 1.57 19.49 -11.72
CA GLY A 3 2.89 19.99 -11.37
C GLY A 3 3.68 19.00 -10.52
N SER A 4 3.66 17.74 -10.92
CA SER A 4 4.37 16.69 -10.19
C SER A 4 5.73 16.41 -10.82
N HIS A 5 6.72 17.21 -10.46
CA HIS A 5 8.07 17.05 -10.99
C HIS A 5 8.99 16.42 -9.95
N HIS A 6 8.44 15.52 -9.14
CA HIS A 6 9.21 14.84 -8.11
C HIS A 6 9.60 13.44 -8.55
N HIS A 7 10.83 13.04 -8.24
CA HIS A 7 11.33 11.72 -8.61
C HIS A 7 12.26 11.17 -7.53
N HIS A 8 11.85 10.08 -6.90
CA HIS A 8 12.66 9.45 -5.86
C HIS A 8 13.43 8.26 -6.40
N HIS A 9 14.66 8.50 -6.85
CA HIS A 9 15.50 7.45 -7.40
C HIS A 9 16.45 6.91 -6.34
N HIS A 10 17.19 7.81 -5.70
CA HIS A 10 18.15 7.43 -4.67
C HIS A 10 17.44 7.22 -3.33
N GLY A 11 17.48 5.99 -2.83
CA GLY A 11 16.84 5.69 -1.56
C GLY A 11 16.74 4.20 -1.30
N SER A 12 15.53 3.65 -1.46
CA SER A 12 15.30 2.23 -1.23
C SER A 12 14.64 1.59 -2.44
N ILE A 13 15.42 0.87 -3.24
CA ILE A 13 14.91 0.21 -4.42
C ILE A 13 14.41 -1.20 -4.11
N GLU A 14 13.17 -1.28 -3.64
CA GLU A 14 12.58 -2.57 -3.28
C GLU A 14 11.13 -2.40 -2.86
N GLY A 15 10.28 -3.34 -3.29
CA GLY A 15 8.87 -3.28 -2.94
C GLY A 15 7.99 -2.94 -4.13
N ARG A 16 7.75 -3.92 -4.99
CA ARG A 16 6.94 -3.73 -6.17
C ARG A 16 5.80 -4.76 -6.23
N LYS A 17 5.26 -5.10 -5.07
CA LYS A 17 4.19 -6.07 -4.98
C LYS A 17 3.03 -5.53 -4.14
N GLU A 18 1.93 -6.27 -4.11
CA GLU A 18 0.76 -5.87 -3.33
C GLU A 18 1.13 -5.58 -1.89
N GLY A 19 0.23 -4.93 -1.17
CA GLY A 19 0.48 -4.60 0.22
C GLY A 19 -0.64 -3.78 0.84
N TYR A 20 -0.30 -3.01 1.87
CA TYR A 20 -1.28 -2.18 2.56
C TYR A 20 -1.12 -0.72 2.16
N LEU A 21 -2.07 0.11 2.59
CA LEU A 21 -2.03 1.54 2.28
C LEU A 21 -1.41 2.33 3.42
N VAL A 22 -0.68 1.62 4.29
CA VAL A 22 -0.03 2.25 5.43
C VAL A 22 0.83 3.43 4.99
N SER A 23 0.69 4.56 5.67
CA SER A 23 1.46 5.76 5.35
C SER A 23 2.56 6.00 6.38
N LYS A 24 3.18 7.16 6.30
CA LYS A 24 4.26 7.52 7.24
C LYS A 24 3.72 8.40 8.36
N SER A 25 2.52 8.91 8.17
CA SER A 25 1.89 9.77 9.18
C SER A 25 1.92 9.11 10.55
N THR A 26 1.15 8.05 10.71
CA THR A 26 1.08 7.32 11.98
C THR A 26 1.57 5.89 11.82
N GLY A 27 1.15 5.25 10.73
CA GLY A 27 1.54 3.88 10.47
C GLY A 27 0.54 2.87 11.00
N CYS A 28 -0.74 3.19 10.84
CA CYS A 28 -1.81 2.30 11.30
C CYS A 28 -2.83 2.05 10.20
N LYS A 29 -3.46 0.88 10.23
CA LYS A 29 -4.45 0.53 9.23
C LYS A 29 -5.53 -0.38 9.82
N TYR A 30 -6.68 0.21 10.15
CA TYR A 30 -7.78 -0.54 10.74
C TYR A 30 -8.39 -1.50 9.72
N GLU A 31 -9.14 -2.48 10.20
CA GLU A 31 -9.78 -3.46 9.34
C GLU A 31 -11.00 -2.87 8.64
N CYS A 32 -11.26 -3.32 7.43
CA CYS A 32 -12.40 -2.83 6.66
C CYS A 32 -13.71 -3.23 7.32
N LEU A 33 -14.66 -2.29 7.37
CA LEU A 33 -15.96 -2.54 7.98
C LEU A 33 -16.61 -3.79 7.38
N LYS A 34 -17.11 -3.66 6.15
CA LYS A 34 -17.75 -4.77 5.47
C LYS A 34 -16.78 -5.44 4.50
N LEU A 35 -16.72 -6.77 4.55
CA LEU A 35 -15.84 -7.53 3.68
C LEU A 35 -16.36 -7.53 2.24
N GLY A 36 -15.69 -6.78 1.39
CA GLY A 36 -16.09 -6.70 -0.01
C GLY A 36 -17.08 -5.59 -0.27
N ASP A 37 -17.38 -5.34 -1.53
CA ASP A 37 -18.31 -4.29 -1.92
C ASP A 37 -17.93 -2.97 -1.26
N ASN A 38 -16.70 -2.53 -1.47
CA ASN A 38 -16.21 -1.28 -0.89
C ASN A 38 -15.24 -0.60 -1.85
N ASP A 39 -15.30 0.73 -1.89
CA ASP A 39 -14.42 1.51 -2.75
C ASP A 39 -13.51 2.41 -1.92
N TYR A 40 -13.23 2.00 -0.69
CA TYR A 40 -12.38 2.78 0.20
C TYR A 40 -10.90 2.56 -0.14
N CYS A 41 -10.59 1.38 -0.68
CA CYS A 41 -9.22 1.06 -1.06
C CYS A 41 -8.87 1.65 -2.42
N LEU A 42 -9.89 1.84 -3.25
CA LEU A 42 -9.70 2.40 -4.59
C LEU A 42 -9.60 3.92 -4.53
N ARG A 43 -9.84 4.48 -3.35
CA ARG A 43 -9.78 5.93 -3.17
C ARG A 43 -8.57 6.32 -2.33
N GLU A 44 -8.24 5.48 -1.35
CA GLU A 44 -7.11 5.74 -0.47
C GLU A 44 -5.79 5.52 -1.21
N CYS A 45 -5.60 4.32 -1.73
CA CYS A 45 -4.39 3.97 -2.47
C CYS A 45 -4.25 4.84 -3.71
N LYS A 46 -5.34 5.47 -4.12
CA LYS A 46 -5.34 6.33 -5.29
C LYS A 46 -4.76 7.70 -4.97
N GLN A 47 -5.22 8.28 -3.88
CA GLN A 47 -4.75 9.61 -3.46
C GLN A 47 -3.26 9.56 -3.13
N GLN A 48 -2.79 8.40 -2.68
CA GLN A 48 -1.38 8.24 -2.33
C GLN A 48 -0.58 7.79 -3.55
N TYR A 49 -1.08 6.76 -4.23
CA TYR A 49 -0.39 6.24 -5.41
C TYR A 49 -1.15 6.61 -6.69
N GLY A 50 -2.33 6.05 -6.87
CA GLY A 50 -3.12 6.33 -8.05
C GLY A 50 -2.36 6.09 -9.33
N LYS A 51 -2.27 4.83 -9.73
CA LYS A 51 -1.56 4.46 -10.95
C LYS A 51 -1.65 2.96 -11.21
N SER A 52 -2.60 2.56 -12.05
CA SER A 52 -2.80 1.15 -12.36
C SER A 52 -3.12 0.34 -11.11
N SER A 53 -3.56 1.04 -10.07
CA SER A 53 -3.89 0.39 -8.80
C SER A 53 -5.39 0.07 -8.74
N GLY A 54 -5.80 -0.56 -7.64
CA GLY A 54 -7.20 -0.92 -7.48
C GLY A 54 -7.38 -2.21 -6.71
N GLY A 55 -7.52 -2.09 -5.39
CA GLY A 55 -7.69 -3.27 -4.56
C GLY A 55 -9.10 -3.38 -4.01
N TYR A 56 -9.28 -4.26 -3.03
CA TYR A 56 -10.59 -4.46 -2.42
C TYR A 56 -10.46 -4.78 -0.93
N CYS A 57 -11.59 -4.81 -0.24
CA CYS A 57 -11.61 -5.10 1.19
C CYS A 57 -11.39 -6.59 1.45
N TYR A 58 -10.13 -7.02 1.41
CA TYR A 58 -9.78 -8.41 1.64
C TYR A 58 -10.32 -8.89 2.99
N ALA A 59 -10.11 -10.17 3.27
CA ALA A 59 -10.57 -10.77 4.52
C ALA A 59 -10.02 -10.00 5.73
N PHE A 60 -8.70 -10.02 5.88
CA PHE A 60 -8.06 -9.33 6.99
C PHE A 60 -8.47 -7.86 7.03
N ALA A 61 -7.95 -7.08 6.10
CA ALA A 61 -8.26 -5.66 6.02
C ALA A 61 -8.12 -5.13 4.60
N CYS A 62 -8.17 -3.81 4.45
CA CYS A 62 -8.05 -3.18 3.14
C CYS A 62 -6.74 -3.59 2.46
N TRP A 63 -6.84 -4.55 1.55
CA TRP A 63 -5.67 -5.03 0.83
C TRP A 63 -5.52 -4.30 -0.52
N CYS A 64 -4.38 -3.63 -0.69
CA CYS A 64 -4.12 -2.90 -1.92
C CYS A 64 -3.26 -3.72 -2.87
N THR A 65 -3.39 -3.46 -4.17
CA THR A 65 -2.62 -4.18 -5.18
C THR A 65 -2.01 -3.21 -6.19
N HIS A 66 -0.97 -3.67 -6.87
CA HIS A 66 -0.29 -2.85 -7.88
C HIS A 66 0.23 -1.57 -7.25
N LEU A 67 1.14 -1.71 -6.28
CA LEU A 67 1.72 -0.55 -5.61
C LEU A 67 3.04 -0.15 -6.25
N TYR A 68 3.37 1.14 -6.15
CA TYR A 68 4.60 1.65 -6.73
C TYR A 68 5.82 0.99 -6.08
N GLU A 69 7.00 1.53 -6.38
CA GLU A 69 8.24 1.00 -5.82
C GLU A 69 8.53 1.60 -4.44
N GLN A 70 7.98 2.78 -4.20
CA GLN A 70 8.18 3.47 -2.93
C GLN A 70 6.90 3.46 -2.11
N ALA A 71 6.22 2.31 -2.09
CA ALA A 71 4.97 2.17 -1.33
C ALA A 71 5.17 1.25 -0.14
N VAL A 72 5.34 1.83 1.04
CA VAL A 72 5.53 1.05 2.26
C VAL A 72 4.33 0.16 2.54
N VAL A 73 4.58 -1.01 3.11
CA VAL A 73 3.50 -1.94 3.44
C VAL A 73 3.46 -2.22 4.94
N TRP A 74 2.40 -2.90 5.37
CA TRP A 74 2.24 -3.23 6.78
C TRP A 74 2.46 -4.72 7.02
N PRO A 75 3.71 -5.08 7.35
CA PRO A 75 4.10 -6.47 7.61
C PRO A 75 3.50 -7.00 8.91
N LEU A 76 3.60 -6.21 9.97
CA LEU A 76 3.08 -6.59 11.27
C LEU A 76 3.73 -7.88 11.77
N PRO A 77 5.00 -7.77 12.17
CA PRO A 77 5.77 -8.91 12.68
C PRO A 77 5.28 -9.39 14.04
N ASN A 78 4.42 -10.40 14.04
CA ASN A 78 3.88 -10.95 15.27
C ASN A 78 3.34 -9.83 16.17
N LYS A 79 2.64 -8.88 15.57
CA LYS A 79 2.08 -7.76 16.32
C LYS A 79 0.98 -7.06 15.51
N THR A 80 0.39 -6.03 16.10
CA THR A 80 -0.67 -5.28 15.43
C THR A 80 -0.76 -3.86 15.97
N CYS A 81 -1.22 -2.94 15.14
CA CYS A 81 -1.36 -1.54 15.53
C CYS A 81 -2.15 -1.42 16.83
N ASN A 82 -3.37 -1.94 16.83
CA ASN A 82 -4.22 -1.89 18.02
C ASN A 82 -4.19 -3.22 18.77
N MET A 1 42.86 7.15 9.57
CA MET A 1 42.02 8.19 8.99
C MET A 1 41.18 7.64 7.84
N ARG A 2 40.68 6.42 8.01
CA ARG A 2 39.86 5.77 7.00
C ARG A 2 38.40 5.71 7.43
N GLY A 3 37.50 5.89 6.49
CA GLY A 3 36.08 5.84 6.80
C GLY A 3 35.42 4.58 6.28
N SER A 4 34.25 4.26 6.84
CA SER A 4 33.51 3.07 6.42
C SER A 4 32.13 3.43 5.90
N HIS A 5 31.96 3.37 4.59
CA HIS A 5 30.68 3.69 3.97
C HIS A 5 29.69 2.54 4.12
N HIS A 6 29.11 2.41 5.31
CA HIS A 6 28.15 1.34 5.57
C HIS A 6 27.29 1.69 6.79
N HIS A 7 25.99 1.80 6.58
CA HIS A 7 25.06 2.12 7.66
C HIS A 7 23.86 1.16 7.66
N HIS A 8 23.10 1.20 6.57
CA HIS A 8 21.93 0.34 6.44
C HIS A 8 21.32 0.45 5.04
N HIS A 9 20.65 -0.61 4.61
CA HIS A 9 20.03 -0.63 3.29
C HIS A 9 19.16 -1.88 3.12
N HIS A 10 18.04 -1.72 2.41
CA HIS A 10 17.13 -2.84 2.18
C HIS A 10 16.45 -2.70 0.82
N GLY A 11 15.57 -3.64 0.51
CA GLY A 11 14.86 -3.61 -0.76
C GLY A 11 15.73 -4.07 -1.92
N SER A 12 15.99 -5.37 -2.00
CA SER A 12 16.81 -5.94 -3.05
C SER A 12 15.94 -6.43 -4.21
N ILE A 13 14.72 -6.82 -3.89
CA ILE A 13 13.78 -7.31 -4.91
C ILE A 13 12.90 -6.18 -5.43
N GLU A 14 13.06 -5.85 -6.70
CA GLU A 14 12.28 -4.79 -7.33
C GLU A 14 11.22 -5.38 -8.27
N GLY A 15 9.96 -5.19 -7.92
CA GLY A 15 8.88 -5.71 -8.74
C GLY A 15 7.60 -4.91 -8.57
N ARG A 16 6.47 -5.56 -8.85
CA ARG A 16 5.17 -4.90 -8.74
C ARG A 16 4.34 -5.55 -7.64
N LYS A 17 5.01 -6.13 -6.66
CA LYS A 17 4.33 -6.77 -5.53
C LYS A 17 3.37 -5.82 -4.86
N GLU A 18 2.24 -6.35 -4.39
CA GLU A 18 1.23 -5.55 -3.72
C GLU A 18 1.65 -5.23 -2.28
N GLY A 19 0.75 -4.60 -1.54
CA GLY A 19 1.05 -4.25 -0.16
C GLY A 19 -0.05 -3.43 0.49
N TYR A 20 0.18 -2.99 1.71
CA TYR A 20 -0.80 -2.18 2.44
C TYR A 20 -0.80 -0.74 1.95
N LEU A 21 -1.81 0.01 2.36
CA LEU A 21 -1.92 1.41 1.96
C LEU A 21 -1.41 2.34 3.05
N VAL A 22 -0.69 1.76 4.02
CA VAL A 22 -0.14 2.53 5.13
C VAL A 22 0.64 3.74 4.62
N SER A 23 0.12 4.93 4.87
CA SER A 23 0.76 6.16 4.43
C SER A 23 1.99 6.46 5.28
N LYS A 24 2.54 7.66 5.12
CA LYS A 24 3.72 8.07 5.87
C LYS A 24 3.35 9.08 6.95
N SER A 25 2.07 9.40 7.04
CA SER A 25 1.59 10.37 8.02
C SER A 25 0.55 9.72 8.94
N THR A 26 -0.39 9.00 8.34
CA THR A 26 -1.45 8.34 9.10
C THR A 26 -1.95 7.08 8.38
N GLY A 27 -1.14 6.03 8.42
CA GLY A 27 -1.51 4.78 7.77
C GLY A 27 -1.97 3.73 8.76
N CYS A 28 -2.34 4.16 9.95
CA CYS A 28 -2.80 3.24 10.99
C CYS A 28 -4.11 2.57 10.58
N LYS A 29 -4.00 1.42 9.93
CA LYS A 29 -5.18 0.67 9.49
C LYS A 29 -5.64 -0.30 10.57
N TYR A 30 -6.95 -0.51 10.64
CA TYR A 30 -7.53 -1.41 11.63
C TYR A 30 -8.11 -2.65 10.96
N GLU A 31 -9.21 -2.46 10.23
CA GLU A 31 -9.86 -3.56 9.53
C GLU A 31 -11.07 -3.07 8.75
N CYS A 32 -11.80 -4.00 8.14
CA CYS A 32 -12.98 -3.66 7.37
C CYS A 32 -14.10 -4.67 7.61
N LEU A 33 -15.33 -4.18 7.66
CA LEU A 33 -16.49 -5.04 7.90
C LEU A 33 -17.12 -5.47 6.57
N LYS A 34 -17.06 -4.60 5.57
CA LYS A 34 -17.62 -4.88 4.27
C LYS A 34 -16.58 -5.55 3.37
N LEU A 35 -16.58 -6.88 3.36
CA LEU A 35 -15.63 -7.63 2.54
C LEU A 35 -16.06 -7.64 1.07
N GLY A 36 -15.43 -6.77 0.28
CA GLY A 36 -15.76 -6.69 -1.13
C GLY A 36 -15.59 -5.29 -1.68
N ASP A 37 -16.43 -4.93 -2.65
CA ASP A 37 -16.37 -3.61 -3.26
C ASP A 37 -16.51 -2.51 -2.21
N ASN A 38 -15.38 -1.94 -1.82
CA ASN A 38 -15.37 -0.87 -0.82
C ASN A 38 -14.85 0.43 -1.41
N ASP A 39 -14.86 1.48 -0.59
CA ASP A 39 -14.39 2.79 -1.03
C ASP A 39 -13.16 3.22 -0.24
N TYR A 40 -12.95 2.57 0.90
CA TYR A 40 -11.81 2.90 1.76
C TYR A 40 -10.50 2.72 1.02
N CYS A 41 -10.25 1.50 0.54
CA CYS A 41 -9.03 1.20 -0.19
C CYS A 41 -9.02 1.90 -1.55
N LEU A 42 -10.16 2.43 -1.94
CA LEU A 42 -10.28 3.15 -3.21
C LEU A 42 -10.01 4.63 -3.03
N ARG A 43 -10.14 5.10 -1.80
CA ARG A 43 -9.92 6.52 -1.50
C ARG A 43 -8.50 6.74 -0.97
N GLU A 44 -7.92 5.69 -0.39
CA GLU A 44 -6.57 5.77 0.16
C GLU A 44 -5.53 5.60 -0.96
N CYS A 45 -5.83 4.75 -1.92
CA CYS A 45 -4.92 4.48 -3.03
C CYS A 45 -5.22 5.43 -4.19
N LYS A 46 -6.03 6.45 -3.94
CA LYS A 46 -6.38 7.42 -4.96
C LYS A 46 -5.39 8.58 -4.98
N GLN A 47 -4.29 8.43 -4.24
CA GLN A 47 -3.27 9.46 -4.18
C GLN A 47 -2.17 9.20 -5.19
N GLN A 48 -2.48 8.38 -6.20
CA GLN A 48 -1.52 8.05 -7.25
C GLN A 48 -0.32 7.30 -6.66
N TYR A 49 -0.57 6.09 -6.18
CA TYR A 49 0.48 5.27 -5.60
C TYR A 49 0.93 4.18 -6.57
N GLY A 50 -0.02 3.67 -7.35
CA GLY A 50 0.29 2.63 -8.31
C GLY A 50 -0.28 2.91 -9.68
N LYS A 51 0.44 2.52 -10.72
CA LYS A 51 0.00 2.74 -12.09
C LYS A 51 -1.41 2.21 -12.30
N SER A 52 -1.66 0.98 -11.84
CA SER A 52 -2.98 0.37 -11.98
C SER A 52 -3.56 0.04 -10.61
N SER A 53 -3.40 0.95 -9.66
CA SER A 53 -3.91 0.75 -8.31
C SER A 53 -5.38 0.34 -8.33
N GLY A 54 -5.81 -0.35 -7.28
CA GLY A 54 -7.19 -0.79 -7.21
C GLY A 54 -7.37 -1.99 -6.30
N GLY A 55 -7.58 -1.72 -5.02
CA GLY A 55 -7.77 -2.80 -4.06
C GLY A 55 -9.14 -2.77 -3.41
N TYR A 56 -9.35 -3.66 -2.44
CA TYR A 56 -10.63 -3.74 -1.75
C TYR A 56 -10.45 -4.23 -0.31
N CYS A 57 -11.55 -4.52 0.35
CA CYS A 57 -11.51 -5.00 1.73
C CYS A 57 -11.18 -6.48 1.79
N TYR A 58 -9.89 -6.79 1.70
CA TYR A 58 -9.43 -8.18 1.74
C TYR A 58 -9.94 -8.88 3.00
N ALA A 59 -9.66 -10.18 3.09
CA ALA A 59 -10.08 -10.98 4.23
C ALA A 59 -9.65 -10.32 5.53
N PHE A 60 -8.34 -10.14 5.70
CA PHE A 60 -7.80 -9.52 6.90
C PHE A 60 -8.24 -8.07 7.02
N ALA A 61 -7.65 -7.20 6.21
CA ALA A 61 -7.99 -5.79 6.22
C ALA A 61 -7.77 -5.16 4.85
N CYS A 62 -7.82 -3.83 4.80
CA CYS A 62 -7.63 -3.10 3.55
C CYS A 62 -6.35 -3.55 2.86
N TRP A 63 -6.48 -3.99 1.61
CA TRP A 63 -5.33 -4.45 0.83
C TRP A 63 -5.32 -3.81 -0.56
N CYS A 64 -4.27 -3.07 -0.85
CA CYS A 64 -4.14 -2.41 -2.15
C CYS A 64 -3.35 -3.27 -3.13
N THR A 65 -3.55 -3.03 -4.42
CA THR A 65 -2.84 -3.79 -5.46
C THR A 65 -2.06 -2.86 -6.37
N HIS A 66 -1.16 -3.45 -7.16
CA HIS A 66 -0.34 -2.67 -8.09
C HIS A 66 0.45 -1.59 -7.34
N LEU A 67 0.94 -1.94 -6.16
CA LEU A 67 1.71 -1.01 -5.34
C LEU A 67 3.21 -1.17 -5.62
N TYR A 68 3.93 -0.06 -5.56
CA TYR A 68 5.38 -0.07 -5.80
C TYR A 68 6.12 -0.59 -4.58
N GLU A 69 7.45 -0.65 -4.68
CA GLU A 69 8.29 -1.12 -3.60
C GLU A 69 8.50 -0.03 -2.55
N GLN A 70 8.64 1.21 -3.02
CA GLN A 70 8.85 2.35 -2.13
C GLN A 70 7.69 2.49 -1.15
N ALA A 71 6.53 1.99 -1.54
CA ALA A 71 5.34 2.06 -0.69
C ALA A 71 5.45 1.11 0.49
N VAL A 72 5.80 1.64 1.65
CA VAL A 72 5.93 0.83 2.86
C VAL A 72 4.63 0.10 3.18
N VAL A 73 4.75 -1.05 3.82
CA VAL A 73 3.59 -1.85 4.19
C VAL A 73 3.39 -1.86 5.71
N TRP A 74 2.35 -2.55 6.16
CA TRP A 74 2.05 -2.64 7.58
C TRP A 74 2.19 -4.08 8.08
N PRO A 75 3.40 -4.42 8.56
CA PRO A 75 3.69 -5.76 9.06
C PRO A 75 2.99 -6.04 10.39
N LEU A 76 1.71 -6.40 10.30
CA LEU A 76 0.92 -6.70 11.50
C LEU A 76 -0.11 -7.78 11.21
N PRO A 77 0.38 -9.00 10.96
CA PRO A 77 -0.49 -10.15 10.67
C PRO A 77 -1.28 -10.61 11.90
N ASN A 78 -0.90 -10.09 13.07
CA ASN A 78 -1.57 -10.45 14.31
C ASN A 78 -1.76 -9.22 15.20
N LYS A 79 -0.69 -8.46 15.39
CA LYS A 79 -0.75 -7.26 16.21
C LYS A 79 -1.05 -6.03 15.35
N THR A 80 -2.33 -5.74 15.17
CA THR A 80 -2.76 -4.60 14.38
C THR A 80 -2.28 -3.30 15.01
N CYS A 81 -2.43 -2.21 14.25
CA CYS A 81 -2.01 -0.89 14.73
C CYS A 81 -2.63 -0.59 16.09
N ASN A 82 -3.82 -1.12 16.34
CA ASN A 82 -4.51 -0.92 17.60
C ASN A 82 -3.70 -1.47 18.77
N MET A 1 26.21 8.09 30.70
CA MET A 1 24.83 8.57 30.69
C MET A 1 24.58 9.50 29.51
N ARG A 2 25.18 9.18 28.37
CA ARG A 2 25.02 9.99 27.16
C ARG A 2 24.13 9.29 26.15
N GLY A 3 24.67 8.26 25.50
CA GLY A 3 23.92 7.53 24.51
C GLY A 3 23.62 8.35 23.27
N SER A 4 22.93 7.75 22.31
CA SER A 4 22.59 8.43 21.06
C SER A 4 21.12 8.79 21.02
N HIS A 5 20.70 9.42 19.93
CA HIS A 5 19.30 9.83 19.76
C HIS A 5 18.67 9.12 18.57
N HIS A 6 19.50 8.80 17.58
CA HIS A 6 19.03 8.11 16.38
C HIS A 6 18.88 6.62 16.61
N HIS A 7 17.89 6.25 17.43
CA HIS A 7 17.64 4.85 17.75
C HIS A 7 16.28 4.41 17.24
N HIS A 8 15.87 4.97 16.10
CA HIS A 8 14.57 4.64 15.51
C HIS A 8 14.73 4.26 14.04
N HIS A 9 14.91 2.97 13.79
CA HIS A 9 15.07 2.46 12.43
C HIS A 9 15.08 0.94 12.41
N HIS A 10 14.03 0.36 11.82
CA HIS A 10 13.92 -1.09 11.73
C HIS A 10 12.93 -1.49 10.63
N GLY A 11 13.23 -2.59 9.96
CA GLY A 11 12.36 -3.07 8.89
C GLY A 11 12.87 -2.68 7.52
N SER A 12 13.36 -3.67 6.78
CA SER A 12 13.90 -3.44 5.44
C SER A 12 13.37 -4.48 4.45
N ILE A 13 12.12 -4.30 4.04
CA ILE A 13 11.50 -5.21 3.09
C ILE A 13 10.82 -4.47 1.96
N GLU A 14 11.33 -4.65 0.74
CA GLU A 14 10.77 -3.99 -0.43
C GLU A 14 10.27 -5.01 -1.44
N GLY A 15 9.74 -4.53 -2.57
CA GLY A 15 9.23 -5.41 -3.60
C GLY A 15 8.08 -4.79 -4.38
N ARG A 16 7.79 -5.36 -5.54
CA ARG A 16 6.72 -4.85 -6.39
C ARG A 16 5.46 -5.69 -6.23
N LYS A 17 5.24 -6.20 -5.03
CA LYS A 17 4.08 -7.02 -4.73
C LYS A 17 3.05 -6.23 -3.91
N GLU A 18 1.81 -6.73 -3.88
CA GLU A 18 0.75 -6.08 -3.13
C GLU A 18 1.19 -5.80 -1.70
N GLY A 19 0.39 -5.00 -1.00
CA GLY A 19 0.70 -4.67 0.39
C GLY A 19 -0.40 -3.90 1.07
N TYR A 20 -0.04 -2.86 1.80
CA TYR A 20 -1.01 -2.03 2.51
C TYR A 20 -0.90 -0.57 2.09
N LEU A 21 -1.75 0.26 2.67
CA LEU A 21 -1.76 1.69 2.35
C LEU A 21 -1.20 2.51 3.51
N VAL A 22 -0.64 1.82 4.50
CA VAL A 22 -0.07 2.48 5.67
C VAL A 22 0.97 3.51 5.26
N SER A 23 1.00 4.64 5.98
CA SER A 23 1.94 5.71 5.69
C SER A 23 2.90 5.93 6.85
N LYS A 24 3.74 6.94 6.73
CA LYS A 24 4.70 7.26 7.78
C LYS A 24 4.10 8.20 8.81
N SER A 25 3.09 8.98 8.38
CA SER A 25 2.44 9.93 9.27
C SER A 25 1.93 9.24 10.53
N THR A 26 0.85 8.48 10.40
CA THR A 26 0.27 7.76 11.53
C THR A 26 0.89 6.38 11.69
N GLY A 27 0.52 5.47 10.79
CA GLY A 27 1.04 4.12 10.85
C GLY A 27 0.01 3.11 11.31
N CYS A 28 -1.18 3.17 10.72
CA CYS A 28 -2.26 2.25 11.08
C CYS A 28 -3.15 1.98 9.87
N LYS A 29 -4.00 0.97 10.00
CA LYS A 29 -4.92 0.60 8.93
C LYS A 29 -6.22 0.02 9.49
N TYR A 30 -7.29 0.80 9.39
CA TYR A 30 -8.60 0.38 9.89
C TYR A 30 -9.27 -0.59 8.91
N GLU A 31 -9.47 -1.82 9.35
CA GLU A 31 -10.11 -2.83 8.50
C GLU A 31 -11.41 -2.30 7.91
N CYS A 32 -11.75 -2.78 6.72
CA CYS A 32 -12.98 -2.36 6.05
C CYS A 32 -14.20 -3.03 6.66
N LEU A 33 -13.96 -3.98 7.56
CA LEU A 33 -15.04 -4.71 8.21
C LEU A 33 -16.00 -5.29 7.18
N LYS A 34 -15.49 -5.61 6.01
CA LYS A 34 -16.31 -6.18 4.94
C LYS A 34 -15.47 -7.05 4.01
N LEU A 35 -16.12 -7.64 3.02
CA LEU A 35 -15.43 -8.50 2.07
C LEU A 35 -15.92 -8.23 0.64
N GLY A 36 -15.65 -7.03 0.15
CA GLY A 36 -16.05 -6.67 -1.20
C GLY A 36 -17.15 -5.62 -1.20
N ASP A 37 -17.18 -4.79 -0.16
CA ASP A 37 -18.19 -3.75 -0.06
C ASP A 37 -17.59 -2.49 0.57
N ASN A 38 -16.66 -1.86 -0.15
CA ASN A 38 -16.01 -0.65 0.33
C ASN A 38 -15.37 0.12 -0.82
N ASP A 39 -15.30 1.45 -0.68
CA ASP A 39 -14.71 2.29 -1.70
C ASP A 39 -13.47 3.00 -1.17
N TYR A 40 -13.33 3.03 0.14
CA TYR A 40 -12.19 3.68 0.78
C TYR A 40 -10.88 3.05 0.33
N CYS A 41 -10.96 1.78 -0.09
CA CYS A 41 -9.78 1.07 -0.55
C CYS A 41 -9.52 1.33 -2.02
N LEU A 42 -10.42 2.07 -2.66
CA LEU A 42 -10.29 2.40 -4.07
C LEU A 42 -10.09 3.90 -4.27
N ARG A 43 -9.87 4.61 -3.16
CA ARG A 43 -9.67 6.05 -3.21
C ARG A 43 -8.48 6.46 -2.36
N GLU A 44 -8.34 5.83 -1.19
CA GLU A 44 -7.25 6.13 -0.28
C GLU A 44 -5.90 5.80 -0.92
N CYS A 45 -5.92 4.88 -1.88
CA CYS A 45 -4.70 4.47 -2.58
C CYS A 45 -4.55 5.23 -3.89
N LYS A 46 -5.25 6.35 -4.00
CA LYS A 46 -5.19 7.17 -5.21
C LYS A 46 -5.19 8.66 -4.85
N GLN A 47 -4.76 8.97 -3.64
CA GLN A 47 -4.71 10.35 -3.18
C GLN A 47 -3.31 10.92 -3.30
N GLN A 48 -2.34 10.22 -2.71
CA GLN A 48 -0.95 10.65 -2.75
C GLN A 48 -0.06 9.55 -3.31
N TYR A 49 -0.38 8.30 -2.99
CA TYR A 49 0.39 7.16 -3.45
C TYR A 49 0.41 7.10 -4.97
N GLY A 50 -0.56 7.77 -5.60
CA GLY A 50 -0.64 7.77 -7.05
C GLY A 50 -0.71 6.38 -7.63
N LYS A 51 -1.91 5.83 -7.68
CA LYS A 51 -2.11 4.48 -8.22
C LYS A 51 -3.59 4.12 -8.26
N SER A 52 -4.13 3.98 -9.46
CA SER A 52 -5.54 3.64 -9.63
C SER A 52 -5.74 2.13 -9.68
N SER A 53 -4.88 1.41 -8.96
CA SER A 53 -4.96 -0.05 -8.92
C SER A 53 -6.33 -0.51 -8.44
N GLY A 54 -6.48 -1.83 -8.27
CA GLY A 54 -7.74 -2.37 -7.82
C GLY A 54 -7.64 -2.98 -6.43
N GLY A 55 -8.00 -2.18 -5.42
CA GLY A 55 -7.94 -2.66 -4.05
C GLY A 55 -9.26 -3.24 -3.58
N TYR A 56 -9.18 -4.23 -2.71
CA TYR A 56 -10.38 -4.87 -2.18
C TYR A 56 -10.16 -5.36 -0.75
N CYS A 57 -11.17 -6.03 -0.19
CA CYS A 57 -11.08 -6.55 1.16
C CYS A 57 -10.59 -8.00 1.16
N TYR A 58 -9.52 -8.26 1.89
CA TYR A 58 -8.96 -9.61 1.97
C TYR A 58 -9.27 -10.25 3.31
N ALA A 59 -10.46 -9.96 3.84
CA ALA A 59 -10.88 -10.52 5.12
C ALA A 59 -9.88 -10.19 6.22
N PHE A 60 -9.17 -9.08 6.05
CA PHE A 60 -8.17 -8.66 7.03
C PHE A 60 -8.06 -7.13 7.06
N ALA A 61 -7.91 -6.54 5.88
CA ALA A 61 -7.79 -5.08 5.78
C ALA A 61 -7.73 -4.64 4.32
N CYS A 62 -7.53 -3.35 4.10
CA CYS A 62 -7.45 -2.80 2.75
C CYS A 62 -6.18 -3.28 2.04
N TRP A 63 -6.27 -4.45 1.42
CA TRP A 63 -5.14 -5.03 0.70
C TRP A 63 -5.03 -4.44 -0.71
N CYS A 64 -4.50 -3.21 -0.79
CA CYS A 64 -4.34 -2.55 -2.07
C CYS A 64 -3.41 -3.34 -2.98
N THR A 65 -3.99 -3.98 -4.00
CA THR A 65 -3.21 -4.77 -4.94
C THR A 65 -2.67 -3.90 -6.07
N HIS A 66 -1.94 -4.52 -6.99
CA HIS A 66 -1.36 -3.80 -8.13
C HIS A 66 -0.61 -2.57 -7.65
N LEU A 67 0.28 -2.75 -6.68
CA LEU A 67 1.07 -1.65 -6.15
C LEU A 67 2.52 -1.74 -6.61
N TYR A 68 3.33 -0.76 -6.22
CA TYR A 68 4.73 -0.72 -6.58
C TYR A 68 5.63 -0.63 -5.35
N GLU A 69 6.92 -0.84 -5.56
CA GLU A 69 7.88 -0.78 -4.45
C GLU A 69 7.87 0.60 -3.80
N GLN A 70 7.68 1.63 -4.62
CA GLN A 70 7.66 2.99 -4.12
C GLN A 70 6.54 3.18 -3.10
N ALA A 71 5.56 2.28 -3.13
CA ALA A 71 4.42 2.35 -2.20
C ALA A 71 4.72 1.57 -0.93
N VAL A 72 4.93 2.30 0.17
CA VAL A 72 5.22 1.67 1.45
C VAL A 72 4.14 0.65 1.82
N VAL A 73 4.54 -0.37 2.56
CA VAL A 73 3.61 -1.41 2.99
C VAL A 73 3.47 -1.45 4.50
N TRP A 74 2.61 -2.33 5.00
CA TRP A 74 2.40 -2.46 6.44
C TRP A 74 2.83 -3.84 6.93
N PRO A 75 4.16 -4.06 6.93
CA PRO A 75 4.74 -5.33 7.38
C PRO A 75 4.61 -5.53 8.89
N LEU A 76 5.01 -4.52 9.66
CA LEU A 76 4.93 -4.58 11.11
C LEU A 76 5.50 -5.91 11.63
N PRO A 77 6.84 -6.01 11.61
CA PRO A 77 7.54 -7.21 12.07
C PRO A 77 7.45 -7.39 13.58
N ASN A 78 6.71 -8.40 14.02
CA ASN A 78 6.54 -8.67 15.43
C ASN A 78 5.84 -7.51 16.13
N LYS A 79 4.74 -7.05 15.55
CA LYS A 79 3.97 -5.95 16.11
C LYS A 79 2.68 -5.73 15.33
N THR A 80 1.77 -4.95 15.91
CA THR A 80 0.49 -4.66 15.26
C THR A 80 -0.08 -3.34 15.75
N CYS A 81 -1.05 -2.80 15.01
CA CYS A 81 -1.69 -1.54 15.37
C CYS A 81 -3.11 -1.77 15.87
N ASN A 82 -3.48 -1.04 16.92
CA ASN A 82 -4.82 -1.17 17.50
C ASN A 82 -5.84 -0.42 16.66
N MET A 1 15.36 14.16 -17.88
CA MET A 1 16.01 13.09 -17.13
C MET A 1 17.34 13.55 -16.55
N ARG A 2 17.27 14.54 -15.66
CA ARG A 2 18.47 15.07 -15.02
C ARG A 2 18.26 15.27 -13.53
N GLY A 3 19.36 15.41 -12.79
CA GLY A 3 19.27 15.60 -11.36
C GLY A 3 20.40 14.92 -10.61
N SER A 4 20.62 15.34 -9.36
CA SER A 4 21.68 14.77 -8.55
C SER A 4 21.19 14.48 -7.14
N HIS A 5 21.96 13.69 -6.39
CA HIS A 5 21.59 13.35 -5.02
C HIS A 5 22.83 13.09 -4.18
N HIS A 6 22.70 13.28 -2.87
CA HIS A 6 23.82 13.07 -1.94
C HIS A 6 23.40 12.16 -0.79
N HIS A 7 23.29 10.87 -1.07
CA HIS A 7 22.90 9.90 -0.05
C HIS A 7 23.22 8.48 -0.51
N HIS A 8 23.43 7.59 0.46
CA HIS A 8 23.75 6.20 0.16
C HIS A 8 22.56 5.49 -0.50
N HIS A 9 22.84 4.47 -1.29
CA HIS A 9 21.79 3.72 -1.97
C HIS A 9 21.39 2.49 -1.16
N HIS A 10 20.98 2.71 0.08
CA HIS A 10 20.58 1.61 0.96
C HIS A 10 19.09 1.31 0.80
N GLY A 11 18.78 0.23 0.09
CA GLY A 11 17.40 -0.16 -0.12
C GLY A 11 17.11 -0.50 -1.57
N SER A 12 18.01 -1.27 -2.19
CA SER A 12 17.85 -1.67 -3.57
C SER A 12 17.04 -2.96 -3.68
N ILE A 13 15.86 -2.97 -3.05
CA ILE A 13 15.00 -4.14 -3.08
C ILE A 13 14.05 -4.10 -4.28
N GLU A 14 14.13 -5.13 -5.12
CA GLU A 14 13.28 -5.22 -6.30
C GLU A 14 12.00 -6.00 -6.00
N GLY A 15 10.92 -5.65 -6.69
CA GLY A 15 9.66 -6.32 -6.49
C GLY A 15 8.50 -5.36 -6.40
N ARG A 16 7.59 -5.43 -7.37
CA ARG A 16 6.42 -4.55 -7.40
C ARG A 16 5.21 -5.25 -6.80
N LYS A 17 5.45 -6.14 -5.85
CA LYS A 17 4.37 -6.88 -5.20
C LYS A 17 3.37 -5.93 -4.55
N GLU A 18 2.13 -6.40 -4.39
CA GLU A 18 1.10 -5.58 -3.78
C GLU A 18 1.42 -5.29 -2.32
N GLY A 19 0.47 -4.66 -1.62
CA GLY A 19 0.67 -4.33 -0.23
C GLY A 19 -0.56 -3.70 0.40
N TYR A 20 -0.34 -2.88 1.42
CA TYR A 20 -1.44 -2.21 2.12
C TYR A 20 -1.52 -0.74 1.72
N LEU A 21 -2.51 -0.04 2.26
CA LEU A 21 -2.69 1.38 1.97
C LEU A 21 -1.99 2.25 3.01
N VAL A 22 -1.13 1.62 3.82
CA VAL A 22 -0.40 2.34 4.86
C VAL A 22 0.31 3.56 4.27
N SER A 23 -0.02 4.74 4.79
CA SER A 23 0.58 5.97 4.33
C SER A 23 1.63 6.47 5.31
N LYS A 24 2.22 7.62 5.01
CA LYS A 24 3.25 8.20 5.87
C LYS A 24 2.64 9.20 6.85
N SER A 25 1.53 9.82 6.45
CA SER A 25 0.85 10.80 7.28
C SER A 25 0.57 10.23 8.67
N THR A 26 -0.20 9.16 8.71
CA THR A 26 -0.54 8.51 9.98
C THR A 26 0.25 7.22 10.17
N GLY A 27 -0.13 6.19 9.42
CA GLY A 27 0.56 4.92 9.52
C GLY A 27 -0.10 3.98 10.51
N CYS A 28 -1.26 3.45 10.15
CA CYS A 28 -1.99 2.54 11.02
C CYS A 28 -3.10 1.82 10.26
N LYS A 29 -3.28 0.54 10.55
CA LYS A 29 -4.31 -0.26 9.89
C LYS A 29 -4.95 -1.24 10.87
N TYR A 30 -6.24 -1.48 10.69
CA TYR A 30 -6.97 -2.40 11.55
C TYR A 30 -7.71 -3.45 10.74
N GLU A 31 -8.80 -3.05 10.09
CA GLU A 31 -9.59 -3.95 9.28
C GLU A 31 -10.72 -3.21 8.58
N CYS A 32 -11.47 -3.92 7.74
CA CYS A 32 -12.59 -3.34 7.01
C CYS A 32 -13.78 -4.28 7.01
N LEU A 33 -14.92 -3.79 7.46
CA LEU A 33 -16.15 -4.59 7.51
C LEU A 33 -16.59 -4.99 6.10
N LYS A 34 -17.09 -4.02 5.36
CA LYS A 34 -17.56 -4.27 3.99
C LYS A 34 -16.47 -4.96 3.18
N LEU A 35 -16.67 -6.25 2.92
CA LEU A 35 -15.71 -7.03 2.14
C LEU A 35 -16.09 -7.06 0.67
N GLY A 36 -15.15 -6.65 -0.19
CA GLY A 36 -15.41 -6.64 -1.61
C GLY A 36 -15.89 -5.28 -2.10
N ASP A 37 -17.07 -4.89 -1.64
CA ASP A 37 -17.64 -3.60 -2.04
C ASP A 37 -17.21 -2.50 -1.08
N ASN A 38 -15.90 -2.38 -0.88
CA ASN A 38 -15.35 -1.36 0.01
C ASN A 38 -14.78 -0.18 -0.79
N ASP A 39 -14.87 1.01 -0.21
CA ASP A 39 -14.36 2.21 -0.87
C ASP A 39 -13.24 2.84 -0.06
N TYR A 40 -13.28 2.64 1.26
CA TYR A 40 -12.26 3.20 2.14
C TYR A 40 -10.87 2.78 1.70
N CYS A 41 -10.72 1.52 1.31
CA CYS A 41 -9.45 1.00 0.85
C CYS A 41 -9.04 1.62 -0.48
N LEU A 42 -10.02 2.11 -1.23
CA LEU A 42 -9.77 2.72 -2.52
C LEU A 42 -9.36 4.18 -2.35
N ARG A 43 -10.21 4.97 -1.71
CA ARG A 43 -9.92 6.39 -1.48
C ARG A 43 -8.58 6.56 -0.79
N GLU A 44 -8.18 5.55 -0.02
CA GLU A 44 -6.91 5.59 0.71
C GLU A 44 -5.77 5.07 -0.16
N CYS A 45 -6.11 4.22 -1.12
CA CYS A 45 -5.13 3.64 -2.03
C CYS A 45 -5.24 4.25 -3.43
N LYS A 46 -5.69 5.50 -3.48
CA LYS A 46 -5.85 6.19 -4.76
C LYS A 46 -5.09 7.51 -4.76
N GLN A 47 -5.09 8.20 -3.61
CA GLN A 47 -4.40 9.47 -3.49
C GLN A 47 -2.91 9.26 -3.20
N GLN A 48 -2.63 8.33 -2.29
CA GLN A 48 -1.25 8.03 -1.92
C GLN A 48 -0.44 7.61 -3.14
N TYR A 49 -0.73 6.42 -3.66
CA TYR A 49 -0.02 5.91 -4.83
C TYR A 49 -0.75 6.27 -6.11
N GLY A 50 -1.92 5.65 -6.31
CA GLY A 50 -2.70 5.91 -7.50
C GLY A 50 -2.23 5.11 -8.71
N LYS A 51 -2.04 5.80 -9.83
CA LYS A 51 -1.59 5.15 -11.06
C LYS A 51 -2.43 3.92 -11.37
N SER A 52 -3.65 4.16 -11.85
CA SER A 52 -4.57 3.07 -12.19
C SER A 52 -4.77 2.14 -11.00
N SER A 53 -4.54 2.67 -9.80
CA SER A 53 -4.70 1.90 -8.57
C SER A 53 -6.12 1.35 -8.46
N GLY A 54 -6.23 0.14 -7.91
CA GLY A 54 -7.54 -0.48 -7.75
C GLY A 54 -7.55 -1.53 -6.65
N GLY A 55 -7.61 -1.08 -5.40
CA GLY A 55 -7.62 -2.00 -4.29
C GLY A 55 -9.01 -2.16 -3.67
N TYR A 56 -9.16 -3.15 -2.81
CA TYR A 56 -10.44 -3.40 -2.16
C TYR A 56 -10.24 -3.99 -0.76
N CYS A 57 -11.35 -4.33 -0.11
CA CYS A 57 -11.29 -4.90 1.24
C CYS A 57 -11.14 -6.42 1.17
N TYR A 58 -9.90 -6.88 1.07
CA TYR A 58 -9.62 -8.32 1.00
C TYR A 58 -10.14 -9.03 2.25
N ALA A 59 -10.02 -10.36 2.25
CA ALA A 59 -10.47 -11.16 3.38
C ALA A 59 -9.90 -10.63 4.70
N PHE A 60 -8.57 -10.56 4.77
CA PHE A 60 -7.90 -10.07 5.97
C PHE A 60 -8.27 -8.62 6.25
N ALA A 61 -7.71 -7.70 5.46
CA ALA A 61 -7.99 -6.28 5.63
C ALA A 61 -7.80 -5.53 4.31
N CYS A 62 -7.82 -4.21 4.39
CA CYS A 62 -7.63 -3.37 3.21
C CYS A 62 -6.39 -3.77 2.43
N TRP A 63 -6.58 -4.41 1.29
CA TRP A 63 -5.47 -4.85 0.45
C TRP A 63 -5.38 -4.01 -0.82
N CYS A 64 -4.16 -3.59 -1.16
CA CYS A 64 -3.95 -2.78 -2.35
C CYS A 64 -3.44 -3.64 -3.50
N THR A 65 -3.32 -3.03 -4.68
CA THR A 65 -2.86 -3.75 -5.86
C THR A 65 -2.15 -2.81 -6.83
N HIS A 66 -1.22 -3.35 -7.61
CA HIS A 66 -0.48 -2.55 -8.58
C HIS A 66 0.34 -1.48 -7.88
N LEU A 67 0.97 -1.84 -6.78
CA LEU A 67 1.79 -0.90 -6.00
C LEU A 67 3.26 -1.03 -6.38
N TYR A 68 3.99 0.08 -6.27
CA TYR A 68 5.41 0.09 -6.61
C TYR A 68 6.20 -0.77 -5.63
N GLU A 69 7.52 -0.77 -5.80
CA GLU A 69 8.39 -1.57 -4.94
C GLU A 69 8.75 -0.79 -3.68
N GLN A 70 8.60 0.53 -3.73
CA GLN A 70 8.91 1.38 -2.58
C GLN A 70 7.71 1.51 -1.66
N ALA A 71 6.52 1.31 -2.22
CA ALA A 71 5.28 1.39 -1.43
C ALA A 71 5.36 0.52 -0.19
N VAL A 72 5.50 1.16 0.97
CA VAL A 72 5.59 0.45 2.23
C VAL A 72 4.28 -0.25 2.56
N VAL A 73 4.37 -1.35 3.30
CA VAL A 73 3.18 -2.10 3.68
C VAL A 73 3.03 -2.16 5.20
N TRP A 74 1.92 -2.73 5.66
CA TRP A 74 1.66 -2.84 7.09
C TRP A 74 1.48 -4.30 7.50
N PRO A 75 2.59 -4.95 7.87
CA PRO A 75 2.58 -6.36 8.29
C PRO A 75 1.89 -6.55 9.63
N LEU A 76 2.22 -5.70 10.60
CA LEU A 76 1.64 -5.78 11.93
C LEU A 76 1.97 -7.11 12.60
N PRO A 77 3.18 -7.19 13.16
CA PRO A 77 3.66 -8.39 13.85
C PRO A 77 2.93 -8.65 15.15
N ASN A 78 2.17 -7.66 15.61
CA ASN A 78 1.40 -7.78 16.85
C ASN A 78 0.01 -7.19 16.69
N LYS A 79 -0.35 -6.86 15.45
CA LYS A 79 -1.66 -6.28 15.16
C LYS A 79 -1.88 -4.99 15.94
N THR A 80 -0.86 -4.13 15.92
CA THR A 80 -0.94 -2.84 16.62
C THR A 80 0.13 -1.88 16.12
N CYS A 81 -0.30 -0.86 15.38
CA CYS A 81 0.61 0.13 14.84
C CYS A 81 1.30 0.91 15.97
N ASN A 82 2.39 1.59 15.63
CA ASN A 82 3.13 2.37 16.61
C ASN A 82 2.37 3.64 16.98
N MET A 1 -2.40 11.95 -24.76
CA MET A 1 -1.34 11.40 -23.94
C MET A 1 -1.33 12.05 -22.55
N ARG A 2 -0.75 11.34 -21.58
CA ARG A 2 -0.69 11.85 -20.22
C ARG A 2 0.19 10.96 -19.35
N GLY A 3 0.27 11.28 -18.05
CA GLY A 3 1.07 10.50 -17.14
C GLY A 3 2.40 11.16 -16.83
N SER A 4 2.55 11.64 -15.60
CA SER A 4 3.78 12.31 -15.18
C SER A 4 4.76 11.31 -14.60
N HIS A 5 5.95 11.78 -14.25
CA HIS A 5 6.99 10.93 -13.69
C HIS A 5 7.64 11.59 -12.48
N HIS A 6 8.15 10.78 -11.56
CA HIS A 6 8.80 11.28 -10.37
C HIS A 6 10.19 10.67 -10.19
N HIS A 7 10.91 11.11 -9.16
CA HIS A 7 12.25 10.60 -8.89
C HIS A 7 12.19 9.28 -8.13
N HIS A 8 13.09 8.37 -8.47
CA HIS A 8 13.14 7.06 -7.83
C HIS A 8 14.47 6.86 -7.11
N HIS A 9 14.43 6.18 -5.98
CA HIS A 9 15.63 5.91 -5.19
C HIS A 9 16.32 4.64 -5.66
N HIS A 10 17.64 4.67 -5.73
CA HIS A 10 18.42 3.51 -6.16
C HIS A 10 19.21 2.93 -4.99
N GLY A 11 18.50 2.55 -3.94
CA GLY A 11 19.15 1.98 -2.77
C GLY A 11 18.20 1.15 -1.93
N SER A 12 17.44 0.29 -2.58
CA SER A 12 16.47 -0.57 -1.88
C SER A 12 16.10 -1.77 -2.73
N ILE A 13 15.40 -2.72 -2.13
CA ILE A 13 14.97 -3.93 -2.84
C ILE A 13 13.73 -3.66 -3.69
N GLU A 14 13.67 -4.31 -4.85
CA GLU A 14 12.54 -4.14 -5.75
C GLU A 14 11.25 -4.63 -5.11
N GLY A 15 10.13 -4.41 -5.80
CA GLY A 15 8.84 -4.84 -5.28
C GLY A 15 7.87 -5.21 -6.37
N ARG A 16 7.14 -4.23 -6.87
CA ARG A 16 6.16 -4.47 -7.94
C ARG A 16 5.14 -5.52 -7.51
N LYS A 17 4.90 -5.61 -6.20
CA LYS A 17 3.95 -6.57 -5.66
C LYS A 17 2.90 -5.88 -4.80
N GLU A 18 1.74 -6.51 -4.67
CA GLU A 18 0.66 -5.95 -3.86
C GLU A 18 1.15 -5.61 -2.45
N GLY A 19 0.36 -4.81 -1.74
CA GLY A 19 0.73 -4.44 -0.39
C GLY A 19 -0.37 -3.66 0.31
N TYR A 20 -0.08 -3.18 1.52
CA TYR A 20 -1.05 -2.42 2.30
C TYR A 20 -0.96 -0.93 1.98
N LEU A 21 -2.01 -0.20 2.32
CA LEU A 21 -2.05 1.24 2.06
C LEU A 21 -1.51 2.02 3.26
N VAL A 22 -0.87 1.31 4.18
CA VAL A 22 -0.30 1.94 5.37
C VAL A 22 0.82 2.90 5.00
N SER A 23 1.02 3.91 5.86
CA SER A 23 2.07 4.90 5.62
C SER A 23 2.87 5.15 6.89
N LYS A 24 3.86 6.04 6.79
CA LYS A 24 4.71 6.37 7.93
C LYS A 24 4.27 7.67 8.57
N SER A 25 3.08 8.14 8.21
CA SER A 25 2.54 9.38 8.75
C SER A 25 1.12 9.19 9.26
N THR A 26 0.20 8.96 8.34
CA THR A 26 -1.20 8.75 8.70
C THR A 26 -1.83 7.66 7.85
N GLY A 27 -1.38 6.42 8.06
CA GLY A 27 -1.91 5.30 7.30
C GLY A 27 -2.22 4.11 8.19
N CYS A 28 -2.32 4.35 9.50
CA CYS A 28 -2.62 3.29 10.45
C CYS A 28 -3.88 2.52 10.03
N LYS A 29 -3.69 1.24 9.72
CA LYS A 29 -4.80 0.39 9.31
C LYS A 29 -5.28 -0.49 10.46
N TYR A 30 -6.52 -0.94 10.38
CA TYR A 30 -7.09 -1.79 11.42
C TYR A 30 -7.88 -2.95 10.81
N GLU A 31 -9.00 -2.63 10.19
CA GLU A 31 -9.85 -3.64 9.57
C GLU A 31 -11.03 -3.00 8.83
N CYS A 32 -11.62 -3.74 7.91
CA CYS A 32 -12.76 -3.25 7.15
C CYS A 32 -13.94 -4.22 7.23
N LEU A 33 -15.14 -3.67 7.30
CA LEU A 33 -16.35 -4.48 7.38
C LEU A 33 -16.71 -5.05 6.02
N LYS A 34 -17.19 -4.18 5.14
CA LYS A 34 -17.59 -4.59 3.79
C LYS A 34 -16.46 -5.36 3.11
N LEU A 35 -16.60 -6.69 3.06
CA LEU A 35 -15.60 -7.54 2.43
C LEU A 35 -15.75 -7.53 0.91
N GLY A 36 -15.63 -6.36 0.31
CA GLY A 36 -15.76 -6.25 -1.13
C GLY A 36 -16.45 -4.96 -1.56
N ASP A 37 -16.20 -4.54 -2.80
CA ASP A 37 -16.80 -3.32 -3.32
C ASP A 37 -16.59 -2.16 -2.36
N ASN A 38 -15.46 -2.18 -1.66
CA ASN A 38 -15.14 -1.12 -0.70
C ASN A 38 -14.59 0.11 -1.42
N ASP A 39 -14.61 1.25 -0.74
CA ASP A 39 -14.11 2.49 -1.31
C ASP A 39 -12.91 3.01 -0.53
N TYR A 40 -12.77 2.53 0.70
CA TYR A 40 -11.66 2.95 1.56
C TYR A 40 -10.32 2.75 0.85
N CYS A 41 -10.12 1.53 0.35
CA CYS A 41 -8.88 1.20 -0.35
C CYS A 41 -8.85 1.84 -1.73
N LEU A 42 -9.98 2.41 -2.14
CA LEU A 42 -10.08 3.04 -3.44
C LEU A 42 -9.88 4.56 -3.33
N ARG A 43 -9.93 5.06 -2.10
CA ARG A 43 -9.75 6.49 -1.86
C ARG A 43 -8.35 6.79 -1.34
N GLU A 44 -7.74 5.79 -0.71
CA GLU A 44 -6.39 5.94 -0.18
C GLU A 44 -5.34 5.53 -1.20
N CYS A 45 -5.72 4.61 -2.08
CA CYS A 45 -4.81 4.12 -3.11
C CYS A 45 -5.18 4.69 -4.48
N LYS A 46 -5.71 5.91 -4.48
CA LYS A 46 -6.10 6.58 -5.72
C LYS A 46 -5.82 8.07 -5.64
N GLN A 47 -4.79 8.44 -4.88
CA GLN A 47 -4.42 9.84 -4.73
C GLN A 47 -3.03 10.11 -5.31
N GLN A 48 -2.03 9.44 -4.76
CA GLN A 48 -0.66 9.60 -5.21
C GLN A 48 0.03 8.26 -5.35
N TYR A 49 -0.75 7.21 -5.58
CA TYR A 49 -0.22 5.86 -5.73
C TYR A 49 -0.42 5.36 -7.16
N GLY A 50 -1.47 5.84 -7.81
CA GLY A 50 -1.76 5.42 -9.18
C GLY A 50 -3.16 5.78 -9.61
N LYS A 51 -3.46 5.55 -10.88
CA LYS A 51 -4.78 5.86 -11.43
C LYS A 51 -5.57 4.57 -11.68
N SER A 52 -5.08 3.75 -12.60
CA SER A 52 -5.74 2.50 -12.93
C SER A 52 -5.72 1.54 -11.75
N SER A 53 -4.69 1.66 -10.92
CA SER A 53 -4.55 0.79 -9.75
C SER A 53 -5.79 0.87 -8.87
N GLY A 54 -6.04 -0.20 -8.12
CA GLY A 54 -7.20 -0.24 -7.24
C GLY A 54 -6.98 -1.10 -6.02
N GLY A 55 -8.00 -1.23 -5.18
CA GLY A 55 -7.89 -2.04 -3.99
C GLY A 55 -9.21 -2.67 -3.59
N TYR A 56 -9.15 -3.60 -2.63
CA TYR A 56 -10.35 -4.28 -2.17
C TYR A 56 -10.18 -4.76 -0.73
N CYS A 57 -11.29 -4.83 0.00
CA CYS A 57 -11.27 -5.27 1.38
C CYS A 57 -11.09 -6.78 1.47
N TYR A 58 -9.84 -7.24 1.43
CA TYR A 58 -9.54 -8.66 1.51
C TYR A 58 -10.06 -9.26 2.81
N ALA A 59 -9.94 -10.58 2.94
CA ALA A 59 -10.39 -11.28 4.13
C ALA A 59 -9.82 -10.63 5.39
N PHE A 60 -8.51 -10.45 5.42
CA PHE A 60 -7.84 -9.86 6.56
C PHE A 60 -8.32 -8.42 6.78
N ALA A 61 -7.86 -7.51 5.93
CA ALA A 61 -8.24 -6.11 6.02
C ALA A 61 -8.08 -5.41 4.68
N CYS A 62 -8.20 -4.09 4.69
CA CYS A 62 -8.07 -3.30 3.46
C CYS A 62 -6.80 -3.65 2.72
N TRP A 63 -6.94 -4.38 1.62
CA TRP A 63 -5.79 -4.78 0.81
C TRP A 63 -5.84 -4.13 -0.56
N CYS A 64 -4.81 -3.34 -0.87
CA CYS A 64 -4.74 -2.66 -2.16
C CYS A 64 -3.88 -3.44 -3.14
N THR A 65 -4.25 -3.39 -4.43
CA THR A 65 -3.51 -4.08 -5.46
C THR A 65 -2.85 -3.11 -6.42
N HIS A 66 -1.94 -3.62 -7.25
CA HIS A 66 -1.23 -2.79 -8.22
C HIS A 66 -0.38 -1.74 -7.51
N LEU A 67 0.43 -2.19 -6.57
CA LEU A 67 1.30 -1.28 -5.82
C LEU A 67 2.76 -1.48 -6.22
N TYR A 68 3.60 -0.50 -5.87
CA TYR A 68 5.02 -0.56 -6.19
C TYR A 68 5.85 -0.69 -4.92
N GLU A 69 7.18 -0.62 -5.08
CA GLU A 69 8.09 -0.73 -3.96
C GLU A 69 8.07 0.54 -3.12
N GLN A 70 7.73 1.65 -3.75
CA GLN A 70 7.67 2.94 -3.06
C GLN A 70 6.54 2.96 -2.05
N ALA A 71 5.51 2.16 -2.30
CA ALA A 71 4.36 2.08 -1.39
C ALA A 71 4.68 1.23 -0.18
N VAL A 72 4.93 1.89 0.95
CA VAL A 72 5.24 1.18 2.19
C VAL A 72 4.13 0.21 2.57
N VAL A 73 4.51 -0.90 3.19
CA VAL A 73 3.55 -1.91 3.60
C VAL A 73 3.50 -2.03 5.13
N TRP A 74 2.72 -2.99 5.61
CA TRP A 74 2.58 -3.21 7.04
C TRP A 74 3.17 -4.56 7.45
N PRO A 75 4.51 -4.64 7.45
CA PRO A 75 5.23 -5.86 7.82
C PRO A 75 5.09 -6.19 9.30
N LEU A 76 4.54 -5.25 10.06
CA LEU A 76 4.36 -5.44 11.50
C LEU A 76 3.72 -6.79 11.80
N PRO A 77 4.52 -7.72 12.34
CA PRO A 77 4.05 -9.06 12.68
C PRO A 77 3.09 -9.06 13.87
N ASN A 78 3.49 -8.38 14.94
CA ASN A 78 2.67 -8.29 16.15
C ASN A 78 2.31 -6.84 16.46
N LYS A 79 3.22 -5.93 16.12
CA LYS A 79 3.01 -4.51 16.37
C LYS A 79 1.66 -4.05 15.82
N THR A 80 0.69 -3.87 16.71
CA THR A 80 -0.64 -3.44 16.32
C THR A 80 -0.71 -1.93 16.16
N CYS A 81 -1.81 -1.45 15.60
CA CYS A 81 -2.00 -0.01 15.39
C CYS A 81 -3.48 0.35 15.49
N ASN A 82 -3.83 1.10 16.53
CA ASN A 82 -5.21 1.52 16.74
C ASN A 82 -5.47 2.88 16.10
N MET A 1 45.40 -4.01 11.28
CA MET A 1 44.45 -2.95 10.96
C MET A 1 43.02 -3.41 11.19
N ARG A 2 42.81 -4.18 12.27
CA ARG A 2 41.49 -4.68 12.61
C ARG A 2 40.63 -3.59 13.25
N GLY A 3 39.81 -2.94 12.43
CA GLY A 3 38.96 -1.88 12.95
C GLY A 3 37.88 -1.48 11.96
N SER A 4 36.82 -2.28 11.89
CA SER A 4 35.71 -2.02 10.97
C SER A 4 34.40 -2.57 11.53
N HIS A 5 33.33 -1.79 11.38
CA HIS A 5 32.02 -2.20 11.87
C HIS A 5 30.95 -1.97 10.80
N HIS A 6 30.90 -2.87 9.82
CA HIS A 6 29.92 -2.76 8.74
C HIS A 6 29.13 -4.07 8.59
N HIS A 7 27.84 -4.00 8.86
CA HIS A 7 26.97 -5.17 8.76
C HIS A 7 25.50 -4.78 8.91
N HIS A 8 24.62 -5.59 8.34
CA HIS A 8 23.18 -5.33 8.42
C HIS A 8 22.39 -6.55 7.96
N HIS A 9 21.37 -6.90 8.74
CA HIS A 9 20.53 -8.05 8.41
C HIS A 9 19.06 -7.64 8.30
N HIS A 10 18.67 -7.19 7.11
CA HIS A 10 17.30 -6.75 6.87
C HIS A 10 17.01 -6.65 5.38
N GLY A 11 15.74 -6.74 5.02
CA GLY A 11 15.36 -6.65 3.62
C GLY A 11 15.58 -7.96 2.87
N SER A 12 14.55 -8.80 2.84
CA SER A 12 14.65 -10.08 2.15
C SER A 12 13.59 -10.20 1.07
N ILE A 13 12.41 -9.64 1.34
CA ILE A 13 11.31 -9.68 0.38
C ILE A 13 11.26 -8.41 -0.46
N GLU A 14 12.03 -8.39 -1.54
CA GLU A 14 12.07 -7.24 -2.42
C GLU A 14 11.39 -7.54 -3.75
N GLY A 15 10.60 -6.59 -4.24
CA GLY A 15 9.90 -6.78 -5.51
C GLY A 15 8.85 -5.71 -5.74
N ARG A 16 7.98 -5.94 -6.73
CA ARG A 16 6.93 -4.99 -7.06
C ARG A 16 5.56 -5.63 -6.86
N LYS A 17 5.39 -6.33 -5.76
CA LYS A 17 4.12 -6.98 -5.44
C LYS A 17 3.18 -6.03 -4.73
N GLU A 18 1.95 -6.49 -4.48
CA GLU A 18 0.96 -5.67 -3.81
C GLU A 18 1.43 -5.26 -2.41
N GLY A 19 0.56 -4.64 -1.64
CA GLY A 19 0.90 -4.22 -0.30
C GLY A 19 -0.22 -3.46 0.39
N TYR A 20 0.10 -2.83 1.50
CA TYR A 20 -0.90 -2.06 2.26
C TYR A 20 -0.84 -0.58 1.89
N LEU A 21 -1.78 0.19 2.42
CA LEU A 21 -1.84 1.62 2.15
C LEU A 21 -1.33 2.42 3.35
N VAL A 22 -0.61 1.75 4.24
CA VAL A 22 -0.06 2.40 5.43
C VAL A 22 0.70 3.67 5.06
N SER A 23 0.55 4.71 5.88
CA SER A 23 1.21 5.98 5.63
C SER A 23 2.24 6.25 6.72
N LYS A 24 2.81 7.46 6.69
CA LYS A 24 3.81 7.86 7.67
C LYS A 24 3.14 8.43 8.93
N SER A 25 2.65 9.67 8.81
CA SER A 25 1.99 10.33 9.93
C SER A 25 0.82 9.50 10.45
N THR A 26 0.24 8.68 9.57
CA THR A 26 -0.89 7.84 9.93
C THR A 26 -0.67 6.41 9.44
N GLY A 27 0.36 5.76 9.98
CA GLY A 27 0.65 4.39 9.60
C GLY A 27 -0.05 3.37 10.48
N CYS A 28 -1.32 3.61 10.76
CA CYS A 28 -2.10 2.72 11.61
C CYS A 28 -3.36 2.25 10.89
N LYS A 29 -3.25 1.11 10.20
CA LYS A 29 -4.37 0.55 9.47
C LYS A 29 -5.23 -0.33 10.37
N TYR A 30 -6.37 -0.76 9.86
CA TYR A 30 -7.28 -1.61 10.62
C TYR A 30 -8.02 -2.58 9.70
N GLU A 31 -8.87 -3.43 10.29
CA GLU A 31 -9.63 -4.40 9.52
C GLU A 31 -10.93 -3.79 8.99
N CYS A 32 -11.15 -3.94 7.69
CA CYS A 32 -12.34 -3.40 7.06
C CYS A 32 -13.61 -3.98 7.70
N LEU A 33 -14.75 -3.63 7.13
CA LEU A 33 -16.03 -4.11 7.65
C LEU A 33 -16.48 -5.37 6.90
N LYS A 34 -16.96 -5.19 5.68
CA LYS A 34 -17.42 -6.30 4.87
C LYS A 34 -16.70 -6.33 3.53
N LEU A 35 -16.47 -7.53 3.01
CA LEU A 35 -15.79 -7.69 1.72
C LEU A 35 -16.49 -6.90 0.62
N GLY A 36 -15.72 -6.46 -0.37
CA GLY A 36 -16.29 -5.70 -1.47
C GLY A 36 -16.57 -4.26 -1.08
N ASP A 37 -17.45 -4.08 -0.11
CA ASP A 37 -17.82 -2.74 0.35
C ASP A 37 -16.59 -2.00 0.88
N ASN A 38 -16.83 -0.86 1.53
CA ASN A 38 -15.75 -0.06 2.09
C ASN A 38 -14.75 0.33 1.01
N ASP A 39 -15.03 1.44 0.33
CA ASP A 39 -14.15 1.93 -0.73
C ASP A 39 -12.96 2.68 -0.15
N TYR A 40 -12.94 2.81 1.17
CA TYR A 40 -11.85 3.51 1.85
C TYR A 40 -10.50 2.87 1.55
N CYS A 41 -10.54 1.61 1.12
CA CYS A 41 -9.32 0.87 0.80
C CYS A 41 -8.90 1.13 -0.65
N LEU A 42 -9.81 1.71 -1.43
CA LEU A 42 -9.53 2.02 -2.83
C LEU A 42 -9.25 3.51 -3.01
N ARG A 43 -10.03 4.34 -2.32
CA ARG A 43 -9.86 5.78 -2.42
C ARG A 43 -8.52 6.22 -1.84
N GLU A 44 -7.97 5.40 -0.95
CA GLU A 44 -6.69 5.70 -0.33
C GLU A 44 -5.54 5.20 -1.18
N CYS A 45 -5.83 4.25 -2.06
CA CYS A 45 -4.82 3.68 -2.94
C CYS A 45 -5.00 4.19 -4.38
N LYS A 46 -5.66 5.33 -4.51
CA LYS A 46 -5.90 5.92 -5.81
C LYS A 46 -5.23 7.29 -5.93
N GLN A 47 -5.15 8.00 -4.80
CA GLN A 47 -4.53 9.31 -4.78
C GLN A 47 -3.30 9.32 -3.89
N GLN A 48 -2.56 8.21 -3.91
CA GLN A 48 -1.35 8.09 -3.10
C GLN A 48 -0.19 7.60 -3.94
N TYR A 49 -0.40 6.50 -4.67
CA TYR A 49 0.64 5.93 -5.51
C TYR A 49 0.28 6.07 -6.98
N GLY A 50 -0.91 5.61 -7.35
CA GLY A 50 -1.36 5.70 -8.72
C GLY A 50 -2.87 5.58 -8.86
N LYS A 51 -3.41 6.15 -9.93
CA LYS A 51 -4.84 6.10 -10.17
C LYS A 51 -5.27 4.74 -10.71
N SER A 52 -4.46 4.19 -11.61
CA SER A 52 -4.76 2.89 -12.20
C SER A 52 -4.87 1.82 -11.12
N SER A 53 -4.21 2.05 -10.00
CA SER A 53 -4.23 1.10 -8.89
C SER A 53 -5.64 0.96 -8.32
N GLY A 54 -5.81 0.03 -7.40
CA GLY A 54 -7.12 -0.19 -6.79
C GLY A 54 -7.01 -0.79 -5.40
N GLY A 55 -8.01 -1.59 -5.03
CA GLY A 55 -8.02 -2.21 -3.72
C GLY A 55 -9.41 -2.34 -3.14
N TYR A 56 -9.63 -3.39 -2.37
CA TYR A 56 -10.93 -3.64 -1.76
C TYR A 56 -10.79 -4.34 -0.42
N CYS A 57 -11.89 -4.44 0.33
CA CYS A 57 -11.88 -5.09 1.63
C CYS A 57 -11.56 -6.57 1.49
N TYR A 58 -10.28 -6.91 1.60
CA TYR A 58 -9.85 -8.30 1.48
C TYR A 58 -10.30 -9.11 2.69
N ALA A 59 -10.20 -10.43 2.58
CA ALA A 59 -10.59 -11.33 3.67
C ALA A 59 -9.91 -10.93 4.97
N PHE A 60 -8.73 -10.34 4.86
CA PHE A 60 -7.98 -9.91 6.03
C PHE A 60 -8.31 -8.47 6.40
N ALA A 61 -7.91 -7.54 5.55
CA ALA A 61 -8.16 -6.13 5.78
C ALA A 61 -7.97 -5.32 4.50
N CYS A 62 -7.96 -3.99 4.63
CA CYS A 62 -7.78 -3.11 3.49
C CYS A 62 -6.54 -3.50 2.68
N TRP A 63 -6.77 -4.15 1.55
CA TRP A 63 -5.67 -4.58 0.70
C TRP A 63 -5.70 -3.85 -0.64
N CYS A 64 -4.53 -3.60 -1.21
CA CYS A 64 -4.43 -2.91 -2.49
C CYS A 64 -3.69 -3.76 -3.51
N THR A 65 -3.59 -3.25 -4.74
CA THR A 65 -2.90 -3.96 -5.81
C THR A 65 -2.13 -3.01 -6.70
N HIS A 66 -1.21 -3.55 -7.49
CA HIS A 66 -0.40 -2.75 -8.40
C HIS A 66 0.39 -1.69 -7.62
N LEU A 67 0.92 -2.08 -6.47
CA LEU A 67 1.69 -1.17 -5.63
C LEU A 67 3.17 -1.21 -6.01
N TYR A 68 3.79 -0.04 -6.07
CA TYR A 68 5.19 0.07 -6.42
C TYR A 68 6.08 -0.05 -5.19
N GLU A 69 7.38 -0.19 -5.40
CA GLU A 69 8.33 -0.32 -4.31
C GLU A 69 8.19 0.83 -3.32
N GLN A 70 8.01 2.04 -3.85
CA GLN A 70 7.87 3.23 -3.03
C GLN A 70 6.75 3.04 -2.01
N ALA A 71 5.77 2.22 -2.36
CA ALA A 71 4.64 1.96 -1.47
C ALA A 71 4.97 0.85 -0.48
N VAL A 72 5.35 1.23 0.74
CA VAL A 72 5.69 0.28 1.78
C VAL A 72 4.44 -0.44 2.30
N VAL A 73 4.62 -1.67 2.76
CA VAL A 73 3.51 -2.47 3.28
C VAL A 73 3.27 -2.16 4.75
N TRP A 74 2.31 -2.87 5.34
CA TRP A 74 1.98 -2.67 6.75
C TRP A 74 2.33 -3.91 7.58
N PRO A 75 3.64 -4.17 7.75
CA PRO A 75 4.12 -5.31 8.51
C PRO A 75 3.85 -5.17 10.00
N LEU A 76 2.60 -5.39 10.40
CA LEU A 76 2.21 -5.29 11.80
C LEU A 76 1.65 -6.61 12.31
N PRO A 77 1.67 -6.79 13.64
CA PRO A 77 1.16 -8.02 14.27
C PRO A 77 -0.36 -8.13 14.17
N ASN A 78 -0.83 -9.30 13.75
CA ASN A 78 -2.27 -9.54 13.61
C ASN A 78 -2.97 -8.32 13.03
N LYS A 79 -2.32 -7.67 12.07
CA LYS A 79 -2.88 -6.48 11.43
C LYS A 79 -3.35 -5.47 12.47
N THR A 80 -2.42 -4.94 13.24
CA THR A 80 -2.74 -3.96 14.27
C THR A 80 -1.56 -3.04 14.55
N CYS A 81 -1.82 -1.74 14.59
CA CYS A 81 -0.78 -0.75 14.84
C CYS A 81 -0.47 -0.66 16.33
N ASN A 82 -1.44 -1.01 17.16
CA ASN A 82 -1.28 -0.97 18.61
C ASN A 82 -1.10 -2.37 19.18
N MET A 1 18.15 25.88 -21.75
CA MET A 1 17.84 24.64 -22.46
C MET A 1 17.05 23.69 -21.56
N ARG A 2 16.75 22.50 -22.07
CA ARG A 2 16.00 21.51 -21.32
C ARG A 2 16.93 20.69 -20.43
N GLY A 3 16.41 20.26 -19.28
CA GLY A 3 17.20 19.48 -18.35
C GLY A 3 16.36 18.52 -17.54
N SER A 4 16.73 17.24 -17.58
CA SER A 4 15.99 16.21 -16.85
C SER A 4 16.89 15.01 -16.56
N HIS A 5 16.87 14.55 -15.31
CA HIS A 5 17.68 13.41 -14.90
C HIS A 5 16.87 12.45 -14.03
N HIS A 6 17.05 11.16 -14.26
CA HIS A 6 16.33 10.14 -13.49
C HIS A 6 17.19 8.90 -13.32
N HIS A 7 17.44 8.53 -12.06
CA HIS A 7 18.24 7.35 -11.75
C HIS A 7 17.78 6.69 -10.46
N HIS A 8 17.44 5.41 -10.55
CA HIS A 8 16.96 4.66 -9.40
C HIS A 8 18.08 3.80 -8.82
N HIS A 9 18.88 4.39 -7.92
CA HIS A 9 19.98 3.68 -7.29
C HIS A 9 19.49 2.45 -6.54
N HIS A 10 18.23 2.51 -6.08
CA HIS A 10 17.64 1.41 -5.34
C HIS A 10 16.63 0.65 -6.22
N GLY A 11 17.13 0.04 -7.29
CA GLY A 11 16.27 -0.70 -8.19
C GLY A 11 16.89 -2.01 -8.61
N SER A 12 17.82 -2.52 -7.83
CA SER A 12 18.50 -3.78 -8.13
C SER A 12 17.57 -4.97 -7.88
N ILE A 13 16.87 -4.94 -6.76
CA ILE A 13 15.95 -6.01 -6.39
C ILE A 13 14.54 -5.70 -6.87
N GLU A 14 13.85 -6.72 -7.36
CA GLU A 14 12.49 -6.56 -7.86
C GLU A 14 11.51 -6.35 -6.70
N GLY A 15 10.67 -5.33 -6.83
CA GLY A 15 9.71 -5.03 -5.78
C GLY A 15 8.38 -4.57 -6.34
N ARG A 16 7.58 -5.52 -6.84
CA ARG A 16 6.28 -5.20 -7.41
C ARG A 16 5.20 -6.10 -6.82
N LYS A 17 5.22 -6.26 -5.50
CA LYS A 17 4.24 -7.09 -4.81
C LYS A 17 3.22 -6.23 -4.07
N GLU A 18 2.00 -6.74 -3.95
CA GLU A 18 0.94 -6.02 -3.26
C GLU A 18 1.33 -5.72 -1.81
N GLY A 19 0.41 -5.11 -1.07
CA GLY A 19 0.68 -4.76 0.32
C GLY A 19 -0.45 -4.02 0.97
N TYR A 20 -0.12 -2.99 1.74
CA TYR A 20 -1.13 -2.19 2.43
C TYR A 20 -1.03 -0.73 2.03
N LEU A 21 -1.89 0.10 2.61
CA LEU A 21 -1.90 1.52 2.31
C LEU A 21 -1.35 2.33 3.49
N VAL A 22 -0.63 1.65 4.38
CA VAL A 22 -0.04 2.30 5.54
C VAL A 22 0.93 3.39 5.13
N SER A 23 1.16 4.34 6.04
CA SER A 23 2.07 5.45 5.77
C SER A 23 2.90 5.79 7.00
N LYS A 24 3.69 6.85 6.91
CA LYS A 24 4.53 7.28 8.01
C LYS A 24 3.75 8.16 8.98
N SER A 25 3.14 9.23 8.45
CA SER A 25 2.36 10.15 9.27
C SER A 25 1.36 9.39 10.15
N THR A 26 0.30 8.89 9.53
CA THR A 26 -0.73 8.15 10.24
C THR A 26 -1.57 7.31 9.28
N GLY A 27 -0.98 6.22 8.80
CA GLY A 27 -1.69 5.35 7.88
C GLY A 27 -2.12 4.05 8.53
N CYS A 28 -2.08 4.02 9.86
CA CYS A 28 -2.46 2.82 10.60
C CYS A 28 -3.84 2.34 10.17
N LYS A 29 -3.91 1.07 9.75
CA LYS A 29 -5.17 0.49 9.31
C LYS A 29 -5.72 -0.48 10.36
N TYR A 30 -7.02 -0.68 10.34
CA TYR A 30 -7.67 -1.59 11.29
C TYR A 30 -8.48 -2.65 10.57
N GLU A 31 -9.58 -2.24 9.95
CA GLU A 31 -10.44 -3.16 9.23
C GLU A 31 -11.60 -2.41 8.55
N CYS A 32 -12.15 -3.02 7.51
CA CYS A 32 -13.25 -2.42 6.78
C CYS A 32 -14.60 -2.86 7.34
N LEU A 33 -15.68 -2.53 6.63
CA LEU A 33 -17.01 -2.90 7.06
C LEU A 33 -17.43 -4.26 6.49
N LYS A 34 -17.74 -4.28 5.20
CA LYS A 34 -18.15 -5.50 4.53
C LYS A 34 -17.05 -5.99 3.58
N LEU A 35 -16.58 -7.20 3.81
CA LEU A 35 -15.53 -7.79 2.97
C LEU A 35 -15.92 -7.72 1.49
N GLY A 36 -15.30 -6.79 0.76
CA GLY A 36 -15.58 -6.64 -0.65
C GLY A 36 -16.26 -5.34 -0.96
N ASP A 37 -17.24 -4.97 -0.15
CA ASP A 37 -17.98 -3.73 -0.35
C ASP A 37 -17.35 -2.59 0.45
N ASN A 38 -16.53 -1.79 -0.21
CA ASN A 38 -15.86 -0.67 0.44
C ASN A 38 -15.07 0.15 -0.57
N ASP A 39 -15.31 1.46 -0.59
CA ASP A 39 -14.61 2.35 -1.50
C ASP A 39 -13.52 3.14 -0.78
N TYR A 40 -13.53 3.06 0.54
CA TYR A 40 -12.54 3.76 1.36
C TYR A 40 -11.13 3.36 0.97
N CYS A 41 -10.99 2.19 0.37
CA CYS A 41 -9.68 1.69 -0.04
C CYS A 41 -9.35 2.15 -1.46
N LEU A 42 -10.39 2.46 -2.24
CA LEU A 42 -10.20 2.92 -3.60
C LEU A 42 -10.10 4.44 -3.67
N ARG A 43 -10.02 5.06 -2.49
CA ARG A 43 -9.92 6.52 -2.41
C ARG A 43 -8.59 6.94 -1.78
N GLU A 44 -8.01 6.03 -0.99
CA GLU A 44 -6.73 6.30 -0.33
C GLU A 44 -5.56 5.74 -1.14
N CYS A 45 -5.84 4.71 -1.94
CA CYS A 45 -4.82 4.09 -2.76
C CYS A 45 -4.82 4.67 -4.17
N LYS A 46 -5.40 5.86 -4.31
CA LYS A 46 -5.47 6.53 -5.61
C LYS A 46 -4.75 7.86 -5.56
N GLN A 47 -4.75 8.51 -4.39
CA GLN A 47 -4.09 9.79 -4.23
C GLN A 47 -2.64 9.73 -4.72
N GLN A 48 -1.79 9.08 -3.94
CA GLN A 48 -0.38 8.95 -4.29
C GLN A 48 0.08 7.50 -4.21
N TYR A 49 -0.67 6.60 -4.84
CA TYR A 49 -0.34 5.18 -4.83
C TYR A 49 -0.42 4.59 -6.23
N GLY A 50 -1.43 5.01 -6.99
CA GLY A 50 -1.60 4.51 -8.35
C GLY A 50 -3.02 4.69 -8.86
N LYS A 51 -3.16 5.51 -9.89
CA LYS A 51 -4.48 5.77 -10.48
C LYS A 51 -5.09 4.49 -11.01
N SER A 52 -4.45 3.89 -12.01
CA SER A 52 -4.95 2.66 -12.61
C SER A 52 -4.98 1.54 -11.59
N SER A 53 -4.09 1.62 -10.59
CA SER A 53 -4.02 0.60 -9.55
C SER A 53 -5.35 0.49 -8.80
N GLY A 54 -5.51 -0.62 -8.08
CA GLY A 54 -6.74 -0.83 -7.33
C GLY A 54 -6.52 -1.68 -6.08
N GLY A 55 -7.53 -1.74 -5.23
CA GLY A 55 -7.43 -2.52 -4.01
C GLY A 55 -8.77 -3.03 -3.53
N TYR A 56 -8.74 -3.97 -2.59
CA TYR A 56 -9.97 -4.54 -2.05
C TYR A 56 -9.77 -4.99 -0.60
N CYS A 57 -10.85 -5.03 0.16
CA CYS A 57 -10.80 -5.44 1.56
C CYS A 57 -10.69 -6.96 1.67
N TYR A 58 -9.46 -7.46 1.80
CA TYR A 58 -9.23 -8.88 1.92
C TYR A 58 -9.79 -9.42 3.23
N ALA A 59 -9.63 -10.73 3.45
CA ALA A 59 -10.11 -11.37 4.66
C ALA A 59 -9.63 -10.63 5.90
N PHE A 60 -8.33 -10.41 5.99
CA PHE A 60 -7.74 -9.71 7.12
C PHE A 60 -8.21 -8.26 7.17
N ALA A 61 -7.68 -7.44 6.27
CA ALA A 61 -8.05 -6.03 6.22
C ALA A 61 -7.85 -5.46 4.83
N CYS A 62 -7.94 -4.14 4.71
CA CYS A 62 -7.75 -3.46 3.43
C CYS A 62 -6.45 -3.91 2.76
N TRP A 63 -6.58 -4.68 1.68
CA TRP A 63 -5.42 -5.16 0.96
C TRP A 63 -5.35 -4.54 -0.43
N CYS A 64 -4.58 -3.47 -0.55
CA CYS A 64 -4.42 -2.77 -1.83
C CYS A 64 -3.44 -3.51 -2.73
N THR A 65 -3.72 -3.49 -4.03
CA THR A 65 -2.85 -4.17 -5.00
C THR A 65 -2.20 -3.15 -5.94
N HIS A 66 -1.31 -3.64 -6.80
CA HIS A 66 -0.62 -2.79 -7.75
C HIS A 66 0.14 -1.68 -7.03
N LEU A 67 0.95 -2.05 -6.04
CA LEU A 67 1.72 -1.08 -5.29
C LEU A 67 3.19 -1.11 -5.69
N TYR A 68 3.85 0.04 -5.61
CA TYR A 68 5.25 0.14 -5.97
C TYR A 68 6.11 0.50 -4.75
N GLU A 69 7.38 0.81 -5.00
CA GLU A 69 8.29 1.17 -3.92
C GLU A 69 7.84 2.43 -3.22
N GLN A 70 7.24 3.35 -3.98
CA GLN A 70 6.75 4.60 -3.43
C GLN A 70 5.64 4.36 -2.40
N ALA A 71 4.90 3.28 -2.60
CA ALA A 71 3.80 2.92 -1.70
C ALA A 71 4.29 1.97 -0.60
N VAL A 72 4.38 2.48 0.63
CA VAL A 72 4.83 1.67 1.76
C VAL A 72 3.83 0.57 2.06
N VAL A 73 4.32 -0.54 2.61
CA VAL A 73 3.47 -1.68 2.96
C VAL A 73 3.33 -1.80 4.47
N TRP A 74 2.42 -2.68 4.90
CA TRP A 74 2.18 -2.91 6.32
C TRP A 74 2.56 -4.33 6.71
N PRO A 75 3.87 -4.62 6.70
CA PRO A 75 4.40 -5.94 7.05
C PRO A 75 4.25 -6.24 8.54
N LEU A 76 3.14 -6.86 8.90
CA LEU A 76 2.88 -7.20 10.30
C LEU A 76 1.95 -8.40 10.40
N PRO A 77 2.52 -9.56 10.75
CA PRO A 77 1.76 -10.81 10.90
C PRO A 77 0.83 -10.79 12.10
N ASN A 78 0.96 -9.75 12.93
CA ASN A 78 0.13 -9.62 14.11
C ASN A 78 -0.58 -8.27 14.13
N LYS A 79 -1.54 -8.11 13.23
CA LYS A 79 -2.31 -6.87 13.13
C LYS A 79 -2.81 -6.44 14.51
N THR A 80 -2.18 -5.39 15.06
CA THR A 80 -2.56 -4.88 16.37
C THR A 80 -2.55 -3.36 16.38
N CYS A 81 -2.73 -2.76 15.21
CA CYS A 81 -2.74 -1.30 15.09
C CYS A 81 -4.16 -0.77 14.96
N ASN A 82 -4.70 -0.24 16.06
CA ASN A 82 -6.05 0.28 16.07
C ASN A 82 -6.03 1.81 16.00
N MET A 1 29.09 26.69 -9.08
CA MET A 1 29.70 25.59 -8.35
C MET A 1 29.00 24.28 -8.66
N ARG A 2 29.71 23.36 -9.29
CA ARG A 2 29.16 22.06 -9.65
C ARG A 2 29.78 20.95 -8.79
N GLY A 3 29.25 20.79 -7.58
CA GLY A 3 29.77 19.77 -6.69
C GLY A 3 29.03 18.45 -6.83
N SER A 4 29.77 17.35 -6.76
CA SER A 4 29.18 16.02 -6.89
C SER A 4 28.25 15.73 -5.71
N HIS A 5 27.13 15.06 -6.00
CA HIS A 5 26.16 14.71 -4.97
C HIS A 5 25.51 13.37 -5.27
N HIS A 6 25.22 12.61 -4.22
CA HIS A 6 24.59 11.30 -4.38
C HIS A 6 23.08 11.39 -4.16
N HIS A 7 22.36 10.40 -4.65
CA HIS A 7 20.90 10.37 -4.51
C HIS A 7 20.47 9.20 -3.63
N HIS A 8 20.87 7.99 -4.03
CA HIS A 8 20.51 6.78 -3.27
C HIS A 8 19.00 6.68 -3.11
N HIS A 9 18.27 7.03 -4.16
CA HIS A 9 16.81 6.96 -4.14
C HIS A 9 16.33 5.54 -4.39
N HIS A 10 16.51 5.08 -5.62
CA HIS A 10 16.08 3.73 -6.00
C HIS A 10 17.27 2.78 -6.06
N GLY A 11 17.05 1.53 -5.65
CA GLY A 11 18.11 0.55 -5.66
C GLY A 11 18.05 -0.38 -4.47
N SER A 12 18.42 -1.64 -4.70
CA SER A 12 18.39 -2.64 -3.63
C SER A 12 16.98 -2.81 -3.07
N ILE A 13 15.99 -2.37 -3.84
CA ILE A 13 14.60 -2.47 -3.42
C ILE A 13 14.17 -3.93 -3.31
N GLU A 14 14.18 -4.45 -2.09
CA GLU A 14 13.78 -5.83 -1.84
C GLU A 14 12.34 -5.92 -1.39
N GLY A 15 11.42 -5.90 -2.34
CA GLY A 15 10.00 -5.97 -2.02
C GLY A 15 9.15 -5.12 -2.95
N ARG A 16 8.99 -5.58 -4.18
CA ARG A 16 8.19 -4.85 -5.17
C ARG A 16 6.85 -5.54 -5.39
N LYS A 17 6.27 -6.05 -4.31
CA LYS A 17 4.99 -6.73 -4.38
C LYS A 17 3.89 -5.87 -3.76
N GLU A 18 2.68 -6.45 -3.65
CA GLU A 18 1.55 -5.73 -3.08
C GLU A 18 1.82 -5.35 -1.63
N GLY A 19 0.82 -4.78 -0.97
CA GLY A 19 0.98 -4.38 0.42
C GLY A 19 -0.20 -3.57 0.91
N TYR A 20 -0.04 -2.95 2.08
CA TYR A 20 -1.10 -2.14 2.67
C TYR A 20 -1.04 -0.70 2.16
N LEU A 21 -1.96 0.13 2.63
CA LEU A 21 -2.02 1.53 2.21
C LEU A 21 -1.51 2.44 3.32
N VAL A 22 -0.81 1.86 4.30
CA VAL A 22 -0.27 2.63 5.41
C VAL A 22 0.69 3.70 4.92
N SER A 23 0.76 4.80 5.66
CA SER A 23 1.65 5.91 5.31
C SER A 23 2.71 6.13 6.38
N LYS A 24 3.61 7.06 6.13
CA LYS A 24 4.68 7.37 7.07
C LYS A 24 4.23 8.46 8.04
N SER A 25 3.28 9.28 7.62
CA SER A 25 2.77 10.37 8.45
C SER A 25 2.36 9.85 9.82
N THR A 26 1.32 9.01 9.85
CA THR A 26 0.82 8.45 11.09
C THR A 26 1.24 7.00 11.24
N GLY A 27 0.60 6.11 10.48
CA GLY A 27 0.92 4.70 10.53
C GLY A 27 -0.10 3.91 11.33
N CYS A 28 -1.26 3.66 10.74
CA CYS A 28 -2.32 2.91 11.40
C CYS A 28 -3.39 2.50 10.40
N LYS A 29 -3.91 1.28 10.56
CA LYS A 29 -4.95 0.76 9.68
C LYS A 29 -5.93 -0.11 10.46
N TYR A 30 -6.91 -0.65 9.75
CA TYR A 30 -7.93 -1.51 10.37
C TYR A 30 -8.85 -2.10 9.32
N GLU A 31 -9.40 -3.28 9.62
CA GLU A 31 -10.31 -3.95 8.69
C GLU A 31 -11.43 -3.01 8.26
N CYS A 32 -12.07 -3.35 7.14
CA CYS A 32 -13.16 -2.55 6.62
C CYS A 32 -14.48 -2.93 7.27
N LEU A 33 -15.57 -2.38 6.74
CA LEU A 33 -16.90 -2.67 7.27
C LEU A 33 -17.34 -4.09 6.92
N LYS A 34 -17.20 -4.44 5.65
CA LYS A 34 -17.58 -5.77 5.18
C LYS A 34 -16.75 -6.18 3.97
N LEU A 35 -16.32 -7.44 3.95
CA LEU A 35 -15.51 -7.95 2.85
C LEU A 35 -16.23 -7.76 1.51
N GLY A 36 -15.55 -7.11 0.58
CA GLY A 36 -16.13 -6.88 -0.74
C GLY A 36 -16.68 -5.47 -0.88
N ASP A 37 -17.85 -5.24 -0.30
CA ASP A 37 -18.48 -3.92 -0.37
C ASP A 37 -17.70 -2.90 0.45
N ASN A 38 -16.70 -2.27 -0.17
CA ASN A 38 -15.88 -1.29 0.51
C ASN A 38 -15.14 -0.41 -0.50
N ASP A 39 -15.32 0.91 -0.37
CA ASP A 39 -14.67 1.84 -1.27
C ASP A 39 -13.60 2.65 -0.54
N TYR A 40 -13.07 2.08 0.54
CA TYR A 40 -12.05 2.75 1.33
C TYR A 40 -10.69 2.65 0.66
N CYS A 41 -10.37 1.47 0.14
CA CYS A 41 -9.10 1.24 -0.53
C CYS A 41 -9.08 1.91 -1.91
N LEU A 42 -10.25 1.99 -2.54
CA LEU A 42 -10.37 2.60 -3.86
C LEU A 42 -10.01 4.08 -3.80
N ARG A 43 -10.16 4.68 -2.61
CA ARG A 43 -9.86 6.09 -2.43
C ARG A 43 -8.54 6.26 -1.67
N GLU A 44 -8.27 5.35 -0.74
CA GLU A 44 -7.04 5.41 0.04
C GLU A 44 -5.82 5.22 -0.84
N CYS A 45 -5.78 4.09 -1.54
CA CYS A 45 -4.66 3.78 -2.42
C CYS A 45 -4.60 4.76 -3.59
N LYS A 46 -5.68 5.50 -3.79
CA LYS A 46 -5.75 6.49 -4.86
C LYS A 46 -5.39 7.88 -4.36
N GLN A 47 -4.57 7.93 -3.32
CA GLN A 47 -4.15 9.20 -2.73
C GLN A 47 -2.69 9.50 -3.07
N GLN A 48 -1.81 8.57 -2.71
CA GLN A 48 -0.39 8.74 -2.98
C GLN A 48 0.10 7.71 -4.00
N TYR A 49 -0.24 6.45 -3.78
CA TYR A 49 0.16 5.37 -4.67
C TYR A 49 -0.97 5.01 -5.64
N GLY A 50 -1.69 6.04 -6.10
CA GLY A 50 -2.78 5.81 -7.02
C GLY A 50 -2.32 5.24 -8.34
N LYS A 51 -2.19 6.09 -9.35
CA LYS A 51 -1.75 5.66 -10.67
C LYS A 51 -2.57 4.46 -11.15
N SER A 52 -3.80 4.71 -11.54
CA SER A 52 -4.69 3.65 -12.02
C SER A 52 -4.76 2.50 -11.01
N SER A 53 -4.55 2.83 -9.74
CA SER A 53 -4.59 1.83 -8.68
C SER A 53 -5.95 1.14 -8.62
N GLY A 54 -6.09 0.20 -7.69
CA GLY A 54 -7.34 -0.51 -7.54
C GLY A 54 -7.23 -1.69 -6.59
N GLY A 55 -7.65 -1.49 -5.36
CA GLY A 55 -7.58 -2.55 -4.36
C GLY A 55 -8.96 -2.95 -3.86
N TYR A 56 -8.99 -3.82 -2.86
CA TYR A 56 -10.24 -4.29 -2.28
C TYR A 56 -10.05 -4.72 -0.83
N CYS A 57 -11.16 -4.99 -0.15
CA CYS A 57 -11.12 -5.40 1.25
C CYS A 57 -10.84 -6.90 1.36
N TYR A 58 -9.57 -7.26 1.29
CA TYR A 58 -9.16 -8.66 1.38
C TYR A 58 -9.70 -9.30 2.66
N ALA A 59 -9.48 -10.61 2.80
CA ALA A 59 -9.94 -11.33 3.98
C ALA A 59 -9.49 -10.65 5.26
N PHE A 60 -8.20 -10.30 5.33
CA PHE A 60 -7.64 -9.64 6.50
C PHE A 60 -8.22 -8.24 6.65
N ALA A 61 -7.75 -7.32 5.81
CA ALA A 61 -8.22 -5.94 5.85
C ALA A 61 -8.03 -5.26 4.48
N CYS A 62 -8.22 -3.94 4.46
CA CYS A 62 -8.07 -3.18 3.23
C CYS A 62 -6.74 -3.48 2.55
N TRP A 63 -6.80 -4.28 1.48
CA TRP A 63 -5.60 -4.65 0.75
C TRP A 63 -5.62 -4.07 -0.66
N CYS A 64 -4.44 -3.89 -1.24
CA CYS A 64 -4.32 -3.33 -2.58
C CYS A 64 -3.51 -4.24 -3.48
N THR A 65 -3.78 -4.20 -4.78
CA THR A 65 -3.06 -5.03 -5.74
C THR A 65 -2.50 -4.19 -6.87
N HIS A 66 -2.24 -2.91 -6.59
CA HIS A 66 -1.69 -2.00 -7.58
C HIS A 66 -0.69 -1.04 -6.94
N LEU A 67 0.29 -1.58 -6.24
CA LEU A 67 1.31 -0.77 -5.58
C LEU A 67 2.66 -0.92 -6.27
N TYR A 68 3.50 0.09 -6.11
CA TYR A 68 4.83 0.07 -6.73
C TYR A 68 5.92 -0.07 -5.67
N GLU A 69 7.17 -0.11 -6.11
CA GLU A 69 8.30 -0.24 -5.20
C GLU A 69 8.29 0.87 -4.15
N GLN A 70 7.86 2.06 -4.57
CA GLN A 70 7.81 3.20 -3.66
C GLN A 70 6.71 3.02 -2.62
N ALA A 71 5.70 2.23 -2.96
CA ALA A 71 4.59 1.97 -2.05
C ALA A 71 5.09 1.32 -0.76
N VAL A 72 4.59 1.81 0.37
CA VAL A 72 4.98 1.27 1.67
C VAL A 72 3.95 0.28 2.18
N VAL A 73 4.41 -0.71 2.95
CA VAL A 73 3.53 -1.73 3.51
C VAL A 73 3.40 -1.58 5.02
N TRP A 74 2.43 -2.27 5.60
CA TRP A 74 2.19 -2.21 7.03
C TRP A 74 3.20 -3.08 7.78
N PRO A 75 4.05 -2.44 8.60
CA PRO A 75 5.08 -3.13 9.39
C PRO A 75 4.47 -3.97 10.51
N LEU A 76 3.16 -3.87 10.67
CA LEU A 76 2.46 -4.62 11.71
C LEU A 76 1.54 -5.68 11.10
N PRO A 77 2.14 -6.76 10.58
CA PRO A 77 1.39 -7.86 9.95
C PRO A 77 0.60 -8.67 10.98
N ASN A 78 1.17 -8.84 12.16
CA ASN A 78 0.50 -9.59 13.22
C ASN A 78 -0.01 -8.67 14.31
N LYS A 79 0.82 -7.71 14.72
CA LYS A 79 0.45 -6.75 15.74
C LYS A 79 -0.81 -5.97 15.34
N THR A 80 -1.22 -5.04 16.19
CA THR A 80 -2.40 -4.23 15.92
C THR A 80 -2.20 -2.79 16.39
N CYS A 81 -2.00 -1.89 15.43
CA CYS A 81 -1.80 -0.48 15.74
C CYS A 81 -2.90 0.05 16.65
N ASN A 82 -2.57 0.25 17.92
CA ASN A 82 -3.55 0.75 18.90
C ASN A 82 -2.96 1.90 19.71
N MET A 1 34.03 15.45 -16.41
CA MET A 1 35.10 14.54 -16.04
C MET A 1 35.68 14.92 -14.67
N ARG A 2 34.88 15.60 -13.86
CA ARG A 2 35.32 16.02 -12.54
C ARG A 2 34.21 15.83 -11.51
N GLY A 3 34.60 15.49 -10.28
CA GLY A 3 33.62 15.28 -9.23
C GLY A 3 33.52 13.82 -8.82
N SER A 4 32.75 13.56 -7.77
CA SER A 4 32.57 12.20 -7.28
C SER A 4 31.37 12.11 -6.33
N HIS A 5 30.69 10.98 -6.36
CA HIS A 5 29.53 10.77 -5.50
C HIS A 5 29.38 9.29 -5.14
N HIS A 6 29.13 9.02 -3.85
CA HIS A 6 28.97 7.66 -3.38
C HIS A 6 27.84 7.57 -2.35
N HIS A 7 26.91 6.64 -2.58
CA HIS A 7 25.79 6.46 -1.67
C HIS A 7 25.52 4.98 -1.44
N HIS A 8 25.88 4.50 -0.26
CA HIS A 8 25.67 3.09 0.09
C HIS A 8 24.24 2.85 0.53
N HIS A 9 23.80 1.59 0.44
CA HIS A 9 22.45 1.22 0.83
C HIS A 9 21.42 2.10 0.11
N HIS A 10 21.73 2.46 -1.13
CA HIS A 10 20.83 3.30 -1.92
C HIS A 10 19.86 2.45 -2.73
N GLY A 11 18.70 2.15 -2.14
CA GLY A 11 17.71 1.34 -2.82
C GLY A 11 17.96 -0.15 -2.66
N SER A 12 18.45 -0.54 -1.49
CA SER A 12 18.74 -1.94 -1.21
C SER A 12 17.62 -2.57 -0.38
N ILE A 13 16.41 -2.03 -0.52
CA ILE A 13 15.26 -2.54 0.20
C ILE A 13 14.37 -3.39 -0.70
N GLU A 14 14.42 -4.71 -0.50
CA GLU A 14 13.61 -5.64 -1.28
C GLU A 14 12.12 -5.40 -1.06
N GLY A 15 11.41 -5.10 -2.13
CA GLY A 15 9.98 -4.87 -2.03
C GLY A 15 9.36 -4.48 -3.36
N ARG A 16 8.83 -5.46 -4.08
CA ARG A 16 8.21 -5.22 -5.37
C ARG A 16 6.93 -6.03 -5.52
N LYS A 17 6.12 -6.04 -4.47
CA LYS A 17 4.87 -6.78 -4.49
C LYS A 17 3.75 -5.98 -3.82
N GLU A 18 2.57 -6.58 -3.72
CA GLU A 18 1.43 -5.93 -3.11
C GLU A 18 1.71 -5.61 -1.64
N GLY A 19 0.68 -5.11 -0.95
CA GLY A 19 0.84 -4.77 0.46
C GLY A 19 -0.33 -3.99 1.00
N TYR A 20 -0.09 -3.17 2.03
CA TYR A 20 -1.14 -2.38 2.64
C TYR A 20 -1.08 -0.93 2.16
N LEU A 21 -2.01 -0.11 2.63
CA LEU A 21 -2.05 1.30 2.27
C LEU A 21 -1.48 2.18 3.38
N VAL A 22 -0.77 1.55 4.31
CA VAL A 22 -0.17 2.27 5.43
C VAL A 22 0.80 3.33 4.93
N SER A 23 0.82 4.47 5.62
CA SER A 23 1.72 5.57 5.24
C SER A 23 2.80 5.76 6.29
N LYS A 24 3.62 6.79 6.09
CA LYS A 24 4.71 7.08 7.02
C LYS A 24 4.27 8.12 8.06
N SER A 25 3.28 8.93 7.71
CA SER A 25 2.76 9.95 8.60
C SER A 25 2.41 9.36 9.96
N THR A 26 1.30 8.62 10.01
CA THR A 26 0.86 8.00 11.25
C THR A 26 1.29 6.53 11.32
N GLY A 27 0.62 5.70 10.52
CA GLY A 27 0.95 4.27 10.51
C GLY A 27 -0.03 3.44 11.31
N CYS A 28 -1.23 3.25 10.76
CA CYS A 28 -2.25 2.47 11.44
C CYS A 28 -3.35 2.05 10.46
N LYS A 29 -3.83 0.81 10.62
CA LYS A 29 -4.88 0.30 9.74
C LYS A 29 -5.84 -0.59 10.53
N TYR A 30 -6.93 -0.98 9.88
CA TYR A 30 -7.93 -1.83 10.53
C TYR A 30 -8.53 -2.81 9.52
N GLU A 31 -9.50 -3.61 9.98
CA GLU A 31 -10.15 -4.58 9.12
C GLU A 31 -11.51 -4.07 8.64
N CYS A 32 -11.94 -4.54 7.48
CA CYS A 32 -13.22 -4.13 6.90
C CYS A 32 -14.12 -5.33 6.67
N LEU A 33 -15.25 -5.37 7.36
CA LEU A 33 -16.21 -6.46 7.23
C LEU A 33 -16.76 -6.53 5.82
N LYS A 34 -16.94 -5.37 5.20
CA LYS A 34 -17.46 -5.29 3.83
C LYS A 34 -16.48 -5.88 2.84
N LEU A 35 -16.66 -7.17 2.53
CA LEU A 35 -15.78 -7.85 1.59
C LEU A 35 -16.25 -7.63 0.15
N GLY A 36 -15.92 -6.48 -0.41
CA GLY A 36 -16.30 -6.17 -1.77
C GLY A 36 -16.54 -4.69 -1.99
N ASP A 37 -17.80 -4.27 -1.90
CA ASP A 37 -18.16 -2.88 -2.09
C ASP A 37 -17.60 -2.02 -0.96
N ASN A 38 -16.70 -1.11 -1.31
CA ASN A 38 -16.08 -0.22 -0.32
C ASN A 38 -15.36 0.93 -1.00
N ASP A 39 -15.26 2.06 -0.30
CA ASP A 39 -14.58 3.23 -0.84
C ASP A 39 -13.30 3.52 -0.06
N TYR A 40 -13.26 3.08 1.19
CA TYR A 40 -12.11 3.29 2.05
C TYR A 40 -10.83 2.81 1.36
N CYS A 41 -10.97 1.81 0.51
CA CYS A 41 -9.83 1.25 -0.22
C CYS A 41 -9.64 1.95 -1.55
N LEU A 42 -10.71 2.53 -2.08
CA LEU A 42 -10.66 3.24 -3.36
C LEU A 42 -10.49 4.73 -3.14
N ARG A 43 -10.09 5.11 -1.92
CA ARG A 43 -9.90 6.52 -1.59
C ARG A 43 -8.47 6.77 -1.11
N GLU A 44 -7.89 5.78 -0.44
CA GLU A 44 -6.53 5.90 0.06
C GLU A 44 -5.53 5.27 -0.91
N CYS A 45 -5.99 4.27 -1.66
CA CYS A 45 -5.14 3.58 -2.62
C CYS A 45 -5.30 4.20 -4.01
N LYS A 46 -5.86 5.40 -4.07
CA LYS A 46 -6.06 6.10 -5.32
C LYS A 46 -5.31 7.43 -5.34
N GLN A 47 -5.18 8.04 -4.18
CA GLN A 47 -4.47 9.32 -4.05
C GLN A 47 -2.97 9.11 -3.94
N GLN A 48 -2.54 8.63 -2.78
CA GLN A 48 -1.13 8.37 -2.53
C GLN A 48 -0.58 7.32 -3.48
N TYR A 49 -1.25 6.16 -3.52
CA TYR A 49 -0.83 5.07 -4.39
C TYR A 49 -1.78 4.94 -5.58
N GLY A 50 -2.00 6.05 -6.27
CA GLY A 50 -2.88 6.04 -7.43
C GLY A 50 -2.30 5.25 -8.59
N LYS A 51 -2.07 5.92 -9.72
CA LYS A 51 -1.52 5.27 -10.90
C LYS A 51 -2.47 4.21 -11.42
N SER A 52 -3.75 4.55 -11.49
CA SER A 52 -4.76 3.62 -11.98
C SER A 52 -4.86 2.39 -11.07
N SER A 53 -4.50 2.57 -9.80
CA SER A 53 -4.54 1.48 -8.83
C SER A 53 -5.99 1.12 -8.49
N GLY A 54 -6.16 -0.06 -7.91
CA GLY A 54 -7.49 -0.51 -7.54
C GLY A 54 -7.47 -1.68 -6.59
N GLY A 55 -7.66 -1.41 -5.30
CA GLY A 55 -7.64 -2.46 -4.30
C GLY A 55 -9.04 -2.85 -3.86
N TYR A 56 -9.12 -3.77 -2.91
CA TYR A 56 -10.41 -4.24 -2.40
C TYR A 56 -10.28 -4.72 -0.95
N CYS A 57 -11.40 -5.15 -0.38
CA CYS A 57 -11.42 -5.63 1.00
C CYS A 57 -11.14 -7.14 1.04
N TYR A 58 -9.87 -7.51 0.97
CA TYR A 58 -9.47 -8.91 1.00
C TYR A 58 -10.06 -9.61 2.21
N ALA A 59 -9.93 -10.94 2.24
CA ALA A 59 -10.46 -11.72 3.35
C ALA A 59 -10.00 -11.17 4.69
N PHE A 60 -8.76 -10.70 4.74
CA PHE A 60 -8.19 -10.14 5.96
C PHE A 60 -8.66 -8.72 6.18
N ALA A 61 -8.17 -7.80 5.35
CA ALA A 61 -8.54 -6.40 5.45
C ALA A 61 -8.28 -5.66 4.14
N CYS A 62 -8.38 -4.33 4.18
CA CYS A 62 -8.15 -3.52 2.99
C CYS A 62 -6.81 -3.86 2.34
N TRP A 63 -6.87 -4.60 1.25
CA TRP A 63 -5.66 -5.00 0.54
C TRP A 63 -5.61 -4.37 -0.85
N CYS A 64 -4.41 -4.00 -1.30
CA CYS A 64 -4.24 -3.39 -2.60
C CYS A 64 -3.46 -4.31 -3.53
N THR A 65 -3.91 -4.40 -4.78
CA THR A 65 -3.26 -5.25 -5.77
C THR A 65 -2.72 -4.42 -6.93
N HIS A 66 -2.29 -3.20 -6.63
CA HIS A 66 -1.74 -2.30 -7.64
C HIS A 66 -0.73 -1.34 -7.03
N LEU A 67 0.26 -1.89 -6.34
CA LEU A 67 1.30 -1.07 -5.71
C LEU A 67 2.65 -1.30 -6.37
N TYR A 68 3.44 -0.24 -6.46
CA TYR A 68 4.76 -0.32 -7.07
C TYR A 68 5.83 -0.67 -6.03
N GLU A 69 7.04 -0.89 -6.51
CA GLU A 69 8.15 -1.24 -5.61
C GLU A 69 8.34 -0.17 -4.55
N GLN A 70 7.94 1.06 -4.86
CA GLN A 70 8.08 2.17 -3.94
C GLN A 70 6.83 2.31 -3.07
N ALA A 71 6.40 1.20 -2.47
CA ALA A 71 5.23 1.20 -1.62
C ALA A 71 5.49 0.43 -0.32
N VAL A 72 5.46 1.15 0.80
CA VAL A 72 5.69 0.54 2.10
C VAL A 72 4.47 -0.24 2.57
N VAL A 73 4.71 -1.27 3.37
CA VAL A 73 3.62 -2.10 3.89
C VAL A 73 3.58 -2.06 5.42
N TRP A 74 2.43 -2.40 5.98
CA TRP A 74 2.25 -2.39 7.42
C TRP A 74 3.35 -3.21 8.11
N PRO A 75 4.26 -2.51 8.80
CA PRO A 75 5.38 -3.14 9.51
C PRO A 75 4.91 -3.94 10.73
N LEU A 76 3.71 -3.65 11.19
CA LEU A 76 3.14 -4.32 12.35
C LEU A 76 1.93 -5.16 11.96
N PRO A 77 2.17 -6.27 11.26
CA PRO A 77 1.11 -7.18 10.80
C PRO A 77 0.46 -7.94 11.96
N ASN A 78 -0.84 -8.12 11.87
CA ASN A 78 -1.59 -8.83 12.91
C ASN A 78 -1.24 -8.29 14.29
N LYS A 79 -1.17 -6.96 14.40
CA LYS A 79 -0.85 -6.32 15.67
C LYS A 79 -1.71 -5.07 15.87
N THR A 80 -1.45 -4.35 16.96
CA THR A 80 -2.19 -3.13 17.26
C THR A 80 -1.34 -1.89 16.97
N CYS A 81 -1.90 -0.99 16.15
CA CYS A 81 -1.19 0.23 15.79
C CYS A 81 -1.11 1.19 16.98
N ASN A 82 -0.07 2.01 17.00
CA ASN A 82 0.12 2.96 18.09
C ASN A 82 -0.06 4.40 17.59
N MET A 1 31.86 15.53 -18.99
CA MET A 1 30.86 16.50 -18.58
C MET A 1 31.29 17.22 -17.30
N ARG A 2 30.74 18.40 -17.08
CA ARG A 2 31.07 19.19 -15.91
C ARG A 2 29.87 19.28 -14.96
N GLY A 3 30.13 19.11 -13.67
CA GLY A 3 29.06 19.18 -12.68
C GLY A 3 29.32 18.27 -11.49
N SER A 4 28.42 18.31 -10.52
CA SER A 4 28.55 17.48 -9.32
C SER A 4 27.18 17.15 -8.73
N HIS A 5 26.82 15.87 -8.76
CA HIS A 5 25.54 15.43 -8.22
C HIS A 5 25.70 14.17 -7.38
N HIS A 6 24.59 13.64 -6.89
CA HIS A 6 24.61 12.45 -6.05
C HIS A 6 25.03 11.23 -6.88
N HIS A 7 25.86 10.37 -6.28
CA HIS A 7 26.33 9.17 -6.95
C HIS A 7 25.71 7.93 -6.34
N HIS A 8 25.74 6.82 -7.09
CA HIS A 8 25.17 5.56 -6.62
C HIS A 8 23.69 5.72 -6.31
N HIS A 9 23.04 6.65 -6.99
CA HIS A 9 21.62 6.91 -6.79
C HIS A 9 20.81 6.43 -8.00
N HIS A 10 20.56 5.13 -8.06
CA HIS A 10 19.80 4.56 -9.17
C HIS A 10 18.62 3.74 -8.65
N GLY A 11 18.93 2.62 -7.99
CA GLY A 11 17.88 1.77 -7.46
C GLY A 11 17.49 0.66 -8.41
N SER A 12 18.03 -0.52 -8.19
CA SER A 12 17.74 -1.67 -9.05
C SER A 12 16.97 -2.74 -8.27
N ILE A 13 16.19 -2.30 -7.29
CA ILE A 13 15.40 -3.23 -6.48
C ILE A 13 13.93 -3.22 -6.91
N GLU A 14 13.47 -4.33 -7.46
CA GLU A 14 12.09 -4.45 -7.91
C GLU A 14 11.13 -4.35 -6.72
N GLY A 15 9.95 -3.77 -6.98
CA GLY A 15 8.97 -3.62 -5.92
C GLY A 15 7.58 -3.33 -6.46
N ARG A 16 7.17 -4.09 -7.48
CA ARG A 16 5.86 -3.90 -8.09
C ARG A 16 4.88 -4.96 -7.60
N LYS A 17 5.00 -5.34 -6.33
CA LYS A 17 4.12 -6.33 -5.73
C LYS A 17 3.06 -5.67 -4.86
N GLU A 18 2.03 -6.44 -4.52
CA GLU A 18 0.94 -5.93 -3.68
C GLU A 18 1.48 -5.42 -2.35
N GLY A 19 0.60 -4.79 -1.57
CA GLY A 19 1.00 -4.25 -0.29
C GLY A 19 -0.13 -3.55 0.43
N TYR A 20 0.21 -2.78 1.46
CA TYR A 20 -0.79 -2.05 2.23
C TYR A 20 -0.74 -0.55 1.91
N LEU A 21 -1.63 0.21 2.54
CA LEU A 21 -1.69 1.65 2.31
C LEU A 21 -1.27 2.40 3.56
N VAL A 22 -0.54 1.73 4.45
CA VAL A 22 -0.06 2.34 5.68
C VAL A 22 0.64 3.66 5.40
N SER A 23 0.29 4.68 6.17
CA SER A 23 0.89 6.01 6.00
C SER A 23 1.71 6.39 7.22
N LYS A 24 2.12 7.64 7.28
CA LYS A 24 2.91 8.15 8.40
C LYS A 24 2.03 8.47 9.59
N SER A 25 1.29 9.56 9.51
CA SER A 25 0.40 9.98 10.58
C SER A 25 -0.74 8.99 10.76
N THR A 26 -1.08 8.28 9.69
CA THR A 26 -2.15 7.30 9.73
C THR A 26 -1.65 5.92 9.30
N GLY A 27 -0.67 5.40 10.04
CA GLY A 27 -0.12 4.09 9.72
C GLY A 27 -0.76 2.98 10.53
N CYS A 28 -2.03 3.16 10.87
CA CYS A 28 -2.76 2.16 11.65
C CYS A 28 -3.58 1.25 10.74
N LYS A 29 -4.29 1.85 9.79
CA LYS A 29 -5.11 1.10 8.85
C LYS A 29 -6.12 0.23 9.59
N TYR A 30 -7.33 0.76 9.78
CA TYR A 30 -8.38 0.03 10.48
C TYR A 30 -9.04 -0.99 9.55
N GLU A 31 -9.32 -2.17 10.08
CA GLU A 31 -9.95 -3.24 9.31
C GLU A 31 -11.21 -2.72 8.62
N CYS A 32 -11.30 -2.96 7.32
CA CYS A 32 -12.45 -2.52 6.54
C CYS A 32 -13.75 -3.00 7.18
N LEU A 33 -14.85 -2.32 6.84
CA LEU A 33 -16.15 -2.67 7.38
C LEU A 33 -16.51 -4.12 7.05
N LYS A 34 -16.79 -4.38 5.78
CA LYS A 34 -17.15 -5.72 5.34
C LYS A 34 -16.61 -5.99 3.94
N LEU A 35 -16.49 -7.27 3.59
CA LEU A 35 -15.99 -7.66 2.28
C LEU A 35 -16.97 -7.28 1.18
N GLY A 36 -16.49 -6.53 0.19
CA GLY A 36 -17.35 -6.11 -0.91
C GLY A 36 -17.96 -4.74 -0.68
N ASP A 37 -18.73 -4.63 0.40
CA ASP A 37 -19.39 -3.37 0.73
C ASP A 37 -18.40 -2.39 1.36
N ASN A 38 -17.40 -1.99 0.57
CA ASN A 38 -16.38 -1.07 1.04
C ASN A 38 -15.42 -0.69 -0.07
N ASP A 39 -15.41 0.59 -0.44
CA ASP A 39 -14.54 1.07 -1.51
C ASP A 39 -13.57 2.12 -0.97
N TYR A 40 -13.27 2.05 0.32
CA TYR A 40 -12.37 3.00 0.95
C TYR A 40 -10.91 2.60 0.72
N CYS A 41 -10.69 1.31 0.49
CA CYS A 41 -9.35 0.79 0.25
C CYS A 41 -8.84 1.22 -1.12
N LEU A 42 -9.76 1.42 -2.04
CA LEU A 42 -9.41 1.83 -3.41
C LEU A 42 -9.05 3.31 -3.45
N ARG A 43 -9.96 4.15 -2.95
CA ARG A 43 -9.73 5.59 -2.94
C ARG A 43 -8.44 5.93 -2.21
N GLU A 44 -8.19 5.25 -1.10
CA GLU A 44 -6.98 5.48 -0.31
C GLU A 44 -5.74 5.02 -1.07
N CYS A 45 -5.93 4.07 -1.99
CA CYS A 45 -4.83 3.55 -2.78
C CYS A 45 -4.75 4.25 -4.13
N LYS A 46 -5.18 5.50 -4.16
CA LYS A 46 -5.15 6.29 -5.39
C LYS A 46 -4.58 7.68 -5.14
N GLN A 47 -5.06 8.32 -4.08
CA GLN A 47 -4.60 9.67 -3.73
C GLN A 47 -3.08 9.68 -3.50
N GLN A 48 -2.59 8.62 -2.86
CA GLN A 48 -1.17 8.51 -2.58
C GLN A 48 -0.39 8.08 -3.82
N TYR A 49 -0.62 6.85 -4.26
CA TYR A 49 0.06 6.31 -5.43
C TYR A 49 -0.70 6.68 -6.71
N GLY A 50 -1.90 6.14 -6.86
CA GLY A 50 -2.70 6.42 -8.03
C GLY A 50 -1.97 6.10 -9.32
N LYS A 51 -1.66 4.82 -9.53
CA LYS A 51 -0.95 4.39 -10.74
C LYS A 51 -1.60 3.13 -11.31
N SER A 52 -2.78 3.28 -11.88
CA SER A 52 -3.49 2.16 -12.47
C SER A 52 -3.61 1.00 -11.48
N SER A 53 -3.67 1.35 -10.20
CA SER A 53 -3.77 0.34 -9.15
C SER A 53 -5.15 0.41 -8.47
N GLY A 54 -5.41 -0.56 -7.60
CA GLY A 54 -6.68 -0.59 -6.90
C GLY A 54 -6.72 -1.66 -5.81
N GLY A 55 -7.39 -1.35 -4.71
CA GLY A 55 -7.47 -2.28 -3.61
C GLY A 55 -8.90 -2.53 -3.16
N TYR A 56 -9.13 -3.61 -2.44
CA TYR A 56 -10.46 -3.96 -1.95
C TYR A 56 -10.39 -4.53 -0.54
N CYS A 57 -11.54 -4.59 0.12
CA CYS A 57 -11.63 -5.11 1.48
C CYS A 57 -11.33 -6.60 1.49
N TYR A 58 -10.05 -6.95 1.67
CA TYR A 58 -9.64 -8.34 1.70
C TYR A 58 -10.09 -9.02 2.99
N ALA A 59 -9.82 -10.31 3.09
CA ALA A 59 -10.21 -11.08 4.28
C ALA A 59 -9.71 -10.40 5.55
N PHE A 60 -8.39 -10.19 5.63
CA PHE A 60 -7.79 -9.55 6.79
C PHE A 60 -8.21 -8.08 6.88
N ALA A 61 -7.64 -7.24 6.02
CA ALA A 61 -7.95 -5.83 6.01
C ALA A 61 -7.76 -5.23 4.62
N CYS A 62 -7.80 -3.91 4.52
CA CYS A 62 -7.64 -3.22 3.25
C CYS A 62 -6.38 -3.71 2.53
N TRP A 63 -6.58 -4.31 1.37
CA TRP A 63 -5.45 -4.82 0.57
C TRP A 63 -5.42 -4.17 -0.81
N CYS A 64 -4.22 -3.90 -1.29
CA CYS A 64 -4.05 -3.28 -2.60
C CYS A 64 -3.01 -4.02 -3.43
N THR A 65 -3.16 -3.99 -4.75
CA THR A 65 -2.23 -4.66 -5.65
C THR A 65 -1.55 -3.66 -6.57
N HIS A 66 -0.47 -4.10 -7.22
CA HIS A 66 0.27 -3.25 -8.13
C HIS A 66 0.74 -1.97 -7.43
N LEU A 67 1.59 -2.13 -6.42
CA LEU A 67 2.10 -0.99 -5.68
C LEU A 67 3.55 -0.71 -6.04
N TYR A 68 3.92 0.56 -6.05
CA TYR A 68 5.28 0.96 -6.38
C TYR A 68 6.29 0.28 -5.45
N GLU A 69 7.57 0.58 -5.67
CA GLU A 69 8.63 -0.01 -4.86
C GLU A 69 8.76 0.72 -3.53
N GLN A 70 8.36 1.99 -3.51
CA GLN A 70 8.43 2.80 -2.30
C GLN A 70 7.24 2.52 -1.39
N ALA A 71 6.15 2.05 -1.98
CA ALA A 71 4.94 1.73 -1.22
C ALA A 71 5.22 0.68 -0.15
N VAL A 72 5.42 1.14 1.08
CA VAL A 72 5.70 0.25 2.19
C VAL A 72 4.44 -0.47 2.65
N VAL A 73 4.59 -1.73 3.04
CA VAL A 73 3.46 -2.53 3.50
C VAL A 73 3.24 -2.34 5.00
N TRP A 74 2.25 -3.05 5.54
CA TRP A 74 1.93 -2.96 6.96
C TRP A 74 2.17 -4.29 7.65
N PRO A 75 3.46 -4.61 7.86
CA PRO A 75 3.87 -5.86 8.52
C PRO A 75 3.53 -5.87 10.00
N LEU A 76 4.43 -5.33 10.82
CA LEU A 76 4.23 -5.27 12.26
C LEU A 76 3.85 -6.65 12.81
N PRO A 77 4.84 -7.54 12.89
CA PRO A 77 4.65 -8.91 13.39
C PRO A 77 4.39 -8.93 14.90
N ASN A 78 4.92 -7.93 15.60
CA ASN A 78 4.74 -7.84 17.04
C ASN A 78 4.72 -6.39 17.50
N LYS A 79 3.63 -5.69 17.15
CA LYS A 79 3.48 -4.29 17.52
C LYS A 79 2.10 -3.77 17.12
N THR A 80 1.61 -2.77 17.84
CA THR A 80 0.31 -2.19 17.56
C THR A 80 0.25 -1.61 16.15
N CYS A 81 -0.86 -0.97 15.82
CA CYS A 81 -1.03 -0.36 14.51
C CYS A 81 -0.49 1.06 14.47
N ASN A 82 -0.45 1.69 15.64
CA ASN A 82 0.05 3.06 15.75
C ASN A 82 1.57 3.10 15.58
N MET A 1 15.31 22.48 -27.26
CA MET A 1 14.04 22.48 -26.53
C MET A 1 13.28 21.18 -26.78
N ARG A 2 13.98 20.05 -26.67
CA ARG A 2 13.38 18.74 -26.89
C ARG A 2 13.23 17.99 -25.58
N GLY A 3 14.11 18.28 -24.62
CA GLY A 3 14.06 17.61 -23.34
C GLY A 3 14.85 16.32 -23.32
N SER A 4 14.66 15.53 -22.27
CA SER A 4 15.36 14.25 -22.14
C SER A 4 14.54 13.27 -21.31
N HIS A 5 14.72 11.98 -21.58
CA HIS A 5 14.00 10.93 -20.87
C HIS A 5 14.90 9.72 -20.63
N HIS A 6 14.56 8.93 -19.61
CA HIS A 6 15.34 7.74 -19.28
C HIS A 6 14.50 6.77 -18.44
N HIS A 7 14.28 5.58 -18.98
CA HIS A 7 13.51 4.57 -18.28
C HIS A 7 14.00 3.16 -18.64
N HIS A 8 13.97 2.26 -17.66
CA HIS A 8 14.42 0.89 -17.87
C HIS A 8 13.88 -0.02 -16.77
N HIS A 9 13.58 -1.27 -17.15
CA HIS A 9 13.07 -2.24 -16.19
C HIS A 9 13.42 -3.66 -16.62
N HIS A 10 13.80 -4.49 -15.65
CA HIS A 10 14.15 -5.88 -15.94
C HIS A 10 14.43 -6.64 -14.64
N GLY A 11 13.95 -7.88 -14.59
CA GLY A 11 14.14 -8.69 -13.40
C GLY A 11 12.92 -9.55 -13.07
N SER A 12 12.96 -10.21 -11.92
CA SER A 12 11.86 -11.07 -11.51
C SER A 12 10.76 -10.24 -10.82
N ILE A 13 11.17 -9.18 -10.14
CA ILE A 13 10.23 -8.31 -9.45
C ILE A 13 9.26 -7.66 -10.42
N GLU A 14 8.01 -8.12 -10.41
CA GLU A 14 6.99 -7.58 -11.29
C GLU A 14 6.45 -6.25 -10.77
N GLY A 15 5.62 -5.60 -11.58
CA GLY A 15 5.06 -4.32 -11.17
C GLY A 15 3.67 -4.47 -10.59
N ARG A 16 3.43 -5.56 -9.86
CA ARG A 16 2.14 -5.82 -9.25
C ARG A 16 2.30 -6.18 -7.78
N LYS A 17 3.08 -5.39 -7.06
CA LYS A 17 3.31 -5.63 -5.64
C LYS A 17 2.05 -5.38 -4.83
N GLU A 18 1.96 -6.04 -3.68
CA GLU A 18 0.80 -5.89 -2.81
C GLU A 18 1.21 -5.56 -1.38
N GLY A 19 0.30 -4.97 -0.62
CA GLY A 19 0.60 -4.61 0.76
C GLY A 19 -0.55 -3.88 1.43
N TYR A 20 -0.21 -2.90 2.27
CA TYR A 20 -1.22 -2.13 2.98
C TYR A 20 -1.16 -0.66 2.56
N LEU A 21 -2.05 0.15 3.13
CA LEU A 21 -2.10 1.58 2.83
C LEU A 21 -1.32 2.38 3.87
N VAL A 22 -0.46 1.70 4.61
CA VAL A 22 0.35 2.36 5.63
C VAL A 22 1.07 3.57 5.07
N SER A 23 0.71 4.76 5.56
CA SER A 23 1.33 5.99 5.10
C SER A 23 2.37 6.49 6.09
N LYS A 24 2.90 7.68 5.84
CA LYS A 24 3.91 8.27 6.72
C LYS A 24 3.27 9.08 7.82
N SER A 25 2.03 9.53 7.59
CA SER A 25 1.30 10.33 8.57
C SER A 25 0.14 9.53 9.16
N THR A 26 -0.32 8.54 8.41
CA THR A 26 -1.44 7.70 8.85
C THR A 26 -1.16 6.24 8.59
N GLY A 27 -0.14 5.69 9.27
CA GLY A 27 0.21 4.30 9.09
C GLY A 27 -0.41 3.40 10.16
N CYS A 28 -1.72 3.53 10.34
CA CYS A 28 -2.43 2.73 11.33
C CYS A 28 -3.67 2.08 10.73
N LYS A 29 -3.49 0.88 10.18
CA LYS A 29 -4.59 0.16 9.57
C LYS A 29 -5.31 -0.72 10.60
N TYR A 30 -6.63 -0.77 10.52
CA TYR A 30 -7.43 -1.57 11.44
C TYR A 30 -8.22 -2.63 10.68
N GLU A 31 -9.15 -2.18 9.84
CA GLU A 31 -9.99 -3.10 9.06
C GLU A 31 -10.85 -2.32 8.07
N CYS A 32 -11.68 -3.05 7.33
CA CYS A 32 -12.56 -2.45 6.34
C CYS A 32 -14.02 -2.80 6.63
N LEU A 33 -14.92 -2.31 5.77
CA LEU A 33 -16.34 -2.57 5.94
C LEU A 33 -16.64 -4.06 5.81
N LYS A 34 -16.60 -4.57 4.58
CA LYS A 34 -16.87 -5.97 4.33
C LYS A 34 -16.31 -6.40 2.97
N LEU A 35 -15.99 -7.68 2.84
CA LEU A 35 -15.44 -8.21 1.60
C LEU A 35 -16.39 -7.93 0.43
N GLY A 36 -16.00 -7.02 -0.44
CA GLY A 36 -16.82 -6.68 -1.59
C GLY A 36 -17.18 -5.21 -1.62
N ASP A 37 -18.31 -4.87 -1.01
CA ASP A 37 -18.78 -3.49 -0.97
C ASP A 37 -17.88 -2.63 -0.09
N ASN A 38 -16.79 -2.14 -0.66
CA ASN A 38 -15.85 -1.31 0.08
C ASN A 38 -15.18 -0.28 -0.84
N ASP A 39 -15.20 0.98 -0.44
CA ASP A 39 -14.59 2.05 -1.22
C ASP A 39 -13.42 2.68 -0.47
N TYR A 40 -13.46 2.58 0.85
CA TYR A 40 -12.41 3.15 1.69
C TYR A 40 -11.03 2.61 1.29
N CYS A 41 -11.04 1.41 0.71
CA CYS A 41 -9.79 0.78 0.28
C CYS A 41 -9.40 1.25 -1.13
N LEU A 42 -10.40 1.66 -1.90
CA LEU A 42 -10.16 2.12 -3.27
C LEU A 42 -9.96 3.63 -3.29
N ARG A 43 -9.94 4.25 -2.11
CA ARG A 43 -9.75 5.69 -2.00
C ARG A 43 -8.50 6.01 -1.19
N GLU A 44 -8.20 5.16 -0.22
CA GLU A 44 -7.03 5.36 0.63
C GLU A 44 -5.74 5.04 -0.13
N CYS A 45 -5.73 3.89 -0.78
CA CYS A 45 -4.56 3.46 -1.56
C CYS A 45 -4.23 4.47 -2.65
N LYS A 46 -5.22 5.28 -3.02
CA LYS A 46 -5.04 6.29 -4.05
C LYS A 46 -4.70 7.65 -3.43
N GLN A 47 -4.07 7.62 -2.26
CA GLN A 47 -3.70 8.85 -1.58
C GLN A 47 -2.20 9.13 -1.72
N GLN A 48 -1.39 8.36 -0.99
CA GLN A 48 0.06 8.52 -1.05
C GLN A 48 0.58 8.27 -2.46
N TYR A 49 -0.17 7.51 -3.24
CA TYR A 49 0.21 7.20 -4.61
C TYR A 49 -0.80 7.74 -5.61
N GLY A 50 -1.99 7.15 -5.60
CA GLY A 50 -3.03 7.60 -6.52
C GLY A 50 -2.55 7.68 -7.95
N LYS A 51 -2.31 6.51 -8.55
CA LYS A 51 -1.84 6.46 -9.94
C LYS A 51 -2.36 5.21 -10.63
N SER A 52 -1.75 4.07 -10.30
CA SER A 52 -2.16 2.79 -10.90
C SER A 52 -2.52 1.78 -9.83
N SER A 53 -2.88 2.28 -8.65
CA SER A 53 -3.24 1.41 -7.53
C SER A 53 -4.69 0.95 -7.65
N GLY A 54 -5.12 0.12 -6.71
CA GLY A 54 -6.48 -0.38 -6.73
C GLY A 54 -6.62 -1.72 -6.03
N GLY A 55 -7.03 -1.68 -4.76
CA GLY A 55 -7.19 -2.91 -4.00
C GLY A 55 -8.63 -3.16 -3.60
N TYR A 56 -8.83 -4.01 -2.61
CA TYR A 56 -10.17 -4.35 -2.14
C TYR A 56 -10.16 -4.69 -0.64
N CYS A 57 -11.33 -4.95 -0.10
CA CYS A 57 -11.46 -5.29 1.31
C CYS A 57 -11.22 -6.78 1.53
N TYR A 58 -9.97 -7.14 1.80
CA TYR A 58 -9.60 -8.54 2.03
C TYR A 58 -10.17 -9.03 3.35
N ALA A 59 -10.02 -10.34 3.60
CA ALA A 59 -10.51 -10.94 4.82
C ALA A 59 -10.02 -10.18 6.05
N PHE A 60 -8.71 -10.00 6.14
CA PHE A 60 -8.10 -9.29 7.27
C PHE A 60 -8.47 -7.82 7.24
N ALA A 61 -7.97 -7.10 6.24
CA ALA A 61 -8.26 -5.67 6.11
C ALA A 61 -7.97 -5.19 4.69
N CYS A 62 -8.01 -3.88 4.49
CA CYS A 62 -7.75 -3.28 3.19
C CYS A 62 -6.44 -3.79 2.61
N TRP A 63 -6.53 -4.63 1.58
CA TRP A 63 -5.35 -5.20 0.94
C TRP A 63 -5.18 -4.62 -0.47
N CYS A 64 -4.08 -3.89 -0.66
CA CYS A 64 -3.79 -3.29 -1.97
C CYS A 64 -3.12 -4.30 -2.89
N THR A 65 -3.79 -4.59 -4.01
CA THR A 65 -3.26 -5.53 -4.99
C THR A 65 -2.49 -4.82 -6.10
N HIS A 66 -1.91 -3.66 -5.75
CA HIS A 66 -1.14 -2.89 -6.71
C HIS A 66 -0.46 -1.70 -6.03
N LEU A 67 0.77 -1.90 -5.59
CA LEU A 67 1.52 -0.85 -4.92
C LEU A 67 2.56 -0.24 -5.85
N TYR A 68 3.38 0.65 -5.32
CA TYR A 68 4.41 1.32 -6.11
C TYR A 68 5.81 0.88 -5.64
N GLU A 69 6.82 1.33 -6.37
CA GLU A 69 8.21 1.00 -6.03
C GLU A 69 8.61 1.63 -4.70
N GLN A 70 8.08 2.81 -4.42
CA GLN A 70 8.38 3.51 -3.18
C GLN A 70 7.21 3.42 -2.21
N ALA A 71 6.51 2.29 -2.22
CA ALA A 71 5.38 2.08 -1.34
C ALA A 71 5.79 1.37 -0.06
N VAL A 72 5.07 1.62 1.02
CA VAL A 72 5.37 1.00 2.30
C VAL A 72 4.26 0.06 2.73
N VAL A 73 4.62 -0.98 3.47
CA VAL A 73 3.65 -1.96 3.95
C VAL A 73 3.77 -2.18 5.46
N TRP A 74 2.69 -2.65 6.07
CA TRP A 74 2.69 -2.90 7.51
C TRP A 74 2.70 -4.40 7.80
N PRO A 75 3.91 -4.96 7.96
CA PRO A 75 4.09 -6.38 8.25
C PRO A 75 3.63 -6.76 9.65
N LEU A 76 2.34 -7.01 9.80
CA LEU A 76 1.76 -7.38 11.09
C LEU A 76 0.53 -8.25 10.91
N PRO A 77 0.73 -9.49 10.42
CA PRO A 77 -0.35 -10.44 10.20
C PRO A 77 -0.96 -10.94 11.50
N ASN A 78 -0.31 -10.62 12.62
CA ASN A 78 -0.79 -11.05 13.92
C ASN A 78 -0.72 -9.90 14.92
N LYS A 79 -1.03 -8.70 14.45
CA LYS A 79 -1.01 -7.52 15.31
C LYS A 79 -1.52 -6.29 14.55
N THR A 80 -1.84 -5.23 15.29
CA THR A 80 -2.34 -4.00 14.69
C THR A 80 -1.57 -2.79 15.20
N CYS A 81 -1.75 -1.65 14.54
CA CYS A 81 -1.07 -0.43 14.92
C CYS A 81 -1.28 -0.13 16.40
N ASN A 82 -2.43 -0.54 16.93
CA ASN A 82 -2.76 -0.31 18.33
C ASN A 82 -1.71 -0.94 19.23
#